data_5V8M
#
_entry.id   5V8M
#
loop_
_entity.id
_entity.type
_entity.pdbx_description
1 polymer gp120
2 polymer gp41
3 polymer 'antibody 3BNC117, heavy chain'
4 polymer 'antibody 3BNC117, light chain'
5 branched beta-D-mannopyranose-(1-4)-2-acetamido-2-deoxy-beta-D-glucopyranose-(1-4)-2-acetamido-2-deoxy-beta-D-glucopyranose
6 branched 2-acetamido-2-deoxy-beta-D-glucopyranose-(1-4)-2-acetamido-2-deoxy-beta-D-glucopyranose
7 branched alpha-D-mannopyranose-(1-2)-alpha-D-mannopyranose-(1-3)-[alpha-D-mannopyranose-(1-3)-alpha-D-mannopyranose-(1-6)]beta-D-mannopyranose-(1-4)-2-acetamido-2-deoxy-beta-D-glucopyranose-(1-4)-2-acetamido-2-deoxy-beta-D-glucopyranose
8 branched alpha-D-mannopyranose-(1-2)-alpha-D-mannopyranose-(1-3)-[alpha-D-mannopyranose-(1-3)-[alpha-D-mannopyranose-(1-6)]alpha-D-mannopyranose-(1-6)]beta-D-mannopyranose-(1-4)-2-acetamido-2-deoxy-beta-D-glucopyranose-(1-4)-2-acetamido-2-deoxy-beta-D-glucopyranose
9 branched alpha-D-mannopyranose-(1-3)-alpha-D-mannopyranose-(1-6)-[alpha-D-mannopyranose-(1-3)]beta-D-mannopyranose-(1-4)-2-acetamido-2-deoxy-beta-D-glucopyranose-(1-4)-2-acetamido-2-deoxy-beta-D-glucopyranose
10 branched alpha-D-mannopyranose-(1-6)-beta-D-mannopyranose-(1-4)-2-acetamido-2-deoxy-beta-D-glucopyranose-(1-4)-2-acetamido-2-deoxy-beta-D-glucopyranose
11 non-polymer 2-acetamido-2-deoxy-beta-D-glucopyranose
#
loop_
_entity_poly.entity_id
_entity_poly.type
_entity_poly.pdbx_seq_one_letter_code
_entity_poly.pdbx_strand_id
1 'polypeptide(L)'
;AENLWVTVYYGVPVWKDAETTLFCASDAKAYETEKHNVWATHACVPTDPNPQEIHLENVTEEFNMWKNNMVEQMHTDIIS
LWDQSLKPCVKLTPLCVTLQCTNVTNNITDDMRGELKNCSFNMTTELRDKKQKVYSLFYRLDVVQINENQGNRSNNSNKE
YRLINCNTSAITQACPKVSFEPIPIHYCAPAGFAILKCKDKKFNGTGPCPSVSTVQCTHGIKPVVSTQLLLNGSLAEEEV
MIRSENITNNAKNILVQFNTPVQINCTRPNNNTRKSIRIGPGQAFYATGDIIGDIRQAHCNVSKATWNETLGKVVKQLRK
HFGNNTIIRFANSSGGDLEVTTHSFNCGGEFFYCNTSGLFNSTWISNTSVQGSNSTGSNDSITLPCRIKQIINMWQRIGQ
AMYAPPIQGVIRCVSNITGLILTRDGGSTNSTTETFRPGGGDMRDNWRSELYKYKVVKIEPLGVAPTRCKRRVVGRRRRR
R
;
A,F,G
2 'polypeptide(L)'
;AVGIGAVFLGFLGAAGSTMGAASMTLTVQARNLLSGIVQQQSNLLRAPEAQQHLLKLTVWGIKQLQARVLAVERYLRDQQ
LLGIWGCSGKLICCTNVPWNSSWSNRNLSEIWDNMTWLQWDKEISNYTQIIYGLLEESQNQQEKNEQDLLALD
;
B,I,J
3 'polypeptide(L)'
;QVQLLQSGAAVTKPGASVRVSCEASGYNIRDYFIHWWRQAPGQGLQWVGWINPKTGQPNNPRQFQGRVSLTRHASWDFDT
YSFYMDLKALRSDDTAVYFCARQRSDYWDFDVWGSGTQVTVSSASTKGPSVFPLAPSSKSTSGGTAALGCLVKDYFPEPV
TVSWNSGALTSGVHTFPAVLQSSGLYSLSSVVTVPSSSLGTQTYICNVNHKPSNTKVDKKVEPKSC
;
H,R,S
4 'polypeptide(L)'
;DIQMTQSPSSLSASVGDTVTITCQANGYLNWYQQRRGKAPKLLIYDGSKLERGVPSRFSGRRWGQEYNLTINNLQPEDIA
TYFCQVYEFVVPGTRLDLKRTVAAPSVFIFPPSDEQLKSGTASVVCLLNNFYPREAKVQWKVDNALQSGNSQESVTEQDS
KDSTYSLSSTLTLSKADYEKHKVYACEVTHQGLSSPVTKSFNRGEC
;
L,T,U
#
# COMPACT_ATOMS: atom_id res chain seq x y z
N GLU A 2 -42.37 -6.09 -41.69
CA GLU A 2 -42.64 -4.68 -41.98
C GLU A 2 -42.41 -3.80 -40.79
N ASN A 3 -42.91 -4.22 -39.64
CA ASN A 3 -42.76 -3.44 -38.44
C ASN A 3 -41.32 -3.36 -38.05
N LEU A 4 -40.92 -2.20 -37.58
CA LEU A 4 -39.54 -1.90 -37.27
C LEU A 4 -38.94 -2.75 -36.19
N TRP A 5 -37.65 -2.99 -36.35
CA TRP A 5 -36.93 -3.78 -35.39
C TRP A 5 -35.94 -2.88 -34.71
N VAL A 6 -35.83 -3.00 -33.41
CA VAL A 6 -34.85 -2.17 -32.76
C VAL A 6 -33.51 -2.85 -32.95
N THR A 7 -32.47 -2.11 -33.32
CA THR A 7 -31.21 -2.80 -33.47
C THR A 7 -30.03 -2.08 -32.88
N VAL A 8 -28.97 -2.85 -32.69
CA VAL A 8 -27.74 -2.40 -32.08
C VAL A 8 -26.83 -1.48 -32.88
N TYR A 9 -26.33 -0.48 -32.16
CA TYR A 9 -25.32 0.43 -32.66
C TYR A 9 -24.26 0.60 -31.58
N TYR A 10 -23.06 0.97 -31.99
CA TYR A 10 -22.05 1.14 -30.97
C TYR A 10 -21.14 2.30 -31.30
N GLY A 11 -20.67 2.94 -30.24
CA GLY A 11 -19.84 4.12 -30.30
C GLY A 11 -20.66 5.40 -30.46
N VAL A 12 -21.99 5.32 -30.37
CA VAL A 12 -22.75 6.55 -30.51
C VAL A 12 -22.47 7.38 -29.29
N PRO A 13 -22.32 8.70 -29.40
CA PRO A 13 -22.06 9.48 -28.22
C PRO A 13 -23.25 9.47 -27.29
N VAL A 14 -22.98 9.30 -26.02
CA VAL A 14 -23.93 9.46 -24.93
C VAL A 14 -23.22 10.08 -23.76
N TRP A 15 -23.83 11.04 -23.08
CA TRP A 15 -23.18 11.54 -21.88
C TRP A 15 -23.96 11.21 -20.66
N LYS A 16 -23.27 10.75 -19.63
CA LYS A 16 -23.91 10.58 -18.36
C LYS A 16 -23.12 11.36 -17.34
N ASP A 17 -23.77 12.02 -16.43
CA ASP A 17 -22.94 12.65 -15.42
C ASP A 17 -22.36 11.55 -14.58
N ALA A 18 -21.06 11.61 -14.32
CA ALA A 18 -20.48 10.55 -13.54
C ALA A 18 -19.25 10.99 -12.81
N GLU A 19 -18.88 10.24 -11.78
CA GLU A 19 -17.65 10.55 -11.11
C GLU A 19 -16.70 9.38 -11.12
N THR A 20 -15.47 9.69 -11.44
CA THR A 20 -14.38 8.74 -11.41
C THR A 20 -13.24 9.40 -10.73
N THR A 21 -12.27 8.64 -10.32
CA THR A 21 -11.13 9.28 -9.73
C THR A 21 -10.36 10.00 -10.83
N LEU A 22 -9.97 11.23 -10.58
CA LEU A 22 -9.16 11.98 -11.52
C LEU A 22 -7.76 11.44 -11.67
N PHE A 23 -7.20 11.52 -12.86
CA PHE A 23 -5.84 11.09 -13.05
C PHE A 23 -4.87 12.24 -13.10
N CYS A 24 -3.91 12.27 -12.18
CA CYS A 24 -2.92 13.34 -12.17
C CYS A 24 -1.92 13.29 -13.30
N ALA A 25 -1.61 14.46 -13.83
CA ALA A 25 -0.61 14.57 -14.86
C ALA A 25 0.08 15.93 -14.80
N SER A 26 1.28 16.02 -15.36
CA SER A 26 1.93 17.32 -15.32
C SER A 26 2.86 17.59 -16.48
N ASP A 27 3.20 18.86 -16.63
CA ASP A 27 4.21 19.25 -17.58
C ASP A 27 5.55 18.71 -17.10
N ALA A 28 6.35 18.17 -18.01
CA ALA A 28 7.65 17.62 -17.65
C ALA A 28 7.51 16.63 -16.50
N HIS A 36 12.70 18.27 -5.26
CA HIS A 36 11.37 17.70 -5.28
C HIS A 36 10.34 18.70 -4.85
N ASN A 37 9.24 18.72 -5.58
CA ASN A 37 8.14 19.59 -5.22
C ASN A 37 7.03 18.79 -4.61
N VAL A 38 6.50 19.25 -3.48
CA VAL A 38 5.44 18.49 -2.82
C VAL A 38 4.25 18.22 -3.68
N TRP A 39 3.86 19.22 -4.44
CA TRP A 39 2.65 19.13 -5.19
C TRP A 39 2.59 18.11 -6.30
N ALA A 40 3.71 17.82 -6.93
CA ALA A 40 3.69 16.81 -7.97
C ALA A 40 4.50 15.59 -7.61
N THR A 41 5.49 15.81 -6.71
CA THR A 41 6.48 14.83 -6.20
C THR A 41 7.29 14.16 -7.34
N HIS A 42 7.05 14.66 -8.57
CA HIS A 42 7.52 14.18 -9.83
C HIS A 42 6.89 12.80 -10.14
N ALA A 43 5.88 12.39 -9.33
CA ALA A 43 5.22 11.13 -9.53
C ALA A 43 4.09 11.21 -10.54
N CYS A 44 3.61 12.41 -10.83
CA CYS A 44 2.57 12.48 -11.82
C CYS A 44 3.13 12.18 -13.17
N VAL A 45 2.37 11.45 -13.96
CA VAL A 45 2.84 11.12 -15.27
C VAL A 45 2.89 12.38 -16.09
N PRO A 46 3.96 12.62 -16.84
CA PRO A 46 4.16 13.73 -17.73
C PRO A 46 3.15 13.62 -18.83
N THR A 47 2.76 14.73 -19.42
CA THR A 47 1.77 14.59 -20.46
C THR A 47 2.08 15.33 -21.72
N ASP A 48 1.39 14.89 -22.76
CA ASP A 48 1.54 15.40 -24.09
C ASP A 48 1.11 16.85 -24.21
N PRO A 49 1.87 17.67 -24.93
CA PRO A 49 1.61 19.07 -25.27
C PRO A 49 0.63 19.14 -26.42
N ASN A 50 -0.50 18.46 -26.27
CA ASN A 50 -1.52 18.40 -27.28
C ASN A 50 -2.89 18.54 -26.68
N PRO A 51 -3.28 19.75 -26.29
CA PRO A 51 -4.55 20.13 -25.71
C PRO A 51 -5.57 20.17 -26.81
N GLN A 52 -5.90 19.01 -27.36
CA GLN A 52 -6.76 18.99 -28.50
C GLN A 52 -8.20 19.10 -28.11
N GLU A 53 -8.61 20.34 -27.90
CA GLU A 53 -9.98 20.65 -27.64
C GLU A 53 -10.83 20.34 -28.82
N ILE A 54 -12.02 19.84 -28.56
CA ILE A 54 -12.93 19.62 -29.64
C ILE A 54 -14.16 20.44 -29.44
N HIS A 55 -14.38 21.41 -30.30
CA HIS A 55 -15.58 22.19 -30.15
C HIS A 55 -16.76 21.31 -30.44
N LEU A 56 -17.77 21.40 -29.61
CA LEU A 56 -18.92 20.60 -29.85
C LEU A 56 -20.02 21.44 -30.44
N GLU A 57 -20.12 21.38 -31.75
CA GLU A 57 -21.12 22.14 -32.46
C GLU A 57 -22.52 21.74 -32.04
N ASN A 58 -23.41 22.71 -31.95
CA ASN A 58 -24.82 22.49 -31.65
C ASN A 58 -25.09 21.72 -30.37
N VAL A 59 -24.38 21.99 -29.29
CA VAL A 59 -24.73 21.30 -28.05
C VAL A 59 -24.82 22.29 -26.93
N THR A 60 -25.49 21.89 -25.87
CA THR A 60 -25.41 22.67 -24.66
C THR A 60 -25.26 21.70 -23.53
N GLU A 61 -24.74 22.15 -22.41
CA GLU A 61 -24.68 21.26 -21.28
C GLU A 61 -24.83 21.96 -19.97
N GLU A 62 -25.56 21.36 -19.06
CA GLU A 62 -25.65 21.90 -17.71
C GLU A 62 -24.33 21.74 -16.98
N PHE A 63 -23.95 22.76 -16.24
CA PHE A 63 -22.80 22.67 -15.36
C PHE A 63 -23.19 23.23 -14.05
N ASN A 64 -22.99 22.49 -12.98
CA ASN A 64 -23.32 23.10 -11.72
C ASN A 64 -22.14 23.21 -10.84
N MET A 65 -21.78 24.45 -10.60
CA MET A 65 -20.74 24.77 -9.69
C MET A 65 -21.19 24.37 -8.34
N TRP A 66 -20.25 24.01 -7.51
CA TRP A 66 -20.47 23.54 -6.15
C TRP A 66 -21.13 22.17 -6.11
N LYS A 67 -21.31 21.53 -7.27
CA LYS A 67 -21.85 20.20 -7.28
C LYS A 67 -20.83 19.19 -7.76
N ASN A 68 -19.82 19.70 -8.46
CA ASN A 68 -18.80 18.83 -9.01
C ASN A 68 -17.95 18.26 -7.90
N ASN A 69 -17.68 16.97 -7.94
CA ASN A 69 -16.88 16.40 -6.89
C ASN A 69 -15.41 16.33 -7.24
N MET A 70 -15.04 16.91 -8.37
CA MET A 70 -13.63 17.05 -8.70
C MET A 70 -12.99 17.93 -7.68
N VAL A 71 -13.79 18.87 -7.18
CA VAL A 71 -13.36 19.79 -6.19
C VAL A 71 -13.01 19.08 -4.93
N GLU A 72 -13.85 18.14 -4.55
CA GLU A 72 -13.58 17.41 -3.35
C GLU A 72 -12.39 16.53 -3.51
N GLN A 73 -12.23 15.94 -4.70
CA GLN A 73 -11.08 15.10 -4.86
C GLN A 73 -9.82 15.89 -4.77
N MET A 74 -9.81 17.08 -5.36
CA MET A 74 -8.64 17.89 -5.26
C MET A 74 -8.36 18.27 -3.85
N HIS A 75 -9.42 18.56 -3.11
CA HIS A 75 -9.24 18.95 -1.76
C HIS A 75 -8.62 17.89 -0.92
N THR A 76 -8.93 16.62 -1.18
CA THR A 76 -8.29 15.62 -0.35
C THR A 76 -7.03 15.07 -0.98
N ASP A 77 -6.84 15.31 -2.26
CA ASP A 77 -5.64 14.82 -2.89
C ASP A 77 -4.44 15.56 -2.38
N ILE A 78 -4.60 16.87 -2.27
CA ILE A 78 -3.52 17.68 -1.75
C ILE A 78 -3.22 17.42 -0.32
N ILE A 79 -4.22 17.00 0.43
CA ILE A 79 -3.99 16.73 1.81
C ILE A 79 -3.16 15.52 1.96
N SER A 80 -3.50 14.51 1.16
CA SER A 80 -2.74 13.30 1.21
C SER A 80 -1.31 13.56 0.83
N LEU A 81 -1.08 14.46 -0.12
CA LEU A 81 0.28 14.78 -0.47
C LEU A 81 1.02 15.43 0.62
N TRP A 82 0.33 16.32 1.30
CA TRP A 82 0.97 17.05 2.35
C TRP A 82 1.45 16.15 3.44
N ASP A 83 0.62 15.18 3.78
CA ASP A 83 1.01 14.28 4.81
C ASP A 83 2.08 13.37 4.35
N GLN A 84 2.03 12.99 3.09
CA GLN A 84 3.03 12.13 2.55
C GLN A 84 4.37 12.77 2.59
N SER A 85 4.43 14.07 2.30
CA SER A 85 5.70 14.73 2.36
C SER A 85 6.24 14.81 3.76
N LEU A 86 5.36 14.89 4.74
CA LEU A 86 5.85 14.97 6.10
C LEU A 86 6.07 13.66 6.83
N LYS A 87 5.56 12.55 6.33
CA LYS A 87 5.80 11.34 7.09
C LYS A 87 7.26 10.93 7.26
N PRO A 88 8.14 11.19 6.29
CA PRO A 88 9.59 10.98 6.37
C PRO A 88 10.29 11.87 7.38
N CYS A 89 9.66 12.97 7.71
CA CYS A 89 10.27 14.02 8.49
C CYS A 89 10.35 13.76 10.01
N VAL A 90 11.45 14.24 10.61
CA VAL A 90 11.77 14.14 12.03
C VAL A 90 10.86 14.92 12.97
N LYS A 91 10.49 14.27 14.07
CA LYS A 91 9.64 14.86 15.09
C LYS A 91 10.38 15.92 15.89
N LEU A 92 9.69 16.98 16.27
CA LEU A 92 10.29 18.03 17.07
C LEU A 92 9.93 18.00 18.54
N THR A 93 9.46 16.87 19.06
CA THR A 93 8.94 16.85 20.42
C THR A 93 9.93 17.18 21.56
N PRO A 94 11.26 17.12 21.36
CA PRO A 94 12.26 17.60 22.31
C PRO A 94 12.14 19.09 22.61
N LEU A 95 11.41 19.82 21.78
CA LEU A 95 11.29 21.24 21.94
C LEU A 95 10.24 21.70 22.92
N CYS A 96 9.56 20.78 23.61
CA CYS A 96 8.59 21.22 24.61
C CYS A 96 9.19 21.62 25.95
N VAL A 97 10.53 21.63 26.03
CA VAL A 97 11.24 22.13 27.18
C VAL A 97 10.92 23.61 27.29
N THR A 98 10.69 24.10 28.51
CA THR A 98 10.35 25.50 28.69
C THR A 98 11.51 26.40 28.34
N LEU A 99 11.21 27.64 27.96
CA LEU A 99 12.28 28.53 27.55
C LEU A 99 12.36 29.81 28.35
N GLN A 100 13.59 30.25 28.60
CA GLN A 100 13.78 31.55 29.21
C GLN A 100 13.72 32.53 28.08
N CYS A 101 13.14 33.71 28.27
CA CYS A 101 13.23 34.63 27.16
C CYS A 101 13.37 36.08 27.54
N THR A 102 13.74 36.87 26.53
CA THR A 102 13.71 38.32 26.62
C THR A 102 13.17 38.87 25.32
N ASN A 103 12.68 40.09 25.36
CA ASN A 103 12.30 40.72 24.12
C ASN A 103 13.57 41.10 23.41
N VAL A 104 13.64 40.92 22.10
CA VAL A 104 14.85 41.35 21.43
C VAL A 104 14.89 42.87 21.35
N THR A 105 16.01 43.47 21.75
CA THR A 105 16.15 44.93 21.68
C THR A 105 17.20 45.40 20.67
N ASN A 106 17.79 44.49 19.92
CA ASN A 106 18.86 44.85 19.00
C ASN A 106 18.38 45.41 17.67
N ASN A 107 18.56 46.71 17.46
CA ASN A 107 18.22 47.40 16.22
C ASN A 107 16.77 47.19 15.82
N ILE A 108 15.87 47.33 16.75
CA ILE A 108 14.46 47.11 16.49
C ILE A 108 13.75 48.34 15.97
N THR A 109 13.11 48.26 14.80
CA THR A 109 12.27 49.37 14.37
C THR A 109 11.15 49.50 15.37
N ASP A 110 10.73 50.73 15.67
CA ASP A 110 9.75 50.93 16.73
C ASP A 110 8.46 50.11 16.61
N ASP A 111 7.96 49.89 15.40
CA ASP A 111 6.73 49.12 15.31
C ASP A 111 6.97 47.62 15.30
N MET A 112 8.21 47.20 15.47
CA MET A 112 8.57 45.82 15.60
C MET A 112 8.79 45.45 17.03
N ARG A 113 8.63 46.40 17.96
CA ARG A 113 8.98 46.04 19.31
C ARG A 113 8.12 44.93 19.84
N GLY A 114 8.80 43.99 20.48
CA GLY A 114 8.22 42.85 21.14
C GLY A 114 7.81 41.76 20.16
N GLU A 115 8.14 41.93 18.86
CA GLU A 115 7.77 40.94 17.87
C GLU A 115 8.55 39.66 17.98
N LEU A 116 9.79 39.80 18.41
CA LEU A 116 10.68 38.68 18.52
C LEU A 116 11.19 38.53 19.91
N LYS A 117 11.45 37.30 20.28
CA LYS A 117 12.01 37.03 21.56
C LYS A 117 13.25 36.20 21.37
N ASN A 118 14.20 36.39 22.25
CA ASN A 118 15.39 35.62 22.21
C ASN A 118 15.23 34.65 23.34
N CYS A 119 15.37 33.37 23.07
CA CYS A 119 15.12 32.49 24.18
C CYS A 119 16.07 31.35 24.25
N SER A 120 16.10 30.69 25.39
CA SER A 120 16.99 29.56 25.52
C SER A 120 16.46 28.45 26.38
N PHE A 121 17.06 27.28 26.17
CA PHE A 121 16.64 26.08 26.83
C PHE A 121 17.72 25.02 27.02
N ASN A 122 17.41 24.04 27.86
CA ASN A 122 18.31 22.96 28.29
C ASN A 122 18.20 21.65 27.50
N MET A 123 17.64 21.70 26.30
CA MET A 123 17.38 20.49 25.48
C MET A 123 18.64 19.69 25.11
N THR A 124 18.40 18.39 24.97
CA THR A 124 19.41 17.35 24.77
C THR A 124 20.30 17.41 23.54
N THR A 125 21.50 16.87 23.72
CA THR A 125 22.44 16.65 22.63
C THR A 125 22.00 15.38 21.98
N GLU A 126 22.58 15.04 20.84
CA GLU A 126 22.23 13.75 20.26
C GLU A 126 22.64 12.55 21.12
N LEU A 127 23.54 12.74 22.10
CA LEU A 127 23.89 11.65 22.99
C LEU A 127 22.76 11.40 23.95
N ARG A 128 22.50 10.15 24.28
CA ARG A 128 21.43 9.87 25.21
C ARG A 128 21.65 10.47 26.59
N ASP A 129 22.90 10.50 27.00
CA ASP A 129 23.25 11.01 28.32
C ASP A 129 23.67 12.48 28.41
N LYS A 130 23.52 13.28 27.36
CA LYS A 130 23.99 14.66 27.48
C LYS A 130 23.01 15.71 27.02
N LYS A 131 23.15 16.91 27.59
CA LYS A 131 22.30 18.05 27.27
C LYS A 131 23.11 19.29 26.98
N GLN A 132 22.51 20.22 26.27
CA GLN A 132 23.20 21.45 25.92
C GLN A 132 22.32 22.67 25.97
N LYS A 133 22.90 23.82 26.25
CA LYS A 133 22.09 25.03 26.17
C LYS A 133 21.87 25.36 24.72
N VAL A 134 20.67 25.77 24.39
CA VAL A 134 20.34 26.16 23.03
C VAL A 134 19.58 27.45 22.99
N TYR A 135 19.82 28.29 21.99
CA TYR A 135 18.95 29.44 21.89
C TYR A 135 18.66 29.82 20.45
N SER A 136 17.52 30.49 20.25
CA SER A 136 17.10 30.98 18.94
C SER A 136 16.20 32.17 19.02
N LEU A 137 16.13 32.89 17.93
CA LEU A 137 15.11 33.91 17.83
C LEU A 137 13.78 33.21 17.63
N PHE A 138 12.70 33.78 18.17
CA PHE A 138 11.37 33.24 17.87
C PHE A 138 10.34 34.34 17.68
N TYR A 139 9.36 34.08 16.83
CA TYR A 139 8.25 34.99 16.72
C TYR A 139 7.41 34.85 17.95
N ARG A 140 6.90 35.96 18.46
CA ARG A 140 6.02 35.88 19.62
C ARG A 140 4.77 35.04 19.35
N LEU A 141 4.36 34.94 18.09
CA LEU A 141 3.20 34.17 17.72
C LEU A 141 3.33 32.69 17.98
N ASP A 142 4.55 32.18 18.01
CA ASP A 142 4.72 30.77 18.21
C ASP A 142 4.88 30.34 19.65
N VAL A 143 4.77 31.28 20.59
CA VAL A 143 4.91 30.89 21.98
C VAL A 143 3.84 31.46 22.86
N VAL A 144 3.69 30.83 24.01
CA VAL A 144 2.80 31.35 25.02
C VAL A 144 3.55 31.36 26.32
N GLN A 145 3.10 32.18 27.24
CA GLN A 145 3.80 32.18 28.51
C GLN A 145 3.56 30.86 29.20
N ILE A 146 4.56 30.34 29.90
CA ILE A 146 4.34 29.10 30.62
C ILE A 146 3.35 29.24 31.77
N ASN A 147 3.29 30.43 32.33
CA ASN A 147 2.37 30.83 33.37
C ASN A 147 2.25 32.32 33.25
N GLU A 148 1.39 32.96 34.03
CA GLU A 148 1.38 34.39 33.89
C GLU A 148 2.70 35.01 34.33
N GLU A 160 9.04 33.26 31.10
CA GLU A 160 9.19 31.91 30.58
C GLU A 160 8.07 31.56 29.64
N TYR A 161 8.40 30.77 28.64
CA TYR A 161 7.49 30.43 27.57
C TYR A 161 7.55 28.98 27.17
N ARG A 162 6.54 28.56 26.43
CA ARG A 162 6.50 27.23 25.86
C ARG A 162 5.95 27.35 24.48
N LEU A 163 6.21 26.39 23.63
CA LEU A 163 5.66 26.51 22.32
C LEU A 163 4.17 26.47 22.41
N ILE A 164 3.55 27.28 21.59
CA ILE A 164 2.10 27.39 21.58
C ILE A 164 1.35 26.10 21.33
N ASN A 165 1.95 25.15 20.63
CA ASN A 165 1.28 23.91 20.39
C ASN A 165 1.67 22.74 21.27
N CYS A 166 2.38 22.97 22.37
CA CYS A 166 2.70 21.81 23.22
C CYS A 166 1.49 21.20 23.92
N ASN A 167 0.37 21.92 23.99
CA ASN A 167 -0.84 21.35 24.56
C ASN A 167 -1.79 20.82 23.47
N THR A 168 -1.27 20.69 22.26
CA THR A 168 -1.99 20.25 21.08
C THR A 168 -1.12 19.22 20.42
N SER A 169 -1.59 18.57 19.38
CA SER A 169 -0.76 17.54 18.77
C SER A 169 0.60 18.06 18.39
N ALA A 170 1.57 17.18 18.52
CA ALA A 170 2.97 17.50 18.39
C ALA A 170 3.38 18.10 17.07
N ILE A 171 4.34 18.99 17.19
CA ILE A 171 5.00 19.69 16.11
C ILE A 171 6.08 18.86 15.46
N THR A 172 6.11 18.83 14.14
CA THR A 172 7.23 18.18 13.49
C THR A 172 7.77 18.99 12.33
N GLN A 173 9.04 18.76 11.98
CA GLN A 173 9.58 19.35 10.77
C GLN A 173 10.93 18.81 10.39
N ALA A 174 11.04 18.45 9.15
CA ALA A 174 12.29 18.07 8.54
C ALA A 174 12.06 18.15 7.07
N CYS A 175 13.12 17.95 6.31
CA CYS A 175 13.04 17.86 4.87
C CYS A 175 12.73 19.18 4.20
N PRO A 176 13.34 20.29 4.66
CA PRO A 176 13.15 21.65 4.17
C PRO A 176 13.45 21.79 2.69
N LYS A 177 14.18 20.83 2.14
CA LYS A 177 14.56 20.77 0.76
C LYS A 177 13.41 20.67 -0.21
N VAL A 178 12.30 20.09 0.25
CA VAL A 178 11.16 19.96 -0.63
C VAL A 178 10.58 21.33 -0.91
N SER A 179 10.17 21.59 -2.13
CA SER A 179 9.61 22.89 -2.39
C SER A 179 8.11 22.90 -2.25
N PHE A 180 7.61 23.96 -1.64
CA PHE A 180 6.19 24.13 -1.55
C PHE A 180 5.67 25.09 -2.60
N GLU A 181 6.53 25.53 -3.52
CA GLU A 181 6.05 26.43 -4.53
C GLU A 181 5.06 25.69 -5.37
N PRO A 182 3.98 26.32 -5.78
CA PRO A 182 2.98 25.71 -6.60
C PRO A 182 3.52 25.33 -7.96
N ILE A 183 2.98 24.26 -8.49
CA ILE A 183 3.24 23.80 -9.83
C ILE A 183 1.88 23.46 -10.37
N PRO A 184 1.57 23.74 -11.62
CA PRO A 184 0.29 23.40 -12.16
C PRO A 184 0.11 21.90 -12.13
N ILE A 185 -1.13 21.48 -11.94
CA ILE A 185 -1.48 20.08 -11.91
C ILE A 185 -2.62 19.84 -12.86
N HIS A 186 -2.52 18.80 -13.65
CA HIS A 186 -3.52 18.54 -14.66
C HIS A 186 -4.30 17.32 -14.29
N TYR A 187 -5.56 17.28 -14.67
CA TYR A 187 -6.28 16.07 -14.39
C TYR A 187 -6.87 15.54 -15.63
N CYS A 188 -6.79 14.24 -15.79
CA CYS A 188 -7.27 13.64 -16.99
C CYS A 188 -8.33 12.61 -16.71
N ALA A 189 -9.32 12.61 -17.56
CA ALA A 189 -10.35 11.61 -17.48
C ALA A 189 -9.75 10.23 -17.73
N PRO A 190 -10.27 9.20 -17.08
CA PRO A 190 -10.00 7.80 -17.34
C PRO A 190 -10.50 7.49 -18.73
N ALA A 191 -9.93 6.48 -19.36
CA ALA A 191 -10.39 6.11 -20.68
C ALA A 191 -11.88 5.78 -20.61
N GLY A 192 -12.62 6.08 -21.66
CA GLY A 192 -14.06 5.90 -21.67
C GLY A 192 -14.84 7.05 -20.96
N PHE A 193 -14.13 8.12 -20.58
CA PHE A 193 -14.72 9.28 -19.93
C PHE A 193 -14.16 10.55 -20.53
N ALA A 194 -14.85 11.67 -20.35
CA ALA A 194 -14.34 12.91 -20.90
C ALA A 194 -14.74 14.10 -20.08
N ILE A 195 -13.96 15.17 -20.18
CA ILE A 195 -14.26 16.36 -19.43
C ILE A 195 -14.92 17.44 -20.27
N LEU A 196 -16.18 17.70 -20.02
CA LEU A 196 -16.86 18.76 -20.71
C LEU A 196 -16.45 20.10 -20.13
N LYS A 197 -16.38 21.13 -20.95
CA LYS A 197 -16.10 22.44 -20.39
C LYS A 197 -16.95 23.53 -21.00
N CYS A 198 -17.10 24.62 -20.27
CA CYS A 198 -17.86 25.77 -20.75
C CYS A 198 -16.94 26.95 -20.98
N LYS A 199 -16.99 27.46 -22.20
CA LYS A 199 -16.19 28.60 -22.61
C LYS A 199 -16.93 29.92 -22.52
N ASP A 200 -18.20 29.89 -22.14
CA ASP A 200 -18.96 31.12 -22.13
C ASP A 200 -18.48 32.06 -21.04
N LYS A 201 -18.03 33.23 -21.49
CA LYS A 201 -17.53 34.28 -20.63
C LYS A 201 -18.56 34.84 -19.67
N LYS A 202 -19.83 34.64 -19.99
CA LYS A 202 -20.95 35.08 -19.18
C LYS A 202 -21.47 34.03 -18.22
N PHE A 203 -20.85 32.87 -18.15
CA PHE A 203 -21.46 31.80 -17.39
C PHE A 203 -21.71 32.06 -15.89
N ASN A 204 -22.96 31.79 -15.52
CA ASN A 204 -23.44 31.76 -14.15
C ASN A 204 -22.88 30.53 -13.55
N GLY A 205 -22.57 30.51 -12.28
CA GLY A 205 -22.00 29.29 -11.71
C GLY A 205 -22.83 28.01 -11.95
N THR A 206 -24.13 28.12 -12.23
CA THR A 206 -24.94 26.94 -12.49
C THR A 206 -25.80 27.07 -13.74
N GLY A 207 -26.31 25.92 -14.19
CA GLY A 207 -27.17 25.83 -15.37
C GLY A 207 -26.41 25.55 -16.68
N PRO A 208 -27.14 25.46 -17.80
CA PRO A 208 -26.69 25.16 -19.16
C PRO A 208 -25.72 26.15 -19.75
N CYS A 209 -24.86 25.64 -20.62
CA CYS A 209 -23.93 26.47 -21.35
C CYS A 209 -23.90 26.07 -22.84
N PRO A 210 -24.11 27.01 -23.77
CA PRO A 210 -24.04 26.89 -25.23
C PRO A 210 -22.64 26.76 -25.85
N SER A 211 -21.63 27.15 -25.08
CA SER A 211 -20.24 27.23 -25.55
C SER A 211 -19.46 25.94 -25.45
N VAL A 212 -20.13 24.86 -25.12
CA VAL A 212 -19.45 23.64 -24.77
C VAL A 212 -18.58 23.00 -25.82
N SER A 213 -17.46 22.55 -25.31
CA SER A 213 -16.42 21.88 -26.05
C SER A 213 -15.80 20.90 -25.10
N THR A 214 -15.01 19.96 -25.60
CA THR A 214 -14.44 19.03 -24.64
C THR A 214 -12.99 18.71 -24.79
N VAL A 215 -12.44 18.22 -23.69
CA VAL A 215 -11.08 17.75 -23.61
C VAL A 215 -11.04 16.43 -22.88
N GLN A 216 -10.02 15.62 -23.12
CA GLN A 216 -9.88 14.41 -22.31
C GLN A 216 -9.14 14.70 -21.01
N CYS A 217 -8.54 15.89 -20.93
CA CYS A 217 -7.73 16.27 -19.80
C CYS A 217 -7.77 17.77 -19.63
N THR A 218 -7.19 18.30 -18.54
CA THR A 218 -7.27 19.74 -18.36
C THR A 218 -5.92 20.36 -18.17
N HIS A 219 -5.90 21.67 -18.34
CA HIS A 219 -4.72 22.47 -18.18
C HIS A 219 -4.38 22.51 -16.74
N GLY A 220 -3.12 22.73 -16.45
CA GLY A 220 -2.74 22.68 -15.07
C GLY A 220 -3.35 23.78 -14.26
N ILE A 221 -3.54 23.49 -12.99
CA ILE A 221 -4.04 24.42 -12.01
C ILE A 221 -3.11 24.43 -10.85
N LYS A 222 -2.66 25.59 -10.43
CA LYS A 222 -1.80 25.59 -9.28
C LYS A 222 -2.53 25.27 -7.98
N PRO A 223 -1.86 24.55 -7.07
CA PRO A 223 -2.19 24.18 -5.70
C PRO A 223 -2.20 25.36 -4.74
N VAL A 224 -1.81 26.55 -5.22
CA VAL A 224 -1.63 27.72 -4.38
C VAL A 224 -2.88 28.10 -3.65
N VAL A 225 -2.69 28.52 -2.41
CA VAL A 225 -3.80 28.89 -1.57
C VAL A 225 -3.68 30.26 -0.96
N SER A 226 -4.82 30.79 -0.57
CA SER A 226 -4.92 32.05 0.12
C SER A 226 -6.07 32.01 1.05
N THR A 227 -5.98 32.80 2.10
CA THR A 227 -7.10 32.83 3.01
C THR A 227 -8.12 33.92 2.71
N GLN A 228 -7.80 34.87 1.85
CA GLN A 228 -8.78 35.92 1.60
C GLN A 228 -8.94 36.33 0.15
N LEU A 229 -7.86 36.28 -0.62
CA LEU A 229 -7.90 36.74 -1.99
C LEU A 229 -7.36 35.67 -2.88
N LEU A 230 -7.98 35.45 -4.01
CA LEU A 230 -7.45 34.45 -4.90
C LEU A 230 -6.15 34.93 -5.48
N LEU A 231 -5.21 34.02 -5.64
CA LEU A 231 -3.94 34.39 -6.22
C LEU A 231 -3.59 33.51 -7.40
N ASN A 232 -3.17 34.16 -8.48
CA ASN A 232 -2.70 33.53 -9.69
C ASN A 232 -3.76 32.65 -10.38
N GLY A 233 -5.04 32.96 -10.16
CA GLY A 233 -6.16 32.30 -10.80
C GLY A 233 -6.30 32.73 -12.25
N SER A 234 -7.03 31.97 -13.06
CA SER A 234 -7.28 32.49 -14.39
C SER A 234 -8.18 33.71 -14.27
N LEU A 235 -7.93 34.70 -15.11
CA LEU A 235 -8.74 35.91 -15.16
C LEU A 235 -10.10 35.66 -15.77
N ALA A 236 -11.10 36.41 -15.32
CA ALA A 236 -12.40 36.28 -15.95
C ALA A 236 -12.22 36.67 -17.41
N GLU A 237 -12.94 36.00 -18.29
CA GLU A 237 -12.80 36.26 -19.71
C GLU A 237 -13.28 37.62 -20.19
N GLU A 238 -14.32 38.15 -19.57
CA GLU A 238 -14.85 39.42 -20.04
C GLU A 238 -14.84 40.55 -19.04
N GLU A 239 -15.44 40.27 -17.91
CA GLU A 239 -15.73 41.23 -16.88
C GLU A 239 -15.60 40.60 -15.55
N VAL A 240 -15.49 41.40 -14.51
CA VAL A 240 -15.41 40.84 -13.19
C VAL A 240 -16.70 40.09 -12.94
N MET A 241 -16.63 38.93 -12.31
CA MET A 241 -17.85 38.17 -12.10
C MET A 241 -18.02 37.67 -10.72
N ILE A 242 -19.26 37.47 -10.33
CA ILE A 242 -19.57 37.04 -9.00
C ILE A 242 -20.41 35.78 -8.97
N ARG A 243 -19.98 34.81 -8.17
CA ARG A 243 -20.71 33.56 -8.05
C ARG A 243 -20.96 33.22 -6.58
N SER A 244 -22.06 33.74 -6.06
CA SER A 244 -22.53 33.59 -4.67
C SER A 244 -23.45 32.40 -4.37
N GLU A 245 -23.68 31.51 -5.33
CA GLU A 245 -24.73 30.48 -5.21
C GLU A 245 -26.04 31.20 -5.09
N ASN A 246 -26.95 30.71 -4.26
CA ASN A 246 -28.15 31.47 -4.13
C ASN A 246 -27.83 32.58 -3.17
N ILE A 247 -27.65 33.75 -3.77
CA ILE A 247 -27.23 34.97 -3.10
C ILE A 247 -28.07 35.41 -1.94
N THR A 248 -29.34 35.00 -1.91
CA THR A 248 -30.18 35.42 -0.83
C THR A 248 -29.75 34.81 0.47
N ASN A 249 -29.05 33.68 0.41
CA ASN A 249 -28.55 33.04 1.59
C ASN A 249 -27.21 33.66 1.90
N ASN A 250 -27.12 34.47 2.94
CA ASN A 250 -25.84 35.13 3.12
C ASN A 250 -24.87 34.32 3.91
N ALA A 251 -25.20 33.07 4.25
CA ALA A 251 -24.20 32.24 4.85
C ALA A 251 -23.21 31.78 3.80
N LYS A 252 -23.58 31.91 2.52
CA LYS A 252 -22.73 31.49 1.44
C LYS A 252 -21.57 32.42 1.16
N ASN A 253 -20.45 31.83 0.80
CA ASN A 253 -19.30 32.61 0.39
C ASN A 253 -19.55 33.18 -1.00
N ILE A 254 -19.12 34.42 -1.20
CA ILE A 254 -19.27 35.06 -2.48
C ILE A 254 -18.01 34.97 -3.29
N LEU A 255 -18.03 34.22 -4.38
CA LEU A 255 -16.85 34.24 -5.22
C LEU A 255 -16.73 35.52 -6.00
N VAL A 256 -15.53 36.09 -6.10
CA VAL A 256 -15.34 37.22 -6.99
C VAL A 256 -14.16 36.97 -7.90
N GLN A 257 -14.36 37.06 -9.20
CA GLN A 257 -13.24 36.86 -10.10
C GLN A 257 -12.93 38.11 -10.89
N PHE A 258 -11.71 38.60 -10.75
CA PHE A 258 -11.24 39.75 -11.50
C PHE A 258 -11.10 39.44 -12.96
N ASN A 259 -11.35 40.38 -13.86
CA ASN A 259 -10.98 40.11 -15.24
C ASN A 259 -9.60 40.70 -15.57
N THR A 260 -8.93 41.28 -14.57
CA THR A 260 -7.55 41.74 -14.73
C THR A 260 -6.74 41.32 -13.52
N PRO A 261 -5.42 41.19 -13.62
CA PRO A 261 -4.49 40.95 -12.54
C PRO A 261 -4.34 42.17 -11.68
N VAL A 262 -4.07 41.99 -10.40
CA VAL A 262 -3.62 43.12 -9.61
C VAL A 262 -2.27 42.75 -9.06
N GLN A 263 -1.24 43.47 -9.46
CA GLN A 263 0.07 43.09 -8.97
C GLN A 263 0.21 43.29 -7.49
N ILE A 264 0.90 42.36 -6.85
CA ILE A 264 1.27 42.55 -5.47
C ILE A 264 2.71 42.17 -5.27
N ASN A 265 3.42 43.00 -4.54
CA ASN A 265 4.79 42.72 -4.21
C ASN A 265 4.91 42.53 -2.72
N CYS A 266 5.70 41.57 -2.25
CA CYS A 266 5.88 41.57 -0.82
C CYS A 266 7.29 41.22 -0.44
N THR A 267 7.63 41.55 0.80
CA THR A 267 8.94 41.21 1.29
C THR A 267 9.01 40.75 2.71
N ARG A 268 10.14 40.12 3.00
CA ARG A 268 10.55 39.83 4.36
C ARG A 268 11.91 40.44 4.46
N PRO A 269 11.95 41.75 4.72
CA PRO A 269 13.10 42.65 4.68
C PRO A 269 14.26 42.27 5.58
N ASN A 270 14.02 41.47 6.57
CA ASN A 270 15.06 41.09 7.48
C ASN A 270 16.04 40.13 6.83
N ASN A 271 17.33 40.34 7.06
CA ASN A 271 18.27 39.41 6.47
C ASN A 271 18.38 38.22 7.38
N ASN A 272 17.58 37.23 7.04
CA ASN A 272 17.50 36.01 7.80
C ASN A 272 18.74 35.17 7.76
N THR A 273 19.08 34.58 8.89
CA THR A 273 20.22 33.71 8.96
C THR A 273 19.77 32.42 9.64
N ARG A 274 20.55 31.37 9.49
CA ARG A 274 20.15 30.05 9.98
C ARG A 274 21.16 29.37 10.87
N LYS A 275 20.65 28.59 11.80
CA LYS A 275 21.46 27.81 12.71
C LYS A 275 21.05 26.35 12.61
N SER A 276 21.97 25.44 12.94
CA SER A 276 21.61 24.02 12.91
C SER A 276 21.94 23.36 14.23
N ILE A 277 21.06 22.44 14.61
CA ILE A 277 21.10 21.73 15.88
C ILE A 277 20.98 20.23 15.75
N ARG A 278 21.67 19.47 16.60
CA ARG A 278 21.44 18.04 16.56
C ARG A 278 20.56 17.67 17.73
N ILE A 279 19.42 17.06 17.46
CA ILE A 279 18.53 16.67 18.55
C ILE A 279 18.48 15.16 18.76
N GLY A 280 19.18 14.44 17.91
CA GLY A 280 19.33 13.00 18.00
C GLY A 280 20.22 12.62 16.86
N PRO A 281 20.58 11.35 16.70
CA PRO A 281 21.43 10.98 15.60
C PRO A 281 20.64 11.17 14.35
N GLY A 282 21.25 11.78 13.36
CA GLY A 282 20.63 11.96 12.07
C GLY A 282 19.58 13.06 12.09
N GLN A 283 19.49 13.82 13.18
CA GLN A 283 18.37 14.73 13.28
C GLN A 283 18.74 16.18 13.37
N ALA A 284 18.98 16.77 12.22
CA ALA A 284 19.23 18.20 12.16
C ALA A 284 18.01 18.95 12.63
N PHE A 285 18.22 20.07 13.29
CA PHE A 285 17.13 20.94 13.64
C PHE A 285 17.45 22.38 13.33
N TYR A 286 16.61 22.98 12.54
CA TYR A 286 16.78 24.35 12.14
C TYR A 286 16.45 25.33 13.22
N ALA A 287 17.18 26.43 13.26
CA ALA A 287 16.90 27.46 14.23
C ALA A 287 17.21 28.80 13.64
N THR A 288 16.60 29.85 14.17
CA THR A 288 16.79 31.14 13.55
C THR A 288 18.01 31.86 14.10
N GLY A 289 18.92 32.18 13.19
CA GLY A 289 20.12 32.96 13.47
C GLY A 289 19.77 34.41 13.69
N ASP A 290 20.69 35.16 14.29
CA ASP A 290 20.45 36.58 14.45
C ASP A 290 20.38 37.27 13.09
N ILE A 291 19.41 38.16 12.96
CA ILE A 291 19.19 38.91 11.73
C ILE A 291 20.29 39.88 11.44
N ILE A 292 20.73 39.93 10.19
CA ILE A 292 21.71 40.93 9.83
C ILE A 292 20.99 42.25 9.55
N GLY A 293 21.42 43.30 10.21
CA GLY A 293 20.84 44.63 10.01
C GLY A 293 19.60 44.90 10.88
N ASP A 294 19.01 46.08 10.68
CA ASP A 294 17.84 46.56 11.41
C ASP A 294 16.59 45.73 11.17
N ILE A 295 15.84 45.47 12.24
CA ILE A 295 14.62 44.70 12.12
C ILE A 295 13.48 45.53 11.56
N ARG A 296 12.84 44.99 10.54
CA ARG A 296 11.73 45.66 9.90
C ARG A 296 10.53 44.73 9.68
N GLN A 297 9.34 45.30 9.68
CA GLN A 297 8.14 44.50 9.45
C GLN A 297 8.02 43.99 8.02
N ALA A 298 7.53 42.76 7.86
CA ALA A 298 7.23 42.24 6.54
C ALA A 298 6.13 43.08 5.92
N HIS A 299 6.17 43.27 4.63
CA HIS A 299 5.10 44.08 4.07
C HIS A 299 4.73 43.77 2.64
N CYS A 300 3.56 44.26 2.23
CA CYS A 300 3.12 44.08 0.86
C CYS A 300 2.69 45.36 0.17
N ASN A 301 3.13 45.55 -1.07
CA ASN A 301 2.77 46.71 -1.82
C ASN A 301 1.80 46.40 -2.95
N VAL A 302 0.72 47.18 -3.03
CA VAL A 302 -0.22 47.06 -4.13
C VAL A 302 -0.50 48.41 -4.72
N SER A 303 -0.95 48.48 -5.97
CA SER A 303 -1.32 49.79 -6.47
C SER A 303 -2.56 50.27 -5.77
N LYS A 304 -2.52 51.50 -5.34
CA LYS A 304 -3.65 52.10 -4.70
C LYS A 304 -4.69 52.45 -5.69
N ALA A 305 -4.21 53.03 -6.78
CA ALA A 305 -5.11 53.44 -7.83
C ALA A 305 -5.79 52.28 -8.46
N THR A 306 -5.03 51.20 -8.68
CA THR A 306 -5.63 50.05 -9.29
C THR A 306 -6.63 49.42 -8.38
N TRP A 307 -6.31 49.41 -7.09
CA TRP A 307 -7.24 48.84 -6.15
C TRP A 307 -8.55 49.60 -6.14
N ASN A 308 -8.49 50.91 -6.32
CA ASN A 308 -9.70 51.68 -6.37
C ASN A 308 -10.49 51.37 -7.61
N GLU A 309 -9.79 51.29 -8.74
CA GLU A 309 -10.46 51.00 -9.98
C GLU A 309 -11.12 49.65 -10.01
N THR A 310 -10.42 48.64 -9.51
CA THR A 310 -11.04 47.35 -9.54
C THR A 310 -12.19 47.23 -8.59
N LEU A 311 -12.16 47.98 -7.50
CA LEU A 311 -13.32 47.96 -6.65
C LEU A 311 -14.50 48.57 -7.33
N GLY A 312 -14.26 49.59 -8.16
CA GLY A 312 -15.36 50.15 -8.88
C GLY A 312 -15.94 49.12 -9.83
N LYS A 313 -15.09 48.27 -10.40
CA LYS A 313 -15.64 47.24 -11.24
C LYS A 313 -16.48 46.27 -10.45
N VAL A 314 -16.04 45.97 -9.24
CA VAL A 314 -16.76 45.05 -8.41
C VAL A 314 -18.10 45.53 -7.97
N VAL A 315 -18.18 46.80 -7.56
CA VAL A 315 -19.46 47.27 -7.13
C VAL A 315 -20.45 47.35 -8.26
N LYS A 316 -19.97 47.57 -9.47
CA LYS A 316 -20.89 47.53 -10.58
C LYS A 316 -21.48 46.17 -10.73
N GLN A 317 -20.66 45.15 -10.49
CA GLN A 317 -21.15 43.81 -10.57
C GLN A 317 -22.12 43.50 -9.45
N LEU A 318 -21.85 44.03 -8.26
CA LEU A 318 -22.73 43.77 -7.13
C LEU A 318 -24.11 44.29 -7.36
N ARG A 319 -24.17 45.46 -7.99
CA ARG A 319 -25.43 46.10 -8.27
C ARG A 319 -26.31 45.35 -9.20
N LYS A 320 -25.80 44.34 -9.90
CA LYS A 320 -26.66 43.59 -10.76
C LYS A 320 -27.80 42.90 -9.98
N HIS A 321 -27.60 42.67 -8.68
CA HIS A 321 -28.63 42.06 -7.87
C HIS A 321 -29.39 43.06 -7.02
N PHE A 322 -29.19 44.35 -7.25
CA PHE A 322 -29.77 45.38 -6.41
C PHE A 322 -30.21 46.58 -7.23
N GLY A 323 -30.97 47.49 -6.62
CA GLY A 323 -31.30 48.69 -7.35
C GLY A 323 -29.97 49.42 -7.55
N ASN A 324 -29.84 50.22 -8.58
CA ASN A 324 -28.51 50.74 -8.84
C ASN A 324 -28.16 51.98 -8.04
N ASN A 325 -29.07 52.43 -7.16
CA ASN A 325 -28.73 53.50 -6.26
C ASN A 325 -28.42 52.99 -4.87
N THR A 326 -28.32 51.67 -4.71
CA THR A 326 -28.08 51.11 -3.40
C THR A 326 -26.68 51.37 -2.86
N ILE A 327 -26.58 51.42 -1.54
CA ILE A 327 -25.30 51.62 -0.88
C ILE A 327 -24.52 50.34 -0.71
N ILE A 328 -23.23 50.40 -1.05
CA ILE A 328 -22.35 49.26 -0.91
C ILE A 328 -21.22 49.60 0.03
N ARG A 329 -20.90 48.70 0.93
CA ARG A 329 -19.85 49.01 1.88
C ARG A 329 -18.85 47.89 2.05
N PHE A 330 -17.64 48.27 2.41
CA PHE A 330 -16.62 47.30 2.74
C PHE A 330 -16.23 47.51 4.17
N ALA A 331 -15.62 46.50 4.78
CA ALA A 331 -15.35 46.64 6.19
C ALA A 331 -14.16 45.88 6.69
N ASN A 332 -13.73 46.29 7.87
CA ASN A 332 -12.67 45.67 8.64
C ASN A 332 -13.19 44.31 9.01
N SER A 333 -12.29 43.35 9.06
CA SER A 333 -12.67 42.00 9.35
C SER A 333 -13.37 41.91 10.68
N SER A 334 -14.29 40.97 10.75
CA SER A 334 -15.07 40.72 11.95
C SER A 334 -14.35 39.84 12.96
N GLY A 335 -13.08 39.51 12.68
CA GLY A 335 -12.32 38.69 13.61
C GLY A 335 -12.58 37.22 13.45
N GLY A 336 -12.56 36.49 14.56
CA GLY A 336 -12.57 35.05 14.48
C GLY A 336 -11.12 34.61 14.37
N ASP A 337 -10.89 33.35 14.06
CA ASP A 337 -9.54 32.81 14.03
C ASP A 337 -8.65 33.56 13.06
N LEU A 338 -7.40 33.77 13.46
CA LEU A 338 -6.42 34.50 12.69
C LEU A 338 -6.26 34.03 11.26
N GLU A 339 -6.44 32.73 11.06
CA GLU A 339 -6.27 32.18 9.74
C GLU A 339 -7.27 32.71 8.73
N VAL A 340 -8.39 33.27 9.20
CA VAL A 340 -9.31 33.88 8.28
C VAL A 340 -9.40 35.38 8.54
N THR A 341 -8.98 35.79 9.74
CA THR A 341 -8.97 37.20 10.08
C THR A 341 -8.01 37.96 9.24
N THR A 342 -6.97 37.29 8.78
CA THR A 342 -5.99 37.95 7.95
C THR A 342 -5.71 37.16 6.70
N HIS A 343 -5.12 37.85 5.74
CA HIS A 343 -4.76 37.20 4.52
C HIS A 343 -3.51 36.44 4.72
N SER A 344 -3.45 35.23 4.21
CA SER A 344 -2.21 34.53 4.37
C SER A 344 -1.80 33.76 3.15
N PHE A 345 -0.48 33.62 3.04
CA PHE A 345 0.15 32.94 1.94
C PHE A 345 1.50 32.33 2.30
N ASN A 346 1.91 31.33 1.52
CA ASN A 346 3.21 30.67 1.68
C ASN A 346 4.27 31.09 0.68
N CYS A 347 4.07 32.23 0.02
CA CYS A 347 4.97 32.65 -1.03
C CYS A 347 6.39 32.82 -0.52
N GLY A 348 7.32 32.43 -1.35
CA GLY A 348 8.73 32.48 -0.97
C GLY A 348 9.11 31.31 -0.09
N GLY A 349 8.19 30.36 0.06
CA GLY A 349 8.44 29.19 0.86
C GLY A 349 8.23 29.46 2.34
N GLU A 350 7.68 30.64 2.69
CA GLU A 350 7.45 30.89 4.09
C GLU A 350 6.14 31.60 4.29
N PHE A 351 5.46 31.23 5.35
CA PHE A 351 4.16 31.76 5.66
C PHE A 351 4.15 33.23 6.03
N PHE A 352 3.10 33.92 5.60
CA PHE A 352 2.87 35.30 5.95
C PHE A 352 1.41 35.57 6.22
N TYR A 353 1.15 36.59 7.02
CA TYR A 353 -0.21 37.02 7.30
C TYR A 353 -0.27 38.52 7.15
N CYS A 354 -1.38 39.10 6.72
CA CYS A 354 -1.35 40.56 6.74
C CYS A 354 -2.65 41.22 7.12
N ASN A 355 -2.54 42.48 7.49
CA ASN A 355 -3.73 43.21 7.87
C ASN A 355 -4.27 43.87 6.66
N THR A 356 -5.18 43.18 6.02
CA THR A 356 -5.81 43.66 4.83
C THR A 356 -6.96 44.60 5.07
N SER A 357 -7.34 44.81 6.32
CA SER A 357 -8.52 45.62 6.58
C SER A 357 -8.46 47.01 5.99
N GLY A 358 -7.26 47.57 5.81
CA GLY A 358 -7.16 48.88 5.22
C GLY A 358 -7.69 48.91 3.79
N LEU A 359 -7.62 47.76 3.11
CA LEU A 359 -8.11 47.67 1.76
C LEU A 359 -9.61 47.81 1.67
N PHE A 360 -10.28 47.52 2.78
CA PHE A 360 -11.71 47.56 2.81
C PHE A 360 -12.25 48.81 3.43
N ASN A 361 -11.40 49.81 3.67
CA ASN A 361 -11.90 51.02 4.30
C ASN A 361 -12.55 51.96 3.28
N SER A 362 -13.69 51.55 2.74
CA SER A 362 -14.42 52.38 1.80
C SER A 362 -15.90 52.11 1.81
N THR A 363 -16.66 53.05 1.25
CA THR A 363 -18.07 52.87 1.02
C THR A 363 -18.34 53.33 -0.39
N TRP A 364 -19.45 52.89 -0.97
CA TRP A 364 -19.76 53.27 -2.32
C TRP A 364 -21.18 53.78 -2.43
N ILE A 365 -21.32 54.80 -3.25
CA ILE A 365 -22.57 55.50 -3.44
C ILE A 365 -22.95 55.57 -4.88
N SER A 366 -24.20 55.91 -5.15
CA SER A 366 -24.62 56.11 -6.52
C SER A 366 -23.81 57.28 -7.07
N ASN A 367 -23.52 57.25 -8.35
CA ASN A 367 -22.71 58.30 -8.97
C ASN A 367 -21.39 58.45 -8.24
N ASN A 379 2.59 56.66 -2.70
CA ASN A 379 1.71 57.66 -3.28
C ASN A 379 0.61 56.98 -4.07
N ASP A 380 1.03 56.30 -5.13
CA ASP A 380 0.12 55.56 -5.99
C ASP A 380 -0.06 54.12 -5.50
N SER A 381 0.47 53.80 -4.32
CA SER A 381 0.45 52.45 -3.78
C SER A 381 0.24 52.40 -2.27
N ILE A 382 -0.12 51.21 -1.79
CA ILE A 382 -0.39 50.95 -0.38
C ILE A 382 0.52 49.88 0.16
N THR A 383 1.08 50.10 1.34
CA THR A 383 1.94 49.11 1.96
C THR A 383 1.26 48.44 3.15
N LEU A 384 0.75 47.23 2.97
CA LEU A 384 0.15 46.53 4.09
C LEU A 384 1.18 46.00 5.07
N PRO A 385 0.91 46.07 6.37
CA PRO A 385 1.67 45.47 7.46
C PRO A 385 1.49 43.96 7.40
N CYS A 386 2.48 43.21 7.86
CA CYS A 386 2.35 41.75 7.86
C CYS A 386 2.99 41.07 9.06
N ARG A 387 2.69 39.78 9.22
CA ARG A 387 3.16 38.98 10.34
C ARG A 387 3.64 37.62 9.88
N ILE A 388 4.53 37.03 10.64
CA ILE A 388 5.01 35.69 10.31
C ILE A 388 4.91 34.73 11.49
N LYS A 389 4.34 33.56 11.23
CA LYS A 389 4.25 32.52 12.25
C LYS A 389 4.95 31.26 11.75
N GLN A 390 5.88 30.69 12.54
CA GLN A 390 6.53 29.48 12.06
C GLN A 390 5.80 28.18 12.43
N ILE A 391 4.81 28.20 13.32
CA ILE A 391 4.09 26.95 13.53
C ILE A 391 2.81 26.92 12.74
N ILE A 392 2.77 26.04 11.76
CA ILE A 392 1.63 25.95 10.91
C ILE A 392 0.65 24.85 11.22
N ASN A 393 -0.56 25.23 11.57
CA ASN A 393 -1.61 24.23 11.70
C ASN A 393 -2.38 24.17 10.39
N MET A 394 -2.09 23.19 9.55
CA MET A 394 -2.75 23.14 8.26
C MET A 394 -4.25 22.86 8.25
N TRP A 395 -4.86 23.50 7.29
CA TRP A 395 -6.28 23.43 7.02
C TRP A 395 -7.09 23.62 8.29
N GLN A 396 -8.14 22.85 8.45
CA GLN A 396 -8.93 22.92 9.66
C GLN A 396 -8.51 21.87 10.66
N ARG A 397 -7.57 21.03 10.26
CA ARG A 397 -7.16 19.91 11.10
C ARG A 397 -6.51 20.36 12.38
N ILE A 398 -6.74 19.63 13.46
CA ILE A 398 -6.06 19.93 14.71
C ILE A 398 -5.17 18.78 15.18
N GLY A 399 -5.14 17.69 14.41
CA GLY A 399 -4.33 16.55 14.79
C GLY A 399 -2.87 16.64 14.40
N GLN A 400 -2.50 17.71 13.69
CA GLN A 400 -1.12 17.84 13.24
C GLN A 400 -0.66 19.27 13.28
N ALA A 401 0.65 19.45 13.41
CA ALA A 401 1.22 20.77 13.29
C ALA A 401 2.65 20.65 12.82
N MET A 402 3.14 21.68 12.13
CA MET A 402 4.52 21.58 11.76
C MET A 402 5.26 22.90 11.83
N TYR A 403 6.54 22.78 12.12
CA TYR A 403 7.44 23.91 12.15
C TYR A 403 7.81 24.35 10.77
N ALA A 404 7.85 25.64 10.51
CA ALA A 404 8.37 26.06 9.23
C ALA A 404 9.81 26.47 9.46
N PRO A 405 10.77 25.93 8.73
CA PRO A 405 12.18 26.27 8.78
C PRO A 405 12.39 27.69 8.37
N PRO A 406 13.40 28.34 8.90
CA PRO A 406 13.87 29.65 8.54
C PRO A 406 14.42 29.58 7.13
N ILE A 407 14.34 30.67 6.40
CA ILE A 407 14.93 30.73 5.07
C ILE A 407 15.86 31.90 5.05
N GLN A 408 17.13 31.66 4.79
CA GLN A 408 18.07 32.75 4.85
C GLN A 408 17.86 33.82 3.79
N GLY A 409 18.18 35.05 4.15
CA GLY A 409 18.09 36.21 3.29
C GLY A 409 16.72 36.87 3.31
N VAL A 410 16.60 37.93 2.51
CA VAL A 410 15.36 38.63 2.34
C VAL A 410 14.41 37.90 1.40
N ILE A 411 13.17 37.78 1.81
CA ILE A 411 12.16 37.17 0.94
C ILE A 411 11.56 38.16 0.00
N ARG A 412 11.47 37.83 -1.27
CA ARG A 412 10.72 38.67 -2.19
C ARG A 412 9.63 37.86 -2.82
N CYS A 413 8.48 38.48 -3.02
CA CYS A 413 7.36 37.79 -3.63
C CYS A 413 6.61 38.64 -4.62
N VAL A 414 6.29 38.06 -5.76
CA VAL A 414 5.48 38.76 -6.74
C VAL A 414 4.35 37.86 -7.19
N SER A 415 3.14 38.39 -7.18
CA SER A 415 1.98 37.61 -7.60
C SER A 415 0.90 38.45 -8.21
N ASN A 416 -0.03 37.79 -8.91
CA ASN A 416 -1.16 38.49 -9.44
C ASN A 416 -2.37 38.17 -8.60
N ILE A 417 -3.07 39.18 -8.13
CA ILE A 417 -4.28 38.90 -7.39
C ILE A 417 -5.36 38.74 -8.38
N THR A 418 -6.05 37.61 -8.32
CA THR A 418 -7.07 37.36 -9.30
C THR A 418 -8.50 37.33 -8.80
N GLY A 419 -8.73 37.44 -7.51
CA GLY A 419 -10.12 37.47 -7.05
C GLY A 419 -10.31 37.64 -5.57
N LEU A 420 -11.55 37.67 -5.12
CA LEU A 420 -11.85 37.83 -3.70
C LEU A 420 -12.79 36.79 -3.14
N ILE A 421 -12.55 36.39 -1.89
CA ILE A 421 -13.55 35.59 -1.20
C ILE A 421 -14.29 36.50 -0.25
N LEU A 422 -15.56 36.77 -0.51
CA LEU A 422 -16.31 37.73 0.30
C LEU A 422 -17.54 37.18 0.98
N THR A 423 -17.97 37.85 2.03
CA THR A 423 -19.21 37.47 2.66
C THR A 423 -20.05 38.70 2.88
N ARG A 424 -21.34 38.50 3.10
CA ARG A 424 -22.27 39.62 3.28
C ARG A 424 -22.98 39.54 4.60
N ASP A 425 -23.11 40.69 5.26
CA ASP A 425 -23.83 40.71 6.53
C ASP A 425 -25.32 40.49 6.38
N GLY A 426 -25.85 39.62 7.24
CA GLY A 426 -27.28 39.32 7.30
C GLY A 426 -28.10 40.46 7.89
N GLY A 427 -29.42 40.39 7.71
CA GLY A 427 -30.36 41.31 8.36
C GLY A 427 -30.53 42.69 7.71
N SER A 428 -29.98 42.90 6.53
CA SER A 428 -30.13 44.18 5.86
C SER A 428 -31.58 44.45 5.50
N THR A 429 -31.95 45.73 5.41
CA THR A 429 -33.31 46.05 5.00
C THR A 429 -33.35 47.13 3.93
N ASN A 430 -34.49 47.21 3.28
CA ASN A 430 -34.82 48.18 2.24
C ASN A 430 -33.80 48.16 1.12
N SER A 431 -33.34 46.96 0.76
CA SER A 431 -32.37 46.74 -0.30
C SER A 431 -31.15 47.66 -0.26
N THR A 432 -30.74 48.17 0.90
CA THR A 432 -29.61 49.09 0.88
C THR A 432 -28.59 48.89 1.97
N THR A 433 -27.44 49.54 1.77
CA THR A 433 -26.26 49.51 2.65
C THR A 433 -25.71 48.13 2.83
N GLU A 434 -25.74 47.32 1.77
CA GLU A 434 -25.17 46.01 1.87
C GLU A 434 -23.71 46.15 2.15
N THR A 435 -23.15 45.26 2.94
CA THR A 435 -21.74 45.39 3.20
C THR A 435 -21.05 44.07 3.09
N PHE A 436 -19.75 44.16 2.90
CA PHE A 436 -18.98 42.98 2.67
C PHE A 436 -17.67 42.95 3.39
N ARG A 437 -17.22 41.75 3.61
CA ARG A 437 -15.94 41.48 4.23
C ARG A 437 -15.27 40.33 3.57
N PRO A 438 -13.96 40.21 3.70
CA PRO A 438 -13.16 39.08 3.31
C PRO A 438 -13.66 37.96 4.18
N GLY A 439 -13.57 36.73 3.71
CA GLY A 439 -14.19 35.65 4.45
C GLY A 439 -13.93 34.31 3.81
N GLY A 440 -14.61 33.27 4.29
CA GLY A 440 -14.35 31.94 3.77
C GLY A 440 -13.03 31.41 4.29
N GLY A 441 -12.15 31.03 3.38
CA GLY A 441 -10.91 30.38 3.78
C GLY A 441 -11.00 28.86 3.75
N ASP A 442 -12.17 28.30 3.44
CA ASP A 442 -12.16 26.89 3.16
C ASP A 442 -11.48 26.75 1.83
N MET A 443 -10.44 25.94 1.76
CA MET A 443 -9.69 25.78 0.53
C MET A 443 -10.51 25.26 -0.61
N ARG A 444 -11.62 24.59 -0.30
CA ARG A 444 -12.48 24.10 -1.34
C ARG A 444 -12.94 25.17 -2.28
N ASP A 445 -13.11 26.40 -1.79
CA ASP A 445 -13.56 27.43 -2.67
C ASP A 445 -12.46 27.88 -3.60
N ASN A 446 -11.22 27.62 -3.22
CA ASN A 446 -10.16 27.99 -4.09
C ASN A 446 -10.15 27.03 -5.22
N TRP A 447 -10.38 25.75 -4.92
CA TRP A 447 -10.40 24.79 -6.00
C TRP A 447 -11.52 25.09 -6.97
N ARG A 448 -12.64 25.55 -6.43
CA ARG A 448 -13.80 25.88 -7.22
C ARG A 448 -13.57 27.03 -8.15
N SER A 449 -12.73 27.97 -7.74
CA SER A 449 -12.47 29.10 -8.60
C SER A 449 -11.96 28.70 -9.97
N GLU A 450 -11.35 27.52 -10.09
CA GLU A 450 -10.94 27.06 -11.40
C GLU A 450 -11.84 25.96 -11.93
N LEU A 451 -12.21 25.05 -11.06
CA LEU A 451 -12.93 23.86 -11.44
C LEU A 451 -14.35 24.06 -11.90
N TYR A 452 -14.93 25.22 -11.60
CA TYR A 452 -16.28 25.50 -12.05
C TYR A 452 -16.42 25.38 -13.57
N LYS A 453 -15.32 25.54 -14.30
CA LYS A 453 -15.32 25.43 -15.75
C LYS A 453 -15.62 24.03 -16.29
N TYR A 454 -15.55 23.00 -15.44
CA TYR A 454 -15.61 21.65 -15.97
C TYR A 454 -16.55 20.68 -15.29
N LYS A 455 -16.98 19.68 -16.05
CA LYS A 455 -17.67 18.56 -15.44
C LYS A 455 -17.23 17.26 -16.10
N VAL A 456 -17.28 16.18 -15.33
CA VAL A 456 -16.94 14.87 -15.84
C VAL A 456 -18.15 14.09 -16.30
N VAL A 457 -18.06 13.53 -17.50
CA VAL A 457 -19.14 12.68 -17.94
C VAL A 457 -18.62 11.35 -18.39
N LYS A 458 -19.54 10.42 -18.45
CA LYS A 458 -19.26 9.08 -18.86
C LYS A 458 -19.75 8.83 -20.22
N ILE A 459 -18.92 8.23 -21.04
CA ILE A 459 -19.31 7.91 -22.38
C ILE A 459 -20.03 6.60 -22.41
N GLU A 460 -21.23 6.58 -22.95
CA GLU A 460 -21.93 5.31 -23.10
C GLU A 460 -22.14 5.00 -24.58
N PRO A 461 -21.15 4.41 -25.23
CA PRO A 461 -21.11 4.12 -26.66
C PRO A 461 -22.20 3.16 -27.13
N LEU A 462 -22.70 2.34 -26.24
CA LEU A 462 -23.74 1.42 -26.60
C LEU A 462 -25.07 2.10 -26.83
N GLY A 463 -25.81 1.65 -27.84
CA GLY A 463 -27.17 2.11 -27.96
C GLY A 463 -27.90 1.36 -29.05
N VAL A 464 -29.18 1.63 -29.16
CA VAL A 464 -29.99 0.99 -30.17
C VAL A 464 -30.86 1.99 -30.89
N ALA A 465 -31.38 1.64 -32.04
CA ALA A 465 -32.39 2.47 -32.68
C ALA A 465 -33.21 1.61 -33.63
N PRO A 466 -34.44 1.98 -33.94
CA PRO A 466 -35.28 1.25 -34.86
C PRO A 466 -34.72 1.25 -36.27
N THR A 467 -34.93 0.15 -36.96
CA THR A 467 -34.53 -0.02 -38.35
C THR A 467 -35.54 -0.73 -39.20
N ARG A 468 -35.38 -0.59 -40.51
CA ARG A 468 -36.19 -1.34 -41.46
C ARG A 468 -35.61 -2.73 -41.69
N CYS A 469 -34.39 -2.95 -41.21
CA CYS A 469 -33.70 -4.22 -41.28
C CYS A 469 -34.21 -5.28 -40.32
N LYS A 470 -34.22 -6.51 -40.77
CA LYS A 470 -34.46 -7.61 -39.86
C LYS A 470 -33.29 -8.55 -40.10
N ARG A 471 -32.91 -9.32 -39.09
CA ARG A 471 -31.70 -10.10 -39.22
C ARG A 471 -31.72 -11.13 -40.32
N ARG A 472 -30.57 -11.30 -40.94
CA ARG A 472 -30.37 -12.26 -42.00
C ARG A 472 -30.52 -13.71 -41.54
N VAL A 473 -30.99 -14.55 -42.45
CA VAL A 473 -31.13 -15.97 -42.20
C VAL A 473 -29.79 -16.66 -42.05
N VAL A 474 -29.69 -17.57 -41.09
CA VAL A 474 -28.46 -18.31 -40.86
C VAL A 474 -28.09 -19.15 -42.08
N LEU B 9 -12.81 14.81 -38.45
CA LEU B 9 -13.28 15.61 -37.33
C LEU B 9 -12.53 15.22 -36.04
N GLY B 10 -13.25 14.70 -35.06
CA GLY B 10 -12.63 14.28 -33.81
C GLY B 10 -13.65 13.66 -32.90
N PHE B 11 -13.20 13.24 -31.73
CA PHE B 11 -14.05 12.58 -30.78
C PHE B 11 -15.25 13.43 -30.38
N LEU B 12 -16.39 12.78 -30.33
CA LEU B 12 -17.69 13.37 -30.01
C LEU B 12 -18.13 14.46 -30.97
N GLY B 13 -17.57 14.50 -32.19
CA GLY B 13 -18.01 15.51 -33.14
C GLY B 13 -19.47 15.30 -33.55
N ALA B 14 -19.92 14.04 -33.46
CA ALA B 14 -21.27 13.64 -33.80
C ALA B 14 -22.33 14.22 -32.88
N ALA B 15 -21.93 14.78 -31.73
CA ALA B 15 -22.92 15.37 -30.86
C ALA B 15 -23.60 16.58 -31.51
N GLY B 16 -22.98 17.14 -32.56
CA GLY B 16 -23.54 18.26 -33.29
C GLY B 16 -24.50 17.88 -34.42
N SER B 17 -24.83 16.60 -34.55
CA SER B 17 -25.65 16.19 -35.66
C SER B 17 -26.64 15.12 -35.32
N THR B 18 -27.59 14.93 -36.22
CA THR B 18 -28.64 13.96 -36.03
C THR B 18 -28.13 12.55 -36.03
N MET B 19 -28.93 11.67 -35.46
CA MET B 19 -28.55 10.28 -35.29
C MET B 19 -28.05 9.60 -36.53
N GLY B 20 -28.65 9.86 -37.70
CA GLY B 20 -28.13 9.20 -38.87
C GLY B 20 -26.73 9.65 -39.21
N ALA B 21 -26.46 10.94 -39.02
CA ALA B 21 -25.15 11.46 -39.32
C ALA B 21 -24.11 10.98 -38.34
N ALA B 22 -24.57 10.61 -37.13
CA ALA B 22 -23.65 10.15 -36.12
C ALA B 22 -22.96 8.86 -36.49
N SER B 23 -23.56 8.10 -37.41
CA SER B 23 -22.97 6.83 -37.81
C SER B 23 -21.60 6.97 -38.43
N MET B 24 -21.32 8.13 -39.01
CA MET B 24 -20.07 8.35 -39.69
C MET B 24 -18.85 8.32 -38.80
N THR B 25 -19.02 8.59 -37.51
CA THR B 25 -17.89 8.66 -36.61
C THR B 25 -17.77 7.51 -35.69
N LEU B 26 -18.58 6.47 -35.85
CA LEU B 26 -18.60 5.47 -34.81
C LEU B 26 -17.26 4.80 -34.55
N THR B 27 -16.44 4.63 -35.60
CA THR B 27 -15.14 4.04 -35.37
C THR B 27 -14.21 4.96 -34.61
N VAL B 28 -14.46 6.26 -34.70
CA VAL B 28 -13.69 7.23 -33.99
C VAL B 28 -13.99 7.14 -32.54
N GLN B 29 -15.26 7.02 -32.25
CA GLN B 29 -15.71 6.99 -30.90
C GLN B 29 -15.17 5.81 -30.14
N ALA B 30 -15.06 4.68 -30.82
CA ALA B 30 -14.54 3.49 -30.18
C ALA B 30 -13.06 3.61 -29.84
N ARG B 31 -12.36 4.54 -30.47
CA ARG B 31 -10.94 4.66 -30.24
C ARG B 31 -10.57 5.03 -28.85
N ASN B 32 -11.42 5.76 -28.16
CA ASN B 32 -10.98 6.21 -26.86
C ASN B 32 -11.47 5.41 -25.70
N LEU B 33 -12.05 4.24 -25.96
CA LEU B 33 -12.52 3.48 -24.83
C LEU B 33 -11.40 2.97 -23.92
N LEU B 34 -10.27 2.58 -24.51
CA LEU B 34 -9.10 2.14 -23.74
C LEU B 34 -7.91 3.10 -23.78
N SER B 35 -8.00 4.13 -24.62
CA SER B 35 -6.93 5.08 -24.88
C SER B 35 -6.54 6.06 -23.78
N GLY B 36 -5.30 6.52 -23.85
CA GLY B 36 -4.73 7.55 -22.98
C GLY B 36 -4.04 7.04 -21.73
N ILE B 37 -4.10 5.74 -21.51
CA ILE B 37 -3.40 5.12 -20.41
C ILE B 37 -2.31 4.22 -20.98
N VAL B 38 -2.12 4.31 -22.30
CA VAL B 38 -1.17 3.48 -23.02
C VAL B 38 0.29 3.67 -22.59
N GLN B 39 0.65 4.89 -22.20
CA GLN B 39 2.04 5.14 -21.82
C GLN B 39 2.19 5.66 -20.39
N GLN B 40 3.09 5.03 -19.63
CA GLN B 40 3.43 5.46 -18.28
C GLN B 40 4.90 5.19 -18.01
N LEU B 57 4.76 5.47 -5.12
CA LEU B 57 3.87 6.25 -4.29
C LEU B 57 2.47 5.67 -4.30
N THR B 58 1.85 5.57 -3.13
CA THR B 58 0.47 5.12 -3.08
C THR B 58 -0.47 6.16 -3.67
N VAL B 59 -0.17 7.42 -3.40
CA VAL B 59 -0.96 8.51 -3.91
C VAL B 59 -0.80 8.55 -5.40
N TRP B 60 -1.90 8.77 -6.10
CA TRP B 60 -1.92 8.83 -7.55
C TRP B 60 -1.74 7.51 -8.21
N GLY B 61 -0.60 6.85 -8.01
CA GLY B 61 -0.39 5.60 -8.68
C GLY B 61 -1.46 4.58 -8.30
N ILE B 62 -1.97 4.60 -7.07
CA ILE B 62 -3.07 3.68 -6.80
C ILE B 62 -4.31 4.13 -7.53
N LYS B 63 -4.45 5.43 -7.70
CA LYS B 63 -5.59 5.98 -8.39
C LYS B 63 -5.54 5.64 -9.85
N GLN B 64 -4.34 5.66 -10.39
CA GLN B 64 -4.11 5.31 -11.77
C GLN B 64 -4.48 3.90 -12.01
N LEU B 65 -4.08 3.07 -11.07
CA LEU B 65 -4.38 1.68 -11.15
C LEU B 65 -5.86 1.43 -11.14
N GLN B 66 -6.59 2.16 -10.29
CA GLN B 66 -8.02 2.00 -10.26
C GLN B 66 -8.64 2.41 -11.56
N ALA B 67 -8.11 3.48 -12.16
CA ALA B 67 -8.62 3.93 -13.42
C ALA B 67 -8.38 2.92 -14.51
N ARG B 68 -7.22 2.26 -14.46
CA ARG B 68 -6.93 1.28 -15.46
C ARG B 68 -7.88 0.13 -15.39
N VAL B 69 -8.20 -0.27 -14.18
CA VAL B 69 -9.12 -1.35 -13.99
C VAL B 69 -10.50 -1.00 -14.44
N LEU B 70 -10.93 0.21 -14.11
CA LEU B 70 -12.25 0.65 -14.49
C LEU B 70 -12.45 0.68 -15.97
N ALA B 71 -11.46 1.19 -16.69
CA ALA B 71 -11.60 1.27 -18.12
C ALA B 71 -11.73 -0.09 -18.73
N VAL B 72 -10.95 -1.03 -18.22
CA VAL B 72 -11.04 -2.37 -18.73
C VAL B 72 -12.35 -3.02 -18.46
N GLU B 73 -12.84 -2.85 -17.26
CA GLU B 73 -14.08 -3.49 -16.94
C GLU B 73 -15.23 -3.01 -17.75
N ARG B 74 -15.30 -1.71 -17.97
CA ARG B 74 -16.42 -1.22 -18.73
C ARG B 74 -16.36 -1.70 -20.15
N TYR B 75 -15.15 -1.74 -20.68
CA TYR B 75 -14.99 -2.20 -22.03
C TYR B 75 -15.45 -3.61 -22.19
N LEU B 76 -15.09 -4.44 -21.24
CA LEU B 76 -15.48 -5.82 -21.31
C LEU B 76 -16.96 -6.03 -21.18
N ARG B 77 -17.62 -5.20 -20.37
CA ARG B 77 -19.04 -5.40 -20.23
C ARG B 77 -19.76 -5.17 -21.52
N ASP B 78 -19.30 -4.19 -22.28
CA ASP B 78 -19.95 -3.95 -23.54
C ASP B 78 -19.68 -5.06 -24.51
N GLN B 79 -18.45 -5.55 -24.50
CA GLN B 79 -18.11 -6.60 -25.42
C GLN B 79 -18.87 -7.84 -25.11
N GLN B 80 -19.11 -8.08 -23.83
CA GLN B 80 -19.85 -9.22 -23.43
C GLN B 80 -21.25 -9.17 -23.97
N LEU B 81 -21.87 -8.00 -23.89
CA LEU B 81 -23.21 -7.89 -24.39
C LEU B 81 -23.31 -8.07 -25.86
N LEU B 82 -22.32 -7.55 -26.59
CA LEU B 82 -22.36 -7.71 -28.02
C LEU B 82 -22.22 -9.15 -28.41
N GLY B 83 -21.37 -9.88 -27.68
CA GLY B 83 -21.21 -11.28 -27.97
C GLY B 83 -22.49 -12.04 -27.70
N ILE B 84 -23.25 -11.61 -26.70
CA ILE B 84 -24.51 -12.25 -26.43
C ILE B 84 -25.48 -11.99 -27.55
N TRP B 85 -25.50 -10.74 -27.96
CA TRP B 85 -26.39 -10.28 -29.00
C TRP B 85 -26.01 -10.72 -30.40
N GLY B 86 -24.78 -11.22 -30.55
CA GLY B 86 -24.28 -11.68 -31.84
C GLY B 86 -23.82 -10.50 -32.70
N CYS B 87 -23.78 -9.32 -32.09
CA CYS B 87 -23.38 -8.12 -32.76
C CYS B 87 -21.91 -7.81 -32.57
N SER B 88 -21.18 -8.77 -32.02
CA SER B 88 -19.79 -8.57 -31.78
C SER B 88 -19.02 -8.32 -33.05
N GLY B 89 -18.03 -7.46 -32.91
CA GLY B 89 -17.13 -7.10 -33.98
C GLY B 89 -17.77 -6.08 -34.91
N LYS B 90 -18.95 -5.55 -34.55
CA LYS B 90 -19.58 -4.60 -35.44
C LYS B 90 -20.04 -3.36 -34.70
N LEU B 91 -19.96 -2.20 -35.34
CA LEU B 91 -20.51 -1.00 -34.73
C LEU B 91 -21.94 -0.80 -35.14
N ILE B 92 -22.36 -1.54 -36.13
CA ILE B 92 -23.70 -1.52 -36.62
C ILE B 92 -24.14 -2.95 -36.73
N CYS B 93 -25.34 -3.25 -36.31
CA CYS B 93 -25.77 -4.61 -36.39
C CYS B 93 -27.23 -4.65 -36.72
N CYS B 94 -27.70 -5.82 -37.10
CA CYS B 94 -29.09 -6.01 -37.48
C CYS B 94 -29.74 -7.12 -36.74
N THR B 95 -30.27 -6.78 -35.59
CA THR B 95 -31.01 -7.69 -34.76
C THR B 95 -32.31 -8.05 -35.43
N ASN B 96 -32.87 -9.18 -35.04
CA ASN B 96 -34.15 -9.57 -35.57
C ASN B 96 -35.28 -9.24 -34.61
N VAL B 97 -35.00 -8.42 -33.61
CA VAL B 97 -36.02 -8.17 -32.62
C VAL B 97 -36.86 -6.93 -32.91
N PRO B 98 -38.16 -7.10 -33.16
CA PRO B 98 -39.17 -6.08 -33.33
C PRO B 98 -39.30 -5.38 -32.01
N TRP B 99 -39.71 -4.14 -32.02
CA TRP B 99 -39.88 -3.49 -30.72
C TRP B 99 -41.29 -2.99 -30.56
N ASN B 100 -41.72 -2.87 -29.31
CA ASN B 100 -43.09 -2.47 -29.12
C ASN B 100 -43.17 -1.01 -29.37
N SER B 101 -43.95 -0.67 -30.38
CA SER B 101 -44.08 0.69 -30.87
C SER B 101 -44.48 1.69 -29.82
N SER B 102 -45.12 1.27 -28.75
CA SER B 102 -45.51 2.20 -27.71
C SER B 102 -44.32 2.97 -27.11
N TRP B 103 -43.12 2.42 -27.19
CA TRP B 103 -41.96 3.08 -26.63
C TRP B 103 -41.67 4.43 -27.27
N SER B 104 -42.05 4.61 -28.53
CA SER B 104 -41.91 5.89 -29.20
C SER B 104 -42.94 6.03 -30.30
N ASN B 105 -43.38 7.24 -30.58
CA ASN B 105 -44.38 7.39 -31.62
C ASN B 105 -44.02 8.50 -32.56
N ARG B 106 -43.04 8.25 -33.39
CA ARG B 106 -42.58 9.22 -34.34
C ARG B 106 -42.25 8.50 -35.63
N ASN B 107 -42.37 9.17 -36.77
CA ASN B 107 -42.07 8.48 -38.01
C ASN B 107 -40.58 8.23 -38.01
N LEU B 108 -40.18 7.10 -38.54
CA LEU B 108 -38.78 6.73 -38.43
C LEU B 108 -37.83 7.78 -38.98
N SER B 109 -38.16 8.38 -40.13
CA SER B 109 -37.32 9.45 -40.66
C SER B 109 -37.33 10.68 -39.78
N GLU B 110 -38.44 10.87 -39.05
CA GLU B 110 -38.59 11.96 -38.13
C GLU B 110 -37.75 11.76 -36.89
N ILE B 111 -37.19 10.58 -36.72
CA ILE B 111 -36.36 10.36 -35.60
C ILE B 111 -34.91 10.50 -36.00
N TRP B 112 -34.54 9.71 -36.99
CA TRP B 112 -33.19 9.67 -37.46
C TRP B 112 -32.65 10.95 -38.04
N ASP B 113 -33.52 11.76 -38.63
CA ASP B 113 -33.04 12.97 -39.23
C ASP B 113 -33.13 14.24 -38.40
N ASN B 114 -33.55 14.19 -37.15
CA ASN B 114 -33.63 15.48 -36.45
C ASN B 114 -33.18 15.53 -35.00
N MET B 115 -32.40 14.57 -34.51
CA MET B 115 -32.00 14.73 -33.12
C MET B 115 -30.64 14.16 -32.81
N THR B 116 -30.00 14.73 -31.79
CA THR B 116 -28.73 14.20 -31.35
C THR B 116 -29.04 12.84 -30.77
N TRP B 117 -28.17 11.87 -30.98
CA TRP B 117 -28.47 10.54 -30.50
C TRP B 117 -28.76 10.52 -29.03
N LEU B 118 -28.07 11.37 -28.29
CA LEU B 118 -28.28 11.54 -26.88
C LEU B 118 -29.68 12.00 -26.54
N GLN B 119 -30.25 12.87 -27.36
CA GLN B 119 -31.60 13.30 -27.08
C GLN B 119 -32.54 12.14 -27.22
N TRP B 120 -32.29 11.36 -28.26
CA TRP B 120 -33.08 10.17 -28.47
C TRP B 120 -32.92 9.18 -27.36
N ASP B 121 -31.71 9.13 -26.80
CA ASP B 121 -31.42 8.23 -25.71
C ASP B 121 -32.27 8.55 -24.52
N LYS B 122 -32.46 9.83 -24.27
CA LYS B 122 -33.28 10.15 -23.15
C LYS B 122 -34.70 9.64 -23.32
N GLU B 123 -35.22 9.69 -24.55
CA GLU B 123 -36.55 9.15 -24.76
C GLU B 123 -36.65 7.64 -24.55
N ILE B 124 -35.70 6.90 -25.12
CA ILE B 124 -35.67 5.44 -24.97
C ILE B 124 -35.32 4.94 -23.59
N SER B 125 -34.71 5.78 -22.77
CA SER B 125 -34.10 5.35 -21.53
C SER B 125 -34.93 4.52 -20.56
N ASN B 126 -36.25 4.56 -20.61
CA ASN B 126 -36.94 3.70 -19.66
C ASN B 126 -37.33 2.35 -20.22
N TYR B 127 -36.91 2.03 -21.43
CA TYR B 127 -37.23 0.74 -22.00
C TYR B 127 -36.02 -0.13 -22.20
N THR B 128 -34.86 0.38 -21.83
CA THR B 128 -33.64 -0.28 -22.23
C THR B 128 -33.41 -1.66 -21.68
N GLN B 129 -33.97 -1.95 -20.53
CA GLN B 129 -33.71 -3.27 -20.01
C GLN B 129 -34.67 -4.27 -20.57
N ILE B 130 -35.73 -3.77 -21.20
CA ILE B 130 -36.66 -4.66 -21.80
C ILE B 130 -36.00 -5.21 -22.99
N ILE B 131 -35.42 -4.28 -23.71
CA ILE B 131 -34.77 -4.58 -24.94
C ILE B 131 -33.62 -5.50 -24.78
N TYR B 132 -32.83 -5.28 -23.75
CA TYR B 132 -31.68 -6.13 -23.61
C TYR B 132 -32.05 -7.56 -23.34
N GLY B 133 -33.11 -7.78 -22.56
CA GLY B 133 -33.53 -9.15 -22.33
C GLY B 133 -34.04 -9.78 -23.60
N LEU B 134 -34.71 -8.98 -24.42
CA LEU B 134 -35.20 -9.49 -25.67
C LEU B 134 -34.11 -9.88 -26.59
N LEU B 135 -33.05 -9.08 -26.62
CA LEU B 135 -31.98 -9.40 -27.53
C LEU B 135 -31.32 -10.69 -27.17
N GLU B 136 -31.16 -10.91 -25.86
CA GLU B 136 -30.54 -12.12 -25.40
C GLU B 136 -31.27 -13.38 -25.76
N GLU B 137 -32.58 -13.38 -25.57
CA GLU B 137 -33.30 -14.61 -25.82
C GLU B 137 -34.24 -14.63 -26.98
N SER B 138 -35.02 -13.56 -27.16
CA SER B 138 -36.05 -13.60 -28.19
C SER B 138 -35.45 -13.82 -29.54
N GLN B 139 -34.20 -13.40 -29.73
CA GLN B 139 -33.56 -13.75 -30.96
C GLN B 139 -32.32 -14.54 -30.76
N ASN B 140 -31.44 -14.17 -29.85
CA ASN B 140 -30.22 -14.93 -29.85
C ASN B 140 -30.26 -16.31 -29.24
N GLN B 141 -30.93 -16.51 -28.11
CA GLN B 141 -31.02 -17.89 -27.66
C GLN B 141 -31.81 -18.70 -28.63
N GLN B 142 -32.88 -18.11 -29.14
CA GLN B 142 -33.70 -18.80 -30.10
C GLN B 142 -32.98 -19.10 -31.39
N GLU B 143 -32.16 -18.16 -31.83
CA GLU B 143 -31.41 -18.38 -33.04
C GLU B 143 -30.46 -19.49 -32.86
N LYS B 144 -29.82 -19.53 -31.71
CA LYS B 144 -28.87 -20.58 -31.41
C LYS B 144 -29.50 -21.92 -31.36
N ASN B 145 -30.77 -21.96 -30.98
CA ASN B 145 -31.45 -23.23 -30.95
C ASN B 145 -31.63 -23.70 -32.38
N GLU B 146 -32.02 -22.76 -33.23
CA GLU B 146 -32.20 -23.03 -34.63
C GLU B 146 -30.90 -23.33 -35.31
N GLN B 147 -29.83 -22.68 -34.87
CA GLN B 147 -28.52 -22.93 -35.41
C GLN B 147 -28.11 -24.33 -35.13
N ASP B 148 -28.46 -24.81 -33.94
CA ASP B 148 -28.15 -26.16 -33.60
C ASP B 148 -28.93 -27.13 -34.45
N LEU B 149 -30.18 -26.81 -34.72
CA LEU B 149 -30.94 -27.68 -35.58
C LEU B 149 -30.34 -27.75 -36.96
N LEU B 150 -29.84 -26.60 -37.44
CA LEU B 150 -29.15 -26.58 -38.71
C LEU B 150 -27.84 -27.34 -38.64
N ALA B 151 -27.20 -27.30 -37.47
CA ALA B 151 -25.96 -28.02 -37.27
C ALA B 151 -26.18 -29.52 -37.33
N LEU B 152 -27.39 -29.94 -37.05
CA LEU B 152 -27.74 -31.33 -37.11
C LEU B 152 -28.23 -31.78 -38.49
N ASP B 153 -28.18 -30.88 -39.48
CA ASP B 153 -28.62 -31.22 -40.81
C ASP B 153 -27.42 -31.59 -41.68
N GLN C 1 -26.70 12.89 22.59
CA GLN C 1 -27.71 13.92 22.67
C GLN C 1 -27.21 15.21 22.07
N VAL C 2 -27.74 15.56 20.92
CA VAL C 2 -27.35 16.76 20.19
C VAL C 2 -27.60 18.08 20.91
N GLN C 3 -28.47 18.09 21.91
CA GLN C 3 -28.85 19.34 22.55
C GLN C 3 -27.72 20.14 23.15
N LEU C 4 -27.80 21.44 22.92
CA LEU C 4 -26.85 22.40 23.44
C LEU C 4 -26.99 22.66 24.92
N LEU C 5 -25.87 22.82 25.59
CA LEU C 5 -25.89 23.31 26.96
C LEU C 5 -26.31 24.75 26.91
N GLN C 6 -27.10 25.19 27.87
CA GLN C 6 -27.44 26.61 27.93
C GLN C 6 -27.05 27.23 29.26
N SER C 7 -26.28 28.33 29.20
CA SER C 7 -25.90 29.06 30.41
C SER C 7 -27.07 29.73 31.11
N GLY C 8 -26.95 29.93 32.42
CA GLY C 8 -27.96 30.54 33.28
C GLY C 8 -28.21 32.05 33.07
N ALA C 9 -29.39 32.50 33.49
CA ALA C 9 -29.87 33.89 33.46
C ALA C 9 -29.00 34.84 34.26
N ALA C 10 -28.95 36.10 33.83
CA ALA C 10 -28.16 37.08 34.55
C ALA C 10 -28.70 38.48 34.36
N VAL C 11 -28.40 39.36 35.32
CA VAL C 11 -28.80 40.74 35.26
C VAL C 11 -27.70 41.68 35.64
N THR C 12 -27.55 42.77 34.90
CA THR C 12 -26.56 43.79 35.25
C THR C 12 -27.13 45.19 35.14
N LYS C 13 -26.44 46.15 35.74
CA LYS C 13 -26.79 47.56 35.58
C LYS C 13 -26.37 48.01 34.18
N PRO C 14 -27.01 49.03 33.62
CA PRO C 14 -26.79 49.51 32.27
C PRO C 14 -25.35 49.93 32.06
N GLY C 15 -24.90 49.72 30.83
CA GLY C 15 -23.58 50.02 30.35
C GLY C 15 -22.62 48.84 30.59
N ALA C 16 -23.10 47.83 31.30
CA ALA C 16 -22.32 46.63 31.59
C ALA C 16 -21.98 45.82 30.36
N SER C 17 -20.83 45.18 30.40
CA SER C 17 -20.52 44.23 29.37
C SER C 17 -20.87 42.86 29.90
N VAL C 18 -21.48 42.02 29.08
CA VAL C 18 -21.88 40.70 29.57
C VAL C 18 -21.52 39.55 28.66
N ARG C 19 -21.54 38.35 29.22
CA ARG C 19 -21.31 37.15 28.44
C ARG C 19 -22.32 36.05 28.72
N VAL C 20 -22.69 35.33 27.66
CA VAL C 20 -23.56 34.17 27.76
C VAL C 20 -22.92 33.03 27.01
N SER C 21 -23.32 31.80 27.27
CA SER C 21 -22.69 30.70 26.56
C SER C 21 -23.54 29.47 26.32
N CYS C 22 -23.04 28.63 25.42
CA CYS C 22 -23.66 27.34 25.11
C CYS C 22 -22.59 26.30 24.85
N GLU C 23 -22.99 25.02 24.81
CA GLU C 23 -21.99 23.99 24.50
C GLU C 23 -22.52 22.88 23.61
N ALA C 24 -21.71 22.47 22.64
CA ALA C 24 -22.02 21.37 21.73
C ALA C 24 -22.13 20.07 22.49
N SER C 25 -23.01 19.17 22.07
CA SER C 25 -23.07 17.90 22.77
C SER C 25 -22.90 16.64 21.91
N GLY C 26 -23.99 16.20 21.28
CA GLY C 26 -24.03 14.94 20.52
C GLY C 26 -23.59 14.90 19.06
N TYR C 27 -23.05 15.98 18.51
CA TYR C 27 -22.74 15.91 17.09
C TYR C 27 -21.49 16.66 16.72
N ASN C 28 -21.00 16.42 15.52
CA ASN C 28 -19.80 17.10 15.09
C ASN C 28 -20.13 18.50 14.69
N ILE C 29 -19.68 19.42 15.53
CA ILE C 29 -19.96 20.83 15.39
C ILE C 29 -19.47 21.43 14.10
N ARG C 30 -18.44 20.83 13.52
CA ARG C 30 -17.82 21.38 12.36
C ARG C 30 -18.75 21.48 11.18
N ASP C 31 -19.76 20.62 11.15
CA ASP C 31 -20.62 20.63 10.01
C ASP C 31 -21.82 21.56 10.12
N TYR C 32 -21.92 22.36 11.18
CA TYR C 32 -23.10 23.21 11.26
C TYR C 32 -22.84 24.62 11.73
N PHE C 33 -23.50 25.58 11.10
CA PHE C 33 -23.45 26.94 11.60
C PHE C 33 -24.16 27.06 12.91
N ILE C 34 -23.66 27.91 13.78
CA ILE C 34 -24.34 28.19 15.02
C ILE C 34 -24.93 29.57 14.95
N HIS C 35 -26.13 29.72 15.46
CA HIS C 35 -26.79 30.99 15.40
C HIS C 35 -27.28 31.45 16.72
N TRP C 36 -27.38 32.75 16.85
CA TRP C 36 -27.90 33.33 18.04
C TRP C 36 -29.14 34.09 17.70
N TRP C 37 -30.11 33.99 18.59
CA TRP C 37 -31.38 34.66 18.47
C TRP C 37 -31.75 35.33 19.76
N ARG C 38 -32.53 36.40 19.67
CA ARG C 38 -32.97 37.05 20.87
C ARG C 38 -34.40 37.48 20.75
N GLN C 39 -35.12 37.54 21.84
CA GLN C 39 -36.40 38.19 21.68
C GLN C 39 -36.78 38.96 22.91
N ALA C 40 -37.37 40.12 22.70
CA ALA C 40 -37.94 40.85 23.80
C ALA C 40 -39.08 40.00 24.29
N PRO C 41 -39.40 40.02 25.58
CA PRO C 41 -40.54 39.32 26.04
C PRO C 41 -41.72 39.99 25.37
N GLY C 42 -42.73 39.22 25.03
CA GLY C 42 -43.89 39.79 24.38
C GLY C 42 -43.62 40.07 22.89
N GLN C 43 -42.50 39.60 22.35
CA GLN C 43 -42.13 39.92 20.98
C GLN C 43 -41.53 38.77 20.21
N GLY C 44 -41.65 38.86 18.89
CA GLY C 44 -41.12 37.88 17.96
C GLY C 44 -39.59 37.88 17.97
N LEU C 45 -39.02 36.77 17.53
CA LEU C 45 -37.58 36.60 17.51
C LEU C 45 -36.84 37.54 16.60
N GLN C 46 -35.66 37.91 17.04
CA GLN C 46 -34.76 38.71 16.24
C GLN C 46 -33.47 37.97 16.05
N TRP C 47 -33.03 37.84 14.82
CA TRP C 47 -31.76 37.18 14.59
C TRP C 47 -30.64 38.01 15.14
N VAL C 48 -29.68 37.35 15.74
CA VAL C 48 -28.54 38.08 16.25
C VAL C 48 -27.33 37.91 15.39
N GLY C 49 -26.99 36.67 15.09
CA GLY C 49 -25.85 36.44 14.23
C GLY C 49 -25.56 34.96 13.99
N TRP C 50 -24.50 34.69 13.23
CA TRP C 50 -24.03 33.32 13.13
C TRP C 50 -22.54 33.23 13.19
N ILE C 51 -22.07 32.07 13.60
CA ILE C 51 -20.66 31.84 13.65
C ILE C 51 -20.31 30.53 13.00
N ASN C 52 -19.27 30.56 12.17
CA ASN C 52 -18.77 29.33 11.59
C ASN C 52 -17.80 28.77 12.57
N PRO C 53 -18.18 27.73 13.32
CA PRO C 53 -17.40 27.15 14.39
C PRO C 53 -16.06 26.65 13.95
N LYS C 54 -15.90 26.29 12.68
CA LYS C 54 -14.61 25.84 12.27
C LYS C 54 -13.60 26.96 12.27
N THR C 55 -14.07 28.15 11.91
CA THR C 55 -13.17 29.26 11.79
C THR C 55 -13.37 30.32 12.82
N GLY C 56 -14.42 30.19 13.62
CA GLY C 56 -14.65 31.23 14.61
C GLY C 56 -15.27 32.45 13.96
N GLN C 57 -15.74 32.35 12.72
CA GLN C 57 -16.18 33.52 11.96
C GLN C 57 -17.61 34.00 12.19
N PRO C 58 -17.82 35.13 12.88
CA PRO C 58 -19.09 35.82 13.13
C PRO C 58 -19.73 36.47 11.90
N ASN C 59 -21.05 36.58 11.94
CA ASN C 59 -21.81 37.39 10.99
C ASN C 59 -22.92 38.10 11.74
N ASN C 60 -22.90 39.44 11.72
CA ASN C 60 -23.93 40.18 12.45
C ASN C 60 -24.57 41.25 11.59
N PRO C 61 -25.80 41.66 11.91
CA PRO C 61 -26.56 42.74 11.31
C PRO C 61 -25.85 44.04 11.53
N ARG C 62 -26.07 44.98 10.60
CA ARG C 62 -25.51 46.32 10.72
C ARG C 62 -25.91 46.99 12.02
N GLN C 63 -27.09 46.62 12.54
CA GLN C 63 -27.59 47.13 13.79
C GLN C 63 -26.71 46.86 14.97
N PHE C 64 -26.06 45.72 14.97
CA PHE C 64 -25.26 45.35 16.10
C PHE C 64 -23.79 45.55 15.89
N GLN C 65 -23.40 46.24 14.81
CA GLN C 65 -21.98 46.26 14.59
C GLN C 65 -21.28 47.01 15.69
N GLY C 66 -20.19 46.43 16.12
CA GLY C 66 -19.32 47.02 17.11
C GLY C 66 -19.88 46.90 18.51
N ARG C 67 -20.98 46.16 18.70
CA ARG C 67 -21.57 46.04 20.02
C ARG C 67 -21.59 44.62 20.54
N VAL C 68 -21.44 43.69 19.63
CA VAL C 68 -21.51 42.29 20.00
C VAL C 68 -20.39 41.50 19.38
N SER C 69 -19.99 40.45 20.05
CA SER C 69 -19.01 39.57 19.47
C SER C 69 -19.35 38.14 19.74
N LEU C 70 -18.91 37.27 18.86
CA LEU C 70 -19.14 35.86 19.05
C LEU C 70 -17.84 35.14 19.09
N THR C 71 -17.74 34.15 19.96
CA THR C 71 -16.53 33.37 20.00
C THR C 71 -16.86 31.91 20.08
N ARG C 72 -15.86 31.09 19.81
CA ARG C 72 -16.05 29.67 19.92
C ARG C 72 -14.82 29.07 20.55
N HIS C 73 -15.01 27.93 21.17
CA HIS C 73 -13.95 27.28 21.89
C HIS C 73 -14.12 25.78 21.81
N ALA C 74 -13.08 25.05 22.12
CA ALA C 74 -13.19 23.61 22.07
C ALA C 74 -12.35 22.96 23.12
N SER C 75 -12.74 21.75 23.50
CA SER C 75 -11.95 21.00 24.44
C SER C 75 -10.64 20.68 23.82
N TRP C 76 -9.61 20.58 24.62
CA TRP C 76 -8.32 20.21 24.07
C TRP C 76 -8.35 18.82 23.41
N ASP C 77 -9.28 17.94 23.82
CA ASP C 77 -9.43 16.67 23.12
C ASP C 77 -10.49 16.77 22.02
N PHE C 78 -11.02 17.98 21.83
CA PHE C 78 -12.01 18.36 20.85
C PHE C 78 -13.30 17.60 20.91
N ASP C 79 -13.64 17.06 22.08
CA ASP C 79 -14.92 16.39 22.14
C ASP C 79 -16.05 17.28 22.62
N THR C 80 -15.76 18.55 22.92
CA THR C 80 -16.82 19.49 23.24
C THR C 80 -16.52 20.76 22.54
N TYR C 81 -17.52 21.60 22.38
CA TYR C 81 -17.31 22.91 21.78
C TYR C 81 -18.12 23.90 22.54
N SER C 82 -17.69 25.13 22.57
CA SER C 82 -18.45 26.11 23.31
C SER C 82 -18.61 27.34 22.53
N PHE C 83 -19.65 28.08 22.84
CA PHE C 83 -19.87 29.31 22.15
C PHE C 83 -20.20 30.36 23.11
N TYR C 84 -19.83 31.57 22.77
CA TYR C 84 -20.09 32.64 23.67
C TYR C 84 -20.58 33.83 22.93
N MET C 85 -21.38 34.62 23.59
CA MET C 85 -21.75 35.88 23.01
C MET C 85 -21.47 36.97 24.00
N ASP C 86 -20.82 38.02 23.52
CA ASP C 86 -20.46 39.14 24.36
C ASP C 86 -21.14 40.42 23.95
N LEU C 87 -21.58 41.21 24.93
CA LEU C 87 -22.09 42.53 24.60
C LEU C 87 -21.25 43.56 25.30
N LYS C 88 -20.82 44.58 24.57
CA LYS C 88 -19.99 45.61 25.16
C LYS C 88 -20.66 46.51 26.16
N ALA C 89 -21.95 46.73 25.98
CA ALA C 89 -22.69 47.61 26.86
C ALA C 89 -24.13 47.25 26.82
N LEU C 90 -24.85 47.62 27.86
CA LEU C 90 -26.26 47.33 27.88
C LEU C 90 -27.15 48.52 28.09
N ARG C 91 -28.30 48.43 27.46
CA ARG C 91 -29.34 49.42 27.54
C ARG C 91 -30.60 48.65 27.81
N SER C 92 -31.63 49.30 28.33
CA SER C 92 -32.86 48.57 28.63
C SER C 92 -33.44 47.83 27.43
N ASP C 93 -33.15 48.26 26.20
CA ASP C 93 -33.68 47.53 25.06
C ASP C 93 -32.82 46.34 24.69
N ASP C 94 -31.79 46.07 25.47
CA ASP C 94 -31.01 44.88 25.26
C ASP C 94 -31.54 43.73 26.09
N THR C 95 -32.65 43.94 26.83
CA THR C 95 -33.12 42.82 27.58
C THR C 95 -33.80 41.90 26.62
N ALA C 96 -33.46 40.63 26.69
CA ALA C 96 -34.11 39.68 25.82
C ALA C 96 -33.87 38.29 26.31
N VAL C 97 -34.68 37.36 25.84
CA VAL C 97 -34.33 36.00 26.08
C VAL C 97 -33.25 35.72 25.03
N TYR C 98 -32.14 35.11 25.39
CA TYR C 98 -31.12 34.84 24.39
C TYR C 98 -30.86 33.37 24.25
N PHE C 99 -30.68 32.93 23.01
CA PHE C 99 -30.45 31.52 22.74
C PHE C 99 -29.66 31.14 21.51
N CYS C 100 -29.08 29.96 21.61
CA CYS C 100 -28.28 29.34 20.58
C CYS C 100 -29.13 28.43 19.69
N ALA C 101 -28.71 28.25 18.45
CA ALA C 101 -29.42 27.34 17.59
C ALA C 101 -28.50 26.71 16.55
N ARG C 102 -28.91 25.57 16.02
CA ARG C 102 -28.09 24.90 15.02
C ARG C 102 -28.71 24.96 13.65
N GLN C 103 -27.89 25.27 12.65
CA GLN C 103 -28.40 25.30 11.31
C GLN C 103 -28.30 23.95 10.65
N ARG C 104 -29.41 23.24 10.68
CA ARG C 104 -29.54 21.91 10.11
C ARG C 104 -29.29 21.83 8.61
N SER C 105 -29.71 22.86 7.90
CA SER C 105 -29.61 22.87 6.45
C SER C 105 -29.55 24.27 5.96
N ASP C 106 -29.33 24.41 4.66
CA ASP C 106 -29.20 25.70 4.03
C ASP C 106 -30.52 26.44 3.88
N TYR C 107 -31.60 25.89 4.43
CA TYR C 107 -32.84 26.63 4.49
C TYR C 107 -32.90 27.33 5.84
N TRP C 108 -31.80 27.27 6.61
CA TRP C 108 -31.70 27.82 7.93
C TRP C 108 -32.69 27.12 8.81
N ASP C 109 -32.70 25.81 8.69
CA ASP C 109 -33.55 25.00 9.53
C ASP C 109 -32.99 24.98 10.93
N PHE C 110 -33.83 25.19 11.93
CA PHE C 110 -33.33 25.15 13.28
C PHE C 110 -33.89 24.04 14.11
N ASP C 111 -33.32 22.86 13.94
CA ASP C 111 -33.77 21.72 14.71
C ASP C 111 -33.14 21.57 16.10
N VAL C 112 -32.30 22.50 16.49
CA VAL C 112 -31.77 22.49 17.84
C VAL C 112 -31.83 23.86 18.41
N TRP C 113 -32.40 23.99 19.59
CA TRP C 113 -32.40 25.27 20.25
C TRP C 113 -31.94 25.14 21.67
N GLY C 114 -31.19 26.11 22.16
CA GLY C 114 -30.88 26.16 23.57
C GLY C 114 -32.18 26.53 24.26
N SER C 115 -32.33 26.20 25.56
CA SER C 115 -33.54 26.65 26.27
C SER C 115 -33.64 28.16 26.27
N GLY C 116 -32.48 28.76 26.19
CA GLY C 116 -32.27 30.16 26.21
C GLY C 116 -32.06 30.56 27.62
N THR C 117 -31.72 31.82 27.77
CA THR C 117 -31.48 32.43 29.04
C THR C 117 -32.11 33.78 29.09
N GLN C 118 -32.30 34.32 30.27
CA GLN C 118 -32.85 35.65 30.31
C GLN C 118 -31.82 36.65 30.72
N VAL C 119 -31.53 37.57 29.83
CA VAL C 119 -30.65 38.67 30.15
C VAL C 119 -31.44 39.89 30.46
N THR C 120 -31.17 40.51 31.60
CA THR C 120 -31.86 41.74 31.93
C THR C 120 -30.89 42.80 32.37
N VAL C 121 -31.37 44.03 32.36
CA VAL C 121 -30.55 45.18 32.66
C VAL C 121 -31.04 45.92 33.90
N ASP D 1 -34.50 40.98 -2.44
CA ASP D 1 -34.95 41.51 -1.16
C ASP D 1 -36.13 40.69 -0.65
N ILE D 2 -35.84 39.89 0.36
CA ILE D 2 -36.82 39.02 0.95
C ILE D 2 -37.88 39.76 1.72
N GLN D 3 -39.13 39.40 1.49
CA GLN D 3 -40.23 39.98 2.21
C GLN D 3 -41.22 38.89 2.53
N MET D 4 -41.96 39.06 3.62
CA MET D 4 -42.92 38.06 3.99
C MET D 4 -44.15 38.66 4.65
N THR D 5 -45.26 37.95 4.55
CA THR D 5 -46.48 38.36 5.21
C THR D 5 -47.19 37.19 5.86
N GLN D 6 -48.09 37.48 6.78
CA GLN D 6 -48.91 36.41 7.35
C GLN D 6 -50.30 36.93 7.67
N SER D 7 -51.30 36.06 7.57
CA SER D 7 -52.67 36.45 7.94
C SER D 7 -53.31 35.94 9.28
N PRO D 8 -52.71 35.03 10.06
CA PRO D 8 -53.33 34.41 11.23
C PRO D 8 -53.77 35.25 12.41
N SER D 9 -53.17 36.42 12.65
CA SER D 9 -53.59 37.17 13.84
C SER D 9 -53.53 36.21 15.05
N SER D 10 -54.68 35.95 15.65
CA SER D 10 -54.77 34.90 16.65
C SER D 10 -56.07 34.18 16.36
N LEU D 11 -56.19 32.94 16.78
CA LEU D 11 -57.40 32.21 16.45
C LEU D 11 -58.14 31.70 17.66
N SER D 12 -59.46 31.79 17.63
CA SER D 12 -60.35 31.30 18.68
C SER D 12 -60.84 29.86 18.51
N ALA D 13 -60.33 29.12 17.52
CA ALA D 13 -60.93 27.82 17.18
C ALA D 13 -60.97 26.81 18.32
N SER D 14 -62.07 26.06 18.32
CA SER D 14 -62.35 24.99 19.28
C SER D 14 -61.48 23.76 19.08
N VAL D 15 -61.33 22.99 20.14
CA VAL D 15 -60.56 21.78 20.06
C VAL D 15 -61.21 20.76 19.15
N GLY D 16 -60.38 20.14 18.36
CA GLY D 16 -60.73 19.13 17.37
C GLY D 16 -60.99 19.75 16.01
N ASP D 17 -60.99 21.08 15.93
CA ASP D 17 -61.12 21.73 14.65
C ASP D 17 -59.89 21.54 13.81
N THR D 18 -60.05 21.19 12.56
CA THR D 18 -58.88 21.30 11.73
C THR D 18 -58.70 22.79 11.53
N VAL D 19 -57.49 23.29 11.65
CA VAL D 19 -57.30 24.72 11.48
C VAL D 19 -56.19 25.02 10.52
N THR D 20 -56.20 26.22 9.94
CA THR D 20 -55.08 26.56 9.10
C THR D 20 -54.55 27.93 9.39
N ILE D 21 -53.30 28.15 9.00
CA ILE D 21 -52.65 29.43 9.05
C ILE D 21 -51.92 29.65 7.73
N THR D 22 -51.79 30.89 7.28
CA THR D 22 -51.04 31.06 6.04
C THR D 22 -50.04 32.20 6.10
N CYS D 23 -49.08 32.12 5.20
CA CYS D 23 -48.06 33.13 5.01
C CYS D 23 -47.67 33.19 3.57
N GLN D 24 -46.95 34.22 3.20
CA GLN D 24 -46.33 34.20 1.89
C GLN D 24 -44.97 34.81 2.03
N ALA D 25 -44.02 34.33 1.25
CA ALA D 25 -42.71 34.92 1.38
C ALA D 25 -41.84 34.73 0.18
N ASN D 26 -40.87 35.62 0.03
CA ASN D 26 -39.83 35.41 -0.94
C ASN D 26 -38.95 34.30 -0.39
N GLY D 27 -38.54 33.37 -1.23
CA GLY D 27 -37.63 32.33 -0.78
C GLY D 27 -38.31 31.14 -0.10
N TYR D 28 -37.46 30.26 0.44
CA TYR D 28 -37.83 29.03 1.13
C TYR D 28 -38.54 29.36 2.44
N LEU D 29 -39.53 28.59 2.88
CA LEU D 29 -40.17 28.96 4.14
C LEU D 29 -40.23 27.83 5.17
N ASN D 30 -39.87 28.15 6.40
CA ASN D 30 -39.95 27.18 7.47
C ASN D 30 -40.96 27.62 8.50
N TRP D 31 -41.69 26.69 9.10
CA TRP D 31 -42.65 27.10 10.12
C TRP D 31 -42.25 26.53 11.46
N TYR D 32 -42.53 27.29 12.51
CA TYR D 32 -42.15 26.91 13.87
C TYR D 32 -43.24 27.08 14.90
N GLN D 33 -43.11 26.35 16.00
CA GLN D 33 -44.03 26.38 17.12
C GLN D 33 -43.33 26.84 18.38
N GLN D 34 -43.96 27.70 19.16
CA GLN D 34 -43.33 28.09 20.41
C GLN D 34 -44.35 28.31 21.52
N ARG D 35 -43.93 28.05 22.74
CA ARG D 35 -44.79 28.22 23.91
C ARG D 35 -44.09 29.10 24.88
N ARG D 36 -44.85 29.79 25.73
CA ARG D 36 -44.20 30.70 26.64
C ARG D 36 -43.24 29.93 27.50
N GLY D 37 -42.09 30.55 27.72
CA GLY D 37 -41.06 29.98 28.55
C GLY D 37 -40.27 28.90 27.82
N LYS D 38 -40.49 28.74 26.51
CA LYS D 38 -39.80 27.68 25.79
C LYS D 38 -39.21 28.10 24.46
N ALA D 39 -38.15 27.39 24.07
CA ALA D 39 -37.54 27.54 22.77
C ALA D 39 -38.53 27.15 21.65
N PRO D 40 -38.43 27.75 20.47
CA PRO D 40 -39.16 27.44 19.25
C PRO D 40 -38.81 26.05 18.76
N LYS D 41 -39.73 25.40 18.04
CA LYS D 41 -39.34 24.14 17.42
C LYS D 41 -39.81 24.08 15.99
N LEU D 42 -39.04 23.40 15.15
CA LEU D 42 -39.42 23.29 13.76
C LEU D 42 -40.61 22.40 13.56
N LEU D 43 -41.50 22.82 12.68
CA LEU D 43 -42.64 22.00 12.33
C LEU D 43 -42.51 21.43 10.94
N ILE D 44 -42.42 22.32 9.99
CA ILE D 44 -42.32 21.99 8.58
C ILE D 44 -41.25 22.84 7.93
N TYR D 45 -40.54 22.31 6.96
CA TYR D 45 -39.53 23.14 6.37
C TYR D 45 -39.46 23.04 4.88
N ASP D 46 -38.92 24.11 4.31
CA ASP D 46 -38.78 24.34 2.89
C ASP D 46 -40.14 24.32 2.20
N GLY D 47 -41.18 24.65 2.97
CA GLY D 47 -42.55 24.74 2.53
C GLY D 47 -43.23 23.38 2.37
N SER D 48 -42.57 22.28 2.74
CA SER D 48 -43.22 21.00 2.48
C SER D 48 -42.93 19.82 3.38
N LYS D 49 -41.82 19.82 4.10
CA LYS D 49 -41.49 18.59 4.82
C LYS D 49 -41.60 18.71 6.30
N LEU D 50 -42.30 17.79 6.93
CA LEU D 50 -42.35 17.86 8.37
C LEU D 50 -41.01 17.50 8.95
N GLU D 51 -40.66 18.17 10.02
CA GLU D 51 -39.49 17.77 10.78
C GLU D 51 -39.76 16.42 11.42
N ARG D 52 -38.74 15.62 11.58
CA ARG D 52 -38.94 14.34 12.19
C ARG D 52 -39.48 14.52 13.59
N GLY D 53 -40.41 13.65 13.94
CA GLY D 53 -41.07 13.58 15.23
C GLY D 53 -42.21 14.59 15.37
N VAL D 54 -42.53 15.30 14.29
CA VAL D 54 -43.69 16.17 14.29
C VAL D 54 -44.94 15.32 14.22
N PRO D 55 -46.00 15.63 14.97
CA PRO D 55 -47.24 14.90 14.99
C PRO D 55 -47.90 14.91 13.64
N SER D 56 -48.63 13.83 13.37
CA SER D 56 -49.34 13.63 12.11
C SER D 56 -50.36 14.70 11.79
N ARG D 57 -50.83 15.40 12.81
CA ARG D 57 -51.80 16.45 12.63
C ARG D 57 -51.27 17.56 11.74
N PHE D 58 -49.97 17.82 11.82
CA PHE D 58 -49.39 18.87 11.02
C PHE D 58 -49.33 18.57 9.53
N SER D 59 -49.59 19.59 8.72
CA SER D 59 -49.44 19.48 7.28
C SER D 59 -49.29 20.85 6.65
N GLY D 60 -49.05 20.88 5.35
CA GLY D 60 -49.02 22.16 4.66
C GLY D 60 -48.80 22.02 3.15
N ARG D 61 -48.82 23.17 2.46
CA ARG D 61 -48.60 23.18 1.02
C ARG D 61 -47.95 24.47 0.53
N ARG D 62 -47.37 24.39 -0.65
CA ARG D 62 -46.74 25.53 -1.27
C ARG D 62 -47.21 25.81 -2.68
N TRP D 63 -47.38 27.08 -3.00
CA TRP D 63 -47.63 27.46 -4.37
C TRP D 63 -46.84 28.71 -4.69
N GLY D 64 -45.60 28.52 -5.11
CA GLY D 64 -44.76 29.66 -5.35
C GLY D 64 -44.52 30.31 -4.01
N GLN D 65 -44.69 31.63 -3.94
CA GLN D 65 -44.54 32.33 -2.68
C GLN D 65 -45.63 31.99 -1.67
N GLU D 66 -46.73 31.39 -2.12
CA GLU D 66 -47.77 31.00 -1.18
C GLU D 66 -47.35 29.89 -0.24
N TYR D 67 -47.71 30.01 1.04
CA TYR D 67 -47.50 28.87 1.92
C TYR D 67 -48.70 28.66 2.86
N ASN D 68 -49.08 27.41 3.05
CA ASN D 68 -50.17 27.06 3.95
C ASN D 68 -49.75 26.05 4.99
N LEU D 69 -50.19 26.23 6.23
CA LEU D 69 -49.94 25.20 7.23
C LEU D 69 -51.24 24.86 7.93
N THR D 70 -51.44 23.58 8.19
CA THR D 70 -52.64 23.20 8.91
C THR D 70 -52.40 22.20 10.00
N ILE D 71 -53.35 22.14 10.92
CA ILE D 71 -53.33 21.13 11.95
C ILE D 71 -54.65 20.40 11.90
N ASN D 72 -54.61 19.13 11.58
CA ASN D 72 -55.81 18.32 11.55
C ASN D 72 -56.26 18.04 12.95
N ASN D 73 -57.56 18.09 13.22
CA ASN D 73 -57.99 17.64 14.55
C ASN D 73 -57.28 18.31 15.70
N LEU D 74 -57.31 19.63 15.77
CA LEU D 74 -56.48 20.33 16.74
C LEU D 74 -56.68 19.85 18.16
N GLN D 75 -55.57 19.71 18.87
CA GLN D 75 -55.60 19.25 20.25
C GLN D 75 -55.23 20.37 21.18
N PRO D 76 -55.72 20.39 22.42
CA PRO D 76 -55.47 21.41 23.42
C PRO D 76 -53.97 21.59 23.67
N GLU D 77 -53.21 20.51 23.48
CA GLU D 77 -51.77 20.57 23.63
C GLU D 77 -51.10 21.37 22.52
N ASP D 78 -51.83 21.63 21.44
CA ASP D 78 -51.29 22.35 20.31
C ASP D 78 -51.46 23.85 20.44
N ILE D 79 -51.95 24.35 21.58
CA ILE D 79 -52.11 25.78 21.58
C ILE D 79 -50.74 26.36 21.79
N ALA D 80 -50.32 27.14 20.82
CA ALA D 80 -48.99 27.71 20.82
C ALA D 80 -48.90 28.90 19.91
N THR D 81 -47.83 29.66 20.05
CA THR D 81 -47.56 30.68 19.07
C THR D 81 -46.97 29.98 17.85
N TYR D 82 -47.04 30.62 16.69
CA TYR D 82 -46.49 30.02 15.50
C TYR D 82 -45.75 31.01 14.62
N PHE D 83 -44.85 30.47 13.79
CA PHE D 83 -44.02 31.29 12.93
C PHE D 83 -43.83 30.79 11.54
N CYS D 84 -43.43 31.73 10.71
CA CYS D 84 -43.00 31.56 9.35
C CYS D 84 -41.63 32.23 9.28
N GLN D 85 -40.63 31.55 8.72
CA GLN D 85 -39.30 32.14 8.67
C GLN D 85 -38.50 31.89 7.41
N VAL D 86 -37.76 32.92 7.00
CA VAL D 86 -36.86 32.82 5.87
C VAL D 86 -35.52 33.33 6.28
N TYR D 87 -34.56 32.44 6.42
CA TYR D 87 -33.23 32.85 6.81
C TYR D 87 -33.31 33.65 8.11
N GLU D 88 -32.57 34.74 8.22
CA GLU D 88 -32.61 35.55 9.42
C GLU D 88 -33.92 36.29 9.68
N PHE D 89 -34.83 36.30 8.72
CA PHE D 89 -36.05 37.06 8.91
C PHE D 89 -37.20 36.19 9.38
N VAL D 90 -37.91 36.65 10.39
CA VAL D 90 -39.06 35.90 10.83
C VAL D 90 -40.25 36.81 11.10
N VAL D 91 -41.44 36.31 10.80
CA VAL D 91 -42.68 37.02 11.09
C VAL D 91 -42.90 37.04 12.58
N PRO D 92 -43.51 38.07 13.13
CA PRO D 92 -43.87 38.14 14.52
C PRO D 92 -44.83 36.97 14.76
N GLY D 93 -44.85 36.44 15.97
CA GLY D 93 -45.64 35.26 16.23
C GLY D 93 -47.14 35.50 16.16
N THR D 94 -47.87 34.41 15.92
CA THR D 94 -49.33 34.43 15.92
C THR D 94 -49.79 33.30 16.77
N ARG D 95 -51.02 33.30 17.26
CA ARG D 95 -51.31 32.18 18.14
C ARG D 95 -52.73 31.67 18.21
N LEU D 96 -52.82 30.40 18.58
CA LEU D 96 -54.08 29.74 18.88
C LEU D 96 -54.67 30.19 20.21
N ASP D 97 -56.00 30.20 20.30
CA ASP D 97 -56.69 30.54 21.53
C ASP D 97 -58.06 29.85 21.55
N LEU D 98 -58.78 29.99 22.66
CA LEU D 98 -60.13 29.44 22.81
C LEU D 98 -60.73 29.81 24.16
N GLU E 2 -19.85 -39.20 -40.48
CA GLU E 2 -20.78 -39.97 -39.67
C GLU E 2 -20.37 -40.01 -38.22
N ASN E 3 -19.09 -40.27 -37.99
CA ASN E 3 -18.59 -40.37 -36.64
C ASN E 3 -18.66 -39.03 -35.97
N LEU E 4 -19.01 -39.05 -34.71
CA LEU E 4 -19.27 -37.85 -33.93
C LEU E 4 -18.09 -36.94 -33.78
N TRP E 5 -18.40 -35.66 -33.72
CA TRP E 5 -17.37 -34.66 -33.56
C TRP E 5 -17.55 -34.03 -32.22
N VAL E 6 -16.47 -33.84 -31.50
CA VAL E 6 -16.65 -33.18 -30.23
C VAL E 6 -16.75 -31.71 -30.51
N THR E 7 -17.70 -31.01 -29.91
CA THR E 7 -17.75 -29.59 -30.19
C THR E 7 -17.96 -28.71 -28.98
N VAL E 8 -17.64 -27.45 -29.18
CA VAL E 8 -17.70 -26.42 -28.15
C VAL E 8 -19.05 -25.94 -27.69
N TYR E 9 -19.15 -25.79 -26.37
CA TYR E 9 -20.29 -25.20 -25.70
C TYR E 9 -19.78 -24.22 -24.67
N TYR E 10 -20.59 -23.24 -24.31
CA TYR E 10 -20.12 -22.32 -23.31
C TYR E 10 -21.23 -21.90 -22.39
N GLY E 11 -20.84 -21.64 -21.15
CA GLY E 11 -21.74 -21.29 -20.07
C GLY E 11 -22.37 -22.51 -19.41
N VAL E 12 -21.94 -23.71 -19.77
CA VAL E 12 -22.53 -24.88 -19.12
C VAL E 12 -22.08 -24.85 -17.68
N PRO E 13 -22.92 -25.19 -16.71
CA PRO E 13 -22.45 -25.17 -15.34
C PRO E 13 -21.43 -26.23 -15.11
N VAL E 14 -20.38 -25.86 -14.41
CA VAL E 14 -19.36 -26.76 -13.89
C VAL E 14 -18.94 -26.28 -12.53
N TRP E 15 -18.76 -27.15 -11.56
CA TRP E 15 -18.23 -26.67 -10.30
C TRP E 15 -16.87 -27.23 -10.03
N LYS E 16 -15.97 -26.37 -9.58
CA LYS E 16 -14.70 -26.87 -9.12
C LYS E 16 -14.50 -26.35 -7.72
N ASP E 17 -13.97 -27.17 -6.82
CA ASP E 17 -13.70 -26.57 -5.55
C ASP E 17 -12.57 -25.60 -5.72
N ALA E 18 -12.72 -24.40 -5.19
CA ALA E 18 -11.64 -23.45 -5.38
C ALA E 18 -11.59 -22.42 -4.29
N GLU E 19 -10.45 -21.77 -4.15
CA GLU E 19 -10.39 -20.70 -3.19
C GLU E 19 -9.99 -19.41 -3.83
N THR E 20 -10.71 -18.37 -3.47
CA THR E 20 -10.44 -17.01 -3.89
C THR E 20 -10.52 -16.16 -2.69
N THR E 21 -10.01 -14.96 -2.76
CA THR E 21 -10.18 -14.10 -1.62
C THR E 21 -11.63 -13.68 -1.54
N LEU E 22 -12.20 -13.75 -0.35
CA LEU E 22 -13.56 -13.30 -0.13
C LEU E 22 -13.72 -11.80 -0.27
N PHE E 23 -14.85 -11.36 -0.78
CA PHE E 23 -15.09 -9.94 -0.86
C PHE E 23 -16.01 -9.44 0.25
N CYS E 24 -15.52 -8.51 1.06
CA CYS E 24 -16.32 -7.97 2.15
C CYS E 24 -17.45 -7.08 1.70
N ALA E 25 -18.60 -7.21 2.35
CA ALA E 25 -19.72 -6.35 2.08
C ALA E 25 -20.58 -6.19 3.31
N SER E 26 -21.37 -5.14 3.38
CA SER E 26 -22.20 -4.97 4.55
C SER E 26 -23.52 -4.26 4.32
N ASP E 27 -24.40 -4.38 5.28
CA ASP E 27 -25.63 -3.62 5.27
C ASP E 27 -25.27 -2.16 5.49
N ALA E 28 -25.90 -1.27 4.74
CA ALA E 28 -25.63 0.17 4.88
C ALA E 28 -24.13 0.44 4.79
N HIS E 36 -17.27 5.17 14.07
CA HIS E 36 -16.65 4.14 13.28
C HIS E 36 -16.61 2.84 14.03
N ASN E 37 -16.93 1.77 13.32
CA ASN E 37 -16.84 0.45 13.92
C ASN E 37 -15.66 -0.28 13.38
N VAL E 38 -14.87 -0.90 14.25
CA VAL E 38 -13.66 -1.58 13.80
C VAL E 38 -13.92 -2.64 12.77
N TRP E 39 -14.98 -3.38 12.98
CA TRP E 39 -15.25 -4.52 12.15
C TRP E 39 -15.56 -4.26 10.70
N ALA E 40 -16.18 -3.13 10.40
CA ALA E 40 -16.46 -2.84 9.00
C ALA E 40 -15.70 -1.64 8.51
N THR E 41 -15.34 -0.75 9.47
CA THR E 41 -14.65 0.54 9.28
C THR E 41 -15.39 1.48 8.31
N HIS E 42 -16.58 1.04 7.89
CA HIS E 42 -17.45 1.59 6.88
C HIS E 42 -16.79 1.47 5.50
N ALA E 43 -15.67 0.72 5.40
CA ALA E 43 -14.98 0.52 4.14
C ALA E 43 -15.56 -0.60 3.32
N CYS E 44 -16.33 -1.48 3.94
CA CYS E 44 -16.92 -2.53 3.12
C CYS E 44 -17.97 -1.95 2.25
N VAL E 45 -18.02 -2.43 1.02
CA VAL E 45 -19.01 -1.92 0.11
C VAL E 45 -20.36 -2.37 0.59
N PRO E 46 -21.36 -1.48 0.60
CA PRO E 46 -22.72 -1.72 0.97
C PRO E 46 -23.30 -2.67 -0.03
N THR E 47 -24.29 -3.45 0.36
CA THR E 47 -24.80 -4.38 -0.62
C THR E 47 -26.30 -4.41 -0.72
N ASP E 48 -26.72 -4.93 -1.86
CA ASP E 48 -28.10 -5.04 -2.23
C ASP E 48 -28.89 -5.95 -1.31
N PRO E 49 -30.10 -5.56 -0.92
CA PRO E 49 -31.06 -6.31 -0.13
C PRO E 49 -31.79 -7.31 -1.01
N ASN E 50 -31.02 -8.11 -1.74
CA ASN E 50 -31.55 -9.08 -2.66
C ASN E 50 -30.82 -10.39 -2.54
N PRO E 51 -31.07 -11.16 -1.50
CA PRO E 51 -30.51 -12.46 -1.19
C PRO E 51 -31.15 -13.48 -2.08
N GLN E 52 -30.88 -13.40 -3.38
CA GLN E 52 -31.59 -14.25 -4.30
C GLN E 52 -30.99 -15.61 -4.35
N GLU E 53 -31.39 -16.42 -3.40
CA GLU E 53 -31.02 -17.80 -3.35
C GLU E 53 -31.58 -18.54 -4.52
N ILE E 54 -30.83 -19.46 -5.05
CA ILE E 54 -31.35 -20.27 -6.10
C ILE E 54 -31.33 -21.70 -5.68
N HIS E 55 -32.49 -22.29 -5.51
CA HIS E 55 -32.51 -23.68 -5.15
C HIS E 55 -31.98 -24.49 -6.29
N LEU E 56 -31.11 -25.43 -5.99
CA LEU E 56 -30.59 -26.24 -7.05
C LEU E 56 -31.26 -27.58 -7.04
N GLU E 57 -32.26 -27.71 -7.90
CA GLU E 57 -33.00 -28.94 -7.99
C GLU E 57 -32.10 -30.09 -8.42
N ASN E 58 -32.34 -31.26 -7.86
CA ASN E 58 -31.64 -32.49 -8.22
C ASN E 58 -30.13 -32.42 -8.12
N VAL E 59 -29.58 -31.81 -7.08
CA VAL E 59 -28.13 -31.83 -6.96
C VAL E 59 -27.74 -32.22 -5.57
N THR E 60 -26.51 -32.66 -5.40
CA THR E 60 -25.98 -32.82 -4.07
C THR E 60 -24.59 -32.28 -4.10
N GLU E 61 -24.06 -31.91 -2.95
CA GLU E 61 -22.67 -31.49 -2.94
C GLU E 61 -21.98 -31.82 -1.66
N GLU E 62 -20.74 -32.24 -1.77
CA GLU E 62 -19.93 -32.46 -0.59
C GLU E 62 -19.58 -31.15 0.08
N PHE E 63 -19.64 -31.12 1.40
CA PHE E 63 -19.17 -29.97 2.14
C PHE E 63 -18.31 -30.49 3.25
N ASN E 64 -17.10 -29.99 3.38
CA ASN E 64 -16.35 -30.47 4.50
C ASN E 64 -15.99 -29.37 5.43
N MET E 65 -16.55 -29.46 6.60
CA MET E 65 -16.27 -28.55 7.66
C MET E 65 -14.84 -28.78 8.04
N TRP E 66 -14.20 -27.73 8.51
CA TRP E 66 -12.82 -27.72 8.90
C TRP E 66 -11.88 -27.86 7.71
N LYS E 67 -12.40 -27.84 6.48
CA LYS E 67 -11.56 -27.89 5.33
C LYS E 67 -11.65 -26.59 4.55
N ASN E 68 -12.73 -25.85 4.77
CA ASN E 68 -12.94 -24.62 4.05
C ASN E 68 -11.95 -23.58 4.50
N ASN E 69 -11.33 -22.87 3.56
CA ASN E 69 -10.38 -21.87 3.97
C ASN E 69 -10.98 -20.49 4.10
N MET E 70 -12.30 -20.39 3.96
CA MET E 70 -12.98 -19.14 4.24
C MET E 70 -12.79 -18.82 5.68
N VAL E 71 -12.71 -19.88 6.48
CA VAL E 71 -12.51 -19.76 7.89
C VAL E 71 -11.21 -19.12 8.19
N GLU E 72 -10.19 -19.56 7.47
CA GLU E 72 -8.90 -19.00 7.70
C GLU E 72 -8.83 -17.57 7.25
N GLN E 73 -9.49 -17.27 6.14
CA GLN E 73 -9.45 -15.91 5.69
C GLN E 73 -10.11 -15.01 6.68
N MET E 74 -11.24 -15.45 7.24
CA MET E 74 -11.88 -14.63 8.23
C MET E 74 -11.03 -14.44 9.42
N HIS E 75 -10.33 -15.50 9.80
CA HIS E 75 -9.51 -15.42 10.95
C HIS E 75 -8.40 -14.43 10.81
N THR E 76 -7.85 -14.28 9.62
CA THR E 76 -6.80 -13.29 9.51
C THR E 76 -7.30 -11.94 9.05
N ASP E 77 -8.51 -11.91 8.51
CA ASP E 77 -9.04 -10.65 8.07
C ASP E 77 -9.33 -9.76 9.26
N ILE E 78 -9.90 -10.37 10.29
CA ILE E 78 -10.21 -9.62 11.48
C ILE E 78 -8.98 -9.19 12.23
N ILE E 79 -7.90 -9.95 12.09
CA ILE E 79 -6.70 -9.58 12.78
C ILE E 79 -6.13 -8.37 12.15
N SER E 80 -6.14 -8.37 10.82
CA SER E 80 -5.62 -7.22 10.13
C SER E 80 -6.41 -5.99 10.47
N LEU E 81 -7.72 -6.14 10.64
CA LEU E 81 -8.51 -5.00 11.03
C LEU E 81 -8.16 -4.49 12.37
N TRP E 82 -7.93 -5.42 13.28
CA TRP E 82 -7.65 -5.04 14.62
C TRP E 82 -6.40 -4.22 14.71
N ASP E 83 -5.40 -4.64 13.95
CA ASP E 83 -4.17 -3.91 13.99
C ASP E 83 -4.31 -2.61 13.31
N GLN E 84 -5.10 -2.59 12.25
CA GLN E 84 -5.30 -1.36 11.55
C GLN E 84 -5.94 -0.33 12.41
N SER E 85 -6.90 -0.75 13.23
CA SER E 85 -7.53 0.21 14.10
C SER E 85 -6.59 0.74 15.13
N LEU E 86 -5.61 -0.07 15.54
CA LEU E 86 -4.69 0.42 16.54
C LEU E 86 -3.46 1.12 16.04
N LYS E 87 -3.12 1.01 14.77
CA LYS E 87 -1.90 1.69 14.36
C LYS E 87 -1.90 3.22 14.53
N PRO E 88 -3.03 3.91 14.38
CA PRO E 88 -3.21 5.33 14.65
C PRO E 88 -3.05 5.72 16.10
N CYS E 89 -3.24 4.75 16.98
CA CYS E 89 -3.32 4.99 18.40
C CYS E 89 -2.00 5.21 19.14
N VAL E 90 -2.04 6.09 20.13
CA VAL E 90 -0.92 6.50 20.99
C VAL E 90 -0.37 5.41 21.90
N LYS E 91 0.96 5.33 21.97
CA LYS E 91 1.66 4.38 22.81
C LYS E 91 1.53 4.73 24.28
N LEU E 92 1.44 3.73 25.13
CA LEU E 92 1.37 3.95 26.56
C LEU E 92 2.64 3.69 27.33
N THR E 93 3.79 3.66 26.64
CA THR E 93 5.02 3.25 27.31
C THR E 93 5.50 4.09 28.50
N PRO E 94 5.07 5.36 28.68
CA PRO E 94 5.33 6.16 29.86
C PRO E 94 4.79 5.53 31.15
N LEU E 95 3.89 4.56 31.02
CA LEU E 95 3.27 3.95 32.17
C LEU E 95 4.07 2.84 32.82
N CYS E 96 5.29 2.57 32.36
CA CYS E 96 6.08 1.55 33.03
C CYS E 96 6.80 2.03 34.29
N VAL E 97 6.52 3.28 34.69
CA VAL E 97 7.01 3.80 35.95
C VAL E 97 6.37 2.99 37.06
N THR E 98 7.12 2.65 38.09
CA THR E 98 6.59 1.84 39.17
C THR E 98 5.53 2.60 39.96
N LEU E 99 4.63 1.87 40.60
CA LEU E 99 3.56 2.53 41.30
C LEU E 99 3.48 2.18 42.76
N GLN E 100 3.15 3.19 43.57
CA GLN E 100 2.88 2.93 44.97
C GLN E 100 1.46 2.49 45.04
N CYS E 101 1.10 1.54 45.90
CA CYS E 101 -0.32 1.24 45.96
C CYS E 101 -0.84 0.88 47.32
N THR E 102 -2.16 0.90 47.41
CA THR E 102 -2.88 0.38 48.54
C THR E 102 -4.09 -0.38 48.06
N ASN E 103 -4.60 -1.28 48.88
CA ASN E 103 -5.85 -1.91 48.52
C ASN E 103 -6.94 -0.89 48.73
N VAL E 104 -7.91 -0.81 47.82
CA VAL E 104 -8.96 0.15 48.07
C VAL E 104 -9.87 -0.36 49.18
N THR E 105 -10.15 0.49 50.17
CA THR E 105 -11.03 0.11 51.27
C THR E 105 -12.36 0.87 51.31
N ASN E 106 -12.61 1.71 50.32
CA ASN E 106 -13.80 2.55 50.33
C ASN E 106 -15.06 1.84 49.83
N ASN E 107 -15.98 1.55 50.75
CA ASN E 107 -17.26 0.93 50.43
C ASN E 107 -17.13 -0.37 49.66
N ILE E 108 -16.23 -1.23 50.10
CA ILE E 108 -15.98 -2.46 49.39
C ILE E 108 -16.89 -3.59 49.85
N THR E 109 -17.63 -4.21 48.91
CA THR E 109 -18.39 -5.40 49.28
C THR E 109 -17.39 -6.46 49.69
N ASP E 110 -17.71 -7.26 50.69
CA ASP E 110 -16.73 -8.21 51.21
C ASP E 110 -16.06 -9.12 50.19
N ASP E 111 -16.79 -9.57 49.18
CA ASP E 111 -16.14 -10.45 48.20
C ASP E 111 -15.39 -9.69 47.12
N MET E 112 -15.33 -8.38 47.24
CA MET E 112 -14.56 -7.56 46.35
C MET E 112 -13.25 -7.15 46.99
N ARG E 113 -13.00 -7.60 48.21
CA ARG E 113 -11.80 -7.09 48.84
C ARG E 113 -10.57 -7.48 48.09
N GLY E 114 -9.71 -6.49 47.93
CA GLY E 114 -8.41 -6.60 47.31
C GLY E 114 -8.51 -6.64 45.78
N GLU E 115 -9.72 -6.45 45.23
CA GLU E 115 -9.89 -6.48 43.79
C GLU E 115 -9.29 -5.30 43.08
N LEU E 116 -9.32 -4.16 43.76
CA LEU E 116 -8.83 -2.93 43.22
C LEU E 116 -7.76 -2.34 44.07
N LYS E 117 -6.86 -1.65 43.41
CA LYS E 117 -5.82 -0.97 44.12
C LYS E 117 -5.82 0.46 43.70
N ASN E 118 -5.45 1.32 44.63
CA ASN E 118 -5.34 2.72 44.32
C ASN E 118 -3.88 2.95 44.21
N CYS E 119 -3.42 3.52 43.12
CA CYS E 119 -2.00 3.65 43.05
C CYS E 119 -1.55 4.93 42.45
N SER E 120 -0.28 5.25 42.65
CA SER E 120 0.22 6.48 42.10
C SER E 120 1.65 6.43 41.63
N PHE E 121 1.97 7.39 40.78
CA PHE E 121 3.26 7.44 40.14
C PHE E 121 3.73 8.83 39.73
N ASN E 122 5.02 8.93 39.41
CA ASN E 122 5.73 10.17 39.09
C ASN E 122 5.83 10.50 37.59
N MET E 123 4.99 9.91 36.76
CA MET E 123 5.05 10.06 35.30
C MET E 123 4.88 11.50 34.79
N THR E 124 5.53 11.73 33.66
CA THR E 124 5.70 13.03 33.01
C THR E 124 4.47 13.79 32.56
N THR E 125 4.61 15.11 32.57
CA THR E 125 3.62 16.03 32.00
C THR E 125 3.90 16.03 30.52
N GLU E 126 3.04 16.66 29.74
CA GLU E 126 3.36 16.75 28.33
C GLU E 126 4.60 17.60 28.04
N LEU E 127 5.07 18.41 29.00
CA LEU E 127 6.29 19.16 28.79
C LEU E 127 7.47 18.23 28.87
N ARG E 128 8.48 18.45 28.05
CA ARG E 128 9.64 17.58 28.11
C ARG E 128 10.37 17.64 29.44
N ASP E 129 10.39 18.80 30.05
CA ASP E 129 11.07 19.01 31.30
C ASP E 129 10.24 18.89 32.58
N LYS E 130 9.00 18.42 32.52
CA LYS E 130 8.23 18.38 33.78
C LYS E 130 7.52 17.06 34.04
N LYS E 131 7.29 16.80 35.33
CA LYS E 131 6.62 15.59 35.78
C LYS E 131 5.52 15.90 36.77
N GLN E 132 4.58 14.97 36.90
CA GLN E 132 3.46 15.17 37.79
C GLN E 132 3.04 13.92 38.52
N LYS E 133 2.51 14.07 39.72
CA LYS E 133 1.98 12.89 40.37
C LYS E 133 0.69 12.50 39.71
N VAL E 134 0.50 11.21 39.51
CA VAL E 134 -0.73 10.72 38.91
C VAL E 134 -1.28 9.55 39.66
N TYR E 135 -2.60 9.43 39.78
CA TYR E 135 -3.10 8.20 40.36
C TYR E 135 -4.39 7.73 39.71
N SER E 136 -4.63 6.44 39.81
CA SER E 136 -5.86 5.82 39.29
C SER E 136 -6.22 4.55 40.01
N LEU E 137 -7.47 4.18 39.89
CA LEU E 137 -7.85 2.86 40.34
C LEU E 137 -7.32 1.86 39.34
N PHE E 138 -6.93 0.67 39.82
CA PHE E 138 -6.56 -0.39 38.89
C PHE E 138 -7.06 -1.74 39.33
N TYR E 139 -7.36 -2.60 38.38
CA TYR E 139 -7.67 -3.97 38.71
C TYR E 139 -6.41 -4.66 39.12
N ARG E 140 -6.48 -5.51 40.13
CA ARG E 140 -5.30 -6.26 40.53
C ARG E 140 -4.75 -7.12 39.41
N LEU E 141 -5.61 -7.53 38.48
CA LEU E 141 -5.20 -8.36 37.36
C LEU E 141 -4.21 -7.70 36.43
N ASP E 142 -4.21 -6.39 36.38
CA ASP E 142 -3.32 -5.71 35.47
C ASP E 142 -1.98 -5.35 36.05
N VAL E 143 -1.70 -5.75 37.29
CA VAL E 143 -0.41 -5.42 37.86
C VAL E 143 0.25 -6.58 38.53
N VAL E 144 1.55 -6.46 38.70
CA VAL E 144 2.29 -7.43 39.46
C VAL E 144 3.14 -6.69 40.44
N GLN E 145 3.56 -7.34 41.49
CA GLN E 145 4.39 -6.65 42.43
C GLN E 145 5.72 -6.37 41.78
N ILE E 146 6.32 -5.22 42.06
CA ILE E 146 7.63 -4.94 41.50
C ILE E 146 8.72 -5.89 42.02
N ASN E 147 8.53 -6.34 43.25
CA ASN E 147 9.38 -7.29 43.92
C ASN E 147 8.50 -7.94 44.96
N GLU E 148 8.98 -8.93 45.68
CA GLU E 148 8.08 -9.46 46.69
C GLU E 148 7.79 -8.42 47.77
N GLU E 160 4.61 -2.02 46.15
CA GLU E 160 4.89 -1.43 44.86
C GLU E 160 4.60 -2.39 43.76
N TYR E 161 4.14 -1.84 42.64
CA TYR E 161 3.70 -2.61 41.51
C TYR E 161 4.16 -2.06 40.17
N ARG E 162 4.03 -2.89 39.16
CA ARG E 162 4.31 -2.48 37.79
C ARG E 162 3.27 -3.10 36.93
N LEU E 163 3.06 -2.54 35.76
CA LEU E 163 2.07 -3.16 34.92
C LEU E 163 2.53 -4.53 34.57
N ILE E 164 1.58 -5.44 34.52
CA ILE E 164 1.86 -6.83 34.23
C ILE E 164 2.54 -7.09 32.90
N ASN E 165 2.36 -6.20 31.93
CA ASN E 165 3.00 -6.41 30.65
C ASN E 165 4.26 -5.60 30.40
N CYS E 166 4.84 -4.96 31.41
CA CYS E 166 6.07 -4.22 31.11
C CYS E 166 7.27 -5.11 30.75
N ASN E 167 7.20 -6.41 31.05
CA ASN E 167 8.26 -7.31 30.64
C ASN E 167 7.91 -8.06 29.34
N THR E 168 6.88 -7.58 28.66
CA THR E 168 6.34 -8.14 27.43
C THR E 168 6.16 -6.99 26.49
N SER E 169 5.80 -7.24 25.24
CA SER E 169 5.68 -6.14 24.32
C SER E 169 4.75 -5.07 24.84
N ALA E 170 5.11 -3.84 24.50
CA ALA E 170 4.48 -2.65 25.03
C ALA E 170 3.00 -2.53 24.81
N ILE E 171 2.37 -1.94 25.81
CA ILE E 171 0.97 -1.63 25.87
C ILE E 171 0.64 -0.35 25.14
N THR E 172 -0.41 -0.37 24.33
CA THR E 172 -0.85 0.88 23.75
C THR E 172 -2.35 1.06 23.82
N GLN E 173 -2.82 2.30 23.76
CA GLN E 173 -4.25 2.55 23.62
C GLN E 173 -4.58 3.98 23.36
N ALA E 174 -5.40 4.17 22.36
CA ALA E 174 -5.99 5.44 22.03
C ALA E 174 -7.16 5.14 21.15
N CYS E 175 -7.91 6.16 20.84
CA CYS E 175 -9.00 6.06 19.88
C CYS E 175 -10.18 5.27 20.42
N PRO E 176 -10.57 5.48 21.68
CA PRO E 176 -11.66 4.80 22.38
C PRO E 176 -13.00 4.96 21.67
N LYS E 177 -13.08 5.97 20.82
CA LYS E 177 -14.26 6.29 20.05
C LYS E 177 -14.70 5.20 19.10
N VAL E 178 -13.74 4.39 18.64
CA VAL E 178 -14.10 3.34 17.71
C VAL E 178 -14.93 2.29 18.45
N SER E 179 -15.95 1.77 17.80
CA SER E 179 -16.73 0.76 18.49
C SER E 179 -16.26 -0.62 18.19
N PHE E 180 -16.23 -1.44 19.23
CA PHE E 180 -15.91 -2.83 19.04
C PHE E 180 -17.15 -3.69 19.01
N GLU E 181 -18.33 -3.07 19.01
CA GLU E 181 -19.51 -3.89 18.98
C GLU E 181 -19.55 -4.60 17.66
N PRO E 182 -19.96 -5.84 17.61
CA PRO E 182 -20.05 -6.60 16.40
C PRO E 182 -21.06 -6.02 15.44
N ILE E 183 -20.76 -6.17 14.17
CA ILE E 183 -21.65 -5.81 13.09
C ILE E 183 -21.57 -6.98 12.15
N PRO E 184 -22.65 -7.42 11.54
CA PRO E 184 -22.59 -8.52 10.63
C PRO E 184 -21.71 -8.17 9.46
N ILE E 185 -21.03 -9.16 8.93
CA ILE E 185 -20.15 -8.99 7.79
C ILE E 185 -20.50 -10.02 6.76
N HIS E 186 -20.59 -9.59 5.51
CA HIS E 186 -21.03 -10.47 4.45
C HIS E 186 -19.88 -10.75 3.54
N TYR E 187 -19.84 -11.94 2.96
CA TYR E 187 -18.79 -12.17 2.02
C TYR E 187 -19.35 -12.59 0.72
N CYS E 188 -18.79 -12.06 -0.34
CA CYS E 188 -19.30 -12.34 -1.63
C CYS E 188 -18.26 -12.95 -2.52
N ALA E 189 -18.70 -13.92 -3.30
CA ALA E 189 -17.84 -14.52 -4.28
C ALA E 189 -17.44 -13.48 -5.31
N PRO E 190 -16.24 -13.57 -5.85
CA PRO E 190 -15.74 -12.85 -6.99
C PRO E 190 -16.57 -13.26 -8.19
N ALA E 191 -16.67 -12.39 -9.18
CA ALA E 191 -17.40 -12.76 -10.37
C ALA E 191 -16.80 -14.02 -10.96
N GLY E 192 -17.64 -14.86 -11.55
CA GLY E 192 -17.19 -16.16 -12.07
C GLY E 192 -17.05 -17.24 -10.98
N PHE E 193 -17.51 -16.95 -9.75
CA PHE E 193 -17.49 -17.89 -8.64
C PHE E 193 -18.79 -17.84 -7.90
N ALA E 194 -19.08 -18.87 -7.11
CA ALA E 194 -20.34 -18.85 -6.37
C ALA E 194 -20.22 -19.62 -5.08
N ILE E 195 -21.08 -19.27 -4.12
CA ILE E 195 -21.06 -19.93 -2.84
C ILE E 195 -22.16 -20.96 -2.70
N LEU E 196 -21.78 -22.23 -2.68
CA LEU E 196 -22.76 -23.28 -2.45
C LEU E 196 -23.12 -23.34 -0.99
N LYS E 197 -24.37 -23.67 -0.67
CA LYS E 197 -24.69 -23.85 0.73
C LYS E 197 -25.57 -25.05 0.96
N CYS E 198 -25.54 -25.55 2.20
CA CYS E 198 -26.37 -26.68 2.58
C CYS E 198 -27.42 -26.25 3.58
N LYS E 199 -28.67 -26.54 3.23
CA LYS E 199 -29.81 -26.20 4.06
C LYS E 199 -30.29 -27.36 4.92
N ASP E 200 -29.65 -28.52 4.80
CA ASP E 200 -30.13 -29.67 5.54
C ASP E 200 -29.89 -29.49 7.02
N LYS E 201 -30.99 -29.51 7.76
CA LYS E 201 -31.00 -29.38 9.20
C LYS E 201 -30.29 -30.51 9.94
N LYS E 202 -30.12 -31.63 9.26
CA LYS E 202 -29.45 -32.81 9.79
C LYS E 202 -27.97 -32.88 9.42
N PHE E 203 -27.44 -31.87 8.74
CA PHE E 203 -26.09 -32.05 8.23
C PHE E 203 -24.98 -32.30 9.25
N ASN E 204 -24.22 -33.35 8.94
CA ASN E 204 -22.99 -33.73 9.60
C ASN E 204 -21.97 -32.75 9.17
N GLY E 205 -21.01 -32.41 9.99
CA GLY E 205 -20.04 -31.42 9.56
C GLY E 205 -19.33 -31.76 8.22
N THR E 206 -19.30 -33.02 7.80
CA THR E 206 -18.66 -33.36 6.54
C THR E 206 -19.53 -34.26 5.66
N GLY E 207 -19.14 -34.36 4.39
CA GLY E 207 -19.83 -35.19 3.40
C GLY E 207 -20.91 -34.43 2.60
N PRO E 208 -21.58 -35.12 1.68
CA PRO E 208 -22.61 -34.65 0.76
C PRO E 208 -23.86 -34.12 1.42
N CYS E 209 -24.50 -33.17 0.73
CA CYS E 209 -25.76 -32.63 1.17
C CYS E 209 -26.74 -32.52 -0.01
N PRO E 210 -27.95 -33.08 0.09
CA PRO E 210 -29.08 -33.05 -0.85
C PRO E 210 -29.85 -31.72 -0.95
N SER E 211 -29.68 -30.87 0.07
CA SER E 211 -30.44 -29.63 0.21
C SER E 211 -29.84 -28.43 -0.51
N VAL E 212 -28.83 -28.67 -1.31
CA VAL E 212 -28.04 -27.59 -1.84
C VAL E 212 -28.76 -26.60 -2.73
N SER E 213 -28.37 -25.36 -2.48
CA SER E 213 -28.85 -24.18 -3.16
C SER E 213 -27.70 -23.22 -3.18
N THR E 214 -27.78 -22.17 -3.98
CA THR E 214 -26.65 -21.27 -3.97
C THR E 214 -26.95 -19.80 -3.92
N VAL E 215 -25.93 -19.08 -3.49
CA VAL E 215 -25.93 -17.64 -3.46
C VAL E 215 -24.63 -17.09 -4.01
N GLN E 216 -24.63 -15.87 -4.51
CA GLN E 216 -23.36 -15.28 -4.90
C GLN E 216 -22.66 -14.62 -3.71
N CYS E 217 -23.38 -14.49 -2.60
CA CYS E 217 -22.89 -13.82 -1.43
C CYS E 217 -23.55 -14.37 -0.20
N THR E 218 -23.12 -13.99 0.99
CA THR E 218 -23.73 -14.55 2.18
C THR E 218 -24.24 -13.51 3.12
N HIS E 219 -25.11 -13.96 4.01
CA HIS E 219 -25.70 -13.12 5.03
C HIS E 219 -24.65 -12.77 6.00
N GLY E 220 -24.84 -11.65 6.67
CA GLY E 220 -23.80 -11.22 7.55
C GLY E 220 -23.60 -12.15 8.72
N ILE E 221 -22.38 -12.17 9.19
CA ILE E 221 -21.98 -12.92 10.36
C ILE E 221 -21.27 -12.01 11.30
N LYS E 222 -21.68 -11.98 12.55
CA LYS E 222 -20.98 -11.13 13.46
C LYS E 222 -19.57 -11.65 13.80
N PRO E 223 -18.62 -10.73 13.98
CA PRO E 223 -17.23 -10.85 14.42
C PRO E 223 -17.11 -11.23 15.90
N VAL E 224 -18.23 -11.31 16.61
CA VAL E 224 -18.24 -11.52 18.03
C VAL E 224 -17.56 -12.79 18.44
N VAL E 225 -16.84 -12.71 19.55
CA VAL E 225 -16.10 -13.85 20.04
C VAL E 225 -16.39 -14.19 21.47
N SER E 226 -16.09 -15.42 21.80
CA SER E 226 -16.19 -15.93 23.15
C SER E 226 -15.15 -16.96 23.38
N THR E 227 -14.76 -17.11 24.63
CA THR E 227 -13.77 -18.13 24.90
C THR E 227 -14.36 -19.48 25.28
N GLN E 228 -15.65 -19.55 25.58
CA GLN E 228 -16.18 -20.85 25.97
C GLN E 228 -17.54 -21.21 25.38
N LEU E 229 -18.38 -20.21 25.16
CA LEU E 229 -19.71 -20.47 24.68
C LEU E 229 -19.99 -19.62 23.48
N LEU E 230 -20.62 -20.17 22.48
CA LEU E 230 -20.92 -19.36 21.32
C LEU E 230 -21.95 -18.34 21.69
N LEU E 231 -21.82 -17.14 21.15
CA LEU E 231 -22.79 -16.11 21.41
C LEU E 231 -23.36 -15.53 20.13
N ASN E 232 -24.66 -15.40 20.10
CA ASN E 232 -25.41 -14.80 19.02
C ASN E 232 -25.23 -15.51 17.68
N GLY E 233 -24.90 -16.81 17.70
CA GLY E 233 -24.78 -17.65 16.51
C GLY E 233 -26.15 -17.99 15.94
N SER E 234 -26.22 -18.44 14.70
CA SER E 234 -27.50 -18.91 14.24
C SER E 234 -27.86 -20.18 15.00
N LEU E 235 -29.14 -20.33 15.32
CA LEU E 235 -29.64 -21.52 15.99
C LEU E 235 -29.66 -22.73 15.09
N ALA E 236 -29.46 -23.90 15.66
CA ALA E 236 -29.59 -25.10 14.85
C ALA E 236 -31.01 -25.13 14.32
N GLU E 237 -31.17 -25.60 13.10
CA GLU E 237 -32.49 -25.63 12.48
C GLU E 237 -33.50 -26.57 13.12
N GLU E 238 -33.04 -27.71 13.61
CA GLU E 238 -33.98 -28.68 14.17
C GLU E 238 -33.80 -29.03 15.62
N GLU E 239 -32.59 -29.44 15.91
CA GLU E 239 -32.22 -30.00 17.19
C GLU E 239 -30.84 -29.59 17.53
N VAL E 240 -30.47 -29.74 18.79
CA VAL E 240 -29.12 -29.41 19.17
C VAL E 240 -28.20 -30.34 18.41
N MET E 241 -27.08 -29.83 17.93
CA MET E 241 -26.21 -30.70 17.16
C MET E 241 -24.78 -30.62 17.55
N ILE E 242 -24.06 -31.70 17.31
CA ILE E 242 -22.67 -31.77 17.68
C ILE E 242 -21.76 -32.11 16.53
N ARG E 243 -20.69 -31.34 16.39
CA ARG E 243 -19.74 -31.57 15.32
C ARG E 243 -18.30 -31.61 15.87
N SER E 244 -17.92 -32.81 16.29
CA SER E 244 -16.61 -33.13 16.88
C SER E 244 -15.49 -33.56 15.91
N GLU E 245 -15.72 -33.50 14.61
CA GLU E 245 -14.81 -34.11 13.62
C GLU E 245 -14.79 -35.59 13.91
N ASN E 246 -13.64 -36.23 13.78
CA ASN E 246 -13.65 -37.62 14.12
C ASN E 246 -13.58 -37.68 15.62
N ILE E 247 -14.73 -37.95 16.20
CA ILE E 247 -14.96 -37.94 17.64
C ILE E 247 -14.07 -38.85 18.44
N THR E 248 -13.52 -39.89 17.81
CA THR E 248 -12.66 -40.78 18.56
C THR E 248 -11.38 -40.10 18.99
N ASN E 249 -11.00 -39.05 18.27
CA ASN E 249 -9.82 -38.30 18.62
C ASN E 249 -10.25 -37.26 19.62
N ASN E 250 -9.87 -37.42 20.89
CA ASN E 250 -10.39 -36.45 21.83
C ASN E 250 -9.54 -35.21 21.93
N ALA E 251 -8.52 -35.08 21.10
CA ALA E 251 -7.82 -33.82 21.09
C ALA E 251 -8.66 -32.77 20.37
N LYS E 252 -9.67 -33.22 19.62
CA LYS E 252 -10.51 -32.33 18.87
C LYS E 252 -11.52 -31.58 19.71
N ASN E 253 -11.76 -30.33 19.34
CA ASN E 253 -12.80 -29.56 19.98
C ASN E 253 -14.16 -30.05 19.54
N ILE E 254 -15.10 -30.11 20.46
CA ILE E 254 -16.44 -30.52 20.16
C ILE E 254 -17.36 -29.35 19.94
N LEU E 255 -17.81 -29.14 18.71
CA LEU E 255 -18.78 -28.08 18.53
C LEU E 255 -20.13 -28.46 19.07
N VAL E 256 -20.81 -27.55 19.75
CA VAL E 256 -22.19 -27.80 20.13
C VAL E 256 -23.07 -26.65 19.71
N GLN E 257 -24.12 -26.93 18.95
CA GLN E 257 -25.00 -25.84 18.55
C GLN E 257 -26.38 -26.04 19.11
N PHE E 258 -26.84 -25.06 19.88
CA PHE E 258 -28.19 -25.06 20.44
C PHE E 258 -29.22 -24.87 19.36
N ASN E 259 -30.39 -25.48 19.49
CA ASN E 259 -31.44 -25.09 18.55
C ASN E 259 -32.37 -24.04 19.16
N THR E 260 -32.03 -23.56 20.37
CA THR E 260 -32.75 -22.44 20.98
C THR E 260 -31.75 -21.49 21.61
N PRO E 261 -32.09 -20.22 21.79
CA PRO E 261 -31.32 -19.22 22.48
C PRO E 261 -31.32 -19.47 23.98
N VAL E 262 -30.26 -19.10 24.66
CA VAL E 262 -30.35 -19.05 26.11
C VAL E 262 -30.04 -17.63 26.52
N GLN E 263 -31.00 -16.95 27.09
CA GLN E 263 -30.72 -15.57 27.44
C GLN E 263 -29.67 -15.44 28.51
N ILE E 264 -28.83 -14.44 28.37
CA ILE E 264 -27.91 -14.10 29.41
C ILE E 264 -27.89 -12.61 29.62
N ASN E 265 -27.92 -12.22 30.88
CA ASN E 265 -27.85 -10.82 31.22
C ASN E 265 -26.57 -10.57 31.99
N CYS E 266 -25.87 -9.48 31.74
CA CYS E 266 -24.76 -9.25 32.64
C CYS E 266 -24.61 -7.80 32.98
N THR E 267 -23.87 -7.54 34.04
CA THR E 267 -23.62 -6.18 34.43
C THR E 267 -22.24 -5.89 34.94
N ARG E 268 -21.94 -4.60 34.94
CA ARG E 268 -20.79 -4.05 35.62
C ARG E 268 -21.38 -2.99 36.51
N PRO E 269 -21.88 -3.41 37.66
CA PRO E 269 -22.70 -2.65 38.62
C PRO E 269 -22.06 -1.40 39.17
N ASN E 270 -20.74 -1.30 39.10
CA ASN E 270 -20.08 -0.14 39.63
C ASN E 270 -20.31 1.07 38.75
N ASN E 271 -20.55 2.21 39.38
CA ASN E 271 -20.74 3.40 38.58
C ASN E 271 -19.39 3.96 38.24
N ASN E 272 -18.93 3.56 37.08
CA ASN E 272 -17.63 3.93 36.58
C ASN E 272 -17.51 5.39 36.24
N THR E 273 -16.36 5.96 36.56
CA THR E 273 -16.11 7.34 36.23
C THR E 273 -14.75 7.41 35.55
N ARG E 274 -14.49 8.50 34.85
CA ARG E 274 -13.28 8.61 34.04
C ARG E 274 -12.44 9.83 34.32
N LYS E 275 -11.14 9.67 34.15
CA LYS E 275 -10.18 10.74 34.31
C LYS E 275 -9.36 10.87 33.04
N SER E 276 -8.82 12.07 32.77
CA SER E 276 -7.99 12.22 31.58
C SER E 276 -6.66 12.83 31.95
N ILE E 277 -5.63 12.35 31.26
CA ILE E 277 -4.24 12.69 31.49
C ILE E 277 -3.49 13.11 30.23
N ARG E 278 -2.57 14.04 30.34
CA ARG E 278 -1.76 14.34 29.17
C ARG E 278 -0.41 13.70 29.36
N ILE E 279 -0.01 12.83 28.43
CA ILE E 279 1.29 12.18 28.55
C ILE E 279 2.29 12.69 27.53
N GLY E 280 1.84 13.56 26.65
CA GLY E 280 2.66 14.21 25.65
C GLY E 280 1.73 15.13 24.92
N PRO E 281 2.21 15.91 23.96
CA PRO E 281 1.34 16.79 23.24
C PRO E 281 0.41 15.93 22.44
N GLY E 282 -0.87 16.25 22.47
CA GLY E 282 -1.85 15.55 21.66
C GLY E 282 -2.17 14.18 22.24
N GLN E 283 -1.69 13.87 23.44
CA GLN E 283 -1.83 12.50 23.91
C GLN E 283 -2.65 12.35 25.16
N ALA E 284 -3.96 12.31 24.99
CA ALA E 284 -4.83 12.04 26.10
C ALA E 284 -4.58 10.64 26.63
N PHE E 285 -4.71 10.48 27.93
CA PHE E 285 -4.64 9.16 28.51
C PHE E 285 -5.75 8.94 29.51
N TYR E 286 -6.50 7.91 29.27
CA TYR E 286 -7.61 7.57 30.12
C TYR E 286 -7.20 6.96 31.43
N ALA E 287 -7.95 7.24 32.47
CA ALA E 287 -7.66 6.67 33.76
C ALA E 287 -8.95 6.46 34.51
N THR E 288 -8.95 5.54 35.46
CA THR E 288 -10.19 5.24 36.11
C THR E 288 -10.44 6.14 37.32
N GLY E 289 -11.57 6.84 37.25
CA GLY E 289 -12.05 7.70 38.32
C GLY E 289 -12.59 6.87 39.47
N ASP E 290 -12.73 7.49 40.64
CA ASP E 290 -13.33 6.77 41.75
C ASP E 290 -14.77 6.41 41.45
N ILE E 291 -15.13 5.18 41.79
CA ILE E 291 -16.47 4.65 41.56
C ILE E 291 -17.50 5.32 42.43
N ILE E 292 -18.64 5.66 41.84
CA ILE E 292 -19.72 6.21 42.63
C ILE E 292 -20.48 5.07 43.26
N GLY E 293 -20.63 5.11 44.58
CA GLY E 293 -21.37 4.09 45.32
C GLY E 293 -20.52 2.88 45.73
N ASP E 294 -21.18 1.91 46.35
CA ASP E 294 -20.58 0.67 46.84
C ASP E 294 -20.00 -0.21 45.73
N ILE E 295 -18.83 -0.78 45.98
CA ILE E 295 -18.21 -1.65 45.02
C ILE E 295 -18.82 -3.02 45.01
N ARG E 296 -19.20 -3.48 43.82
CA ARG E 296 -19.82 -4.79 43.66
C ARG E 296 -19.19 -5.58 42.51
N GLN E 297 -19.21 -6.91 42.63
CA GLN E 297 -18.67 -7.74 41.57
C GLN E 297 -19.51 -7.74 40.31
N ALA E 298 -18.85 -7.77 39.15
CA ALA E 298 -19.55 -7.92 37.89
C ALA E 298 -20.24 -9.26 37.88
N HIS E 299 -21.40 -9.36 37.26
CA HIS E 299 -22.02 -10.66 37.26
C HIS E 299 -22.91 -10.96 36.08
N CYS E 300 -23.22 -12.24 35.90
CA CYS E 300 -24.12 -12.65 34.83
C CYS E 300 -25.26 -13.55 35.28
N ASN E 301 -26.45 -13.23 34.80
CA ASN E 301 -27.62 -14.03 35.14
C ASN E 301 -28.11 -14.87 33.98
N VAL E 302 -28.34 -16.15 34.25
CA VAL E 302 -28.94 -17.03 33.25
C VAL E 302 -30.07 -17.81 33.86
N SER E 303 -31.01 -18.29 33.04
CA SER E 303 -32.03 -19.12 33.65
C SER E 303 -31.44 -20.43 34.10
N LYS E 304 -31.77 -20.81 35.30
CA LYS E 304 -31.30 -22.05 35.86
C LYS E 304 -32.03 -23.18 35.26
N ALA E 305 -33.35 -22.99 35.17
CA ALA E 305 -34.19 -24.01 34.63
C ALA E 305 -33.90 -24.27 33.19
N THR E 306 -33.67 -23.19 32.44
CA THR E 306 -33.39 -23.37 31.03
C THR E 306 -32.08 -24.04 30.84
N TRP E 307 -31.11 -23.68 31.69
CA TRP E 307 -29.83 -24.31 31.58
C TRP E 307 -29.91 -25.80 31.80
N ASN E 308 -30.79 -26.21 32.71
CA ASN E 308 -30.94 -27.63 32.95
C ASN E 308 -31.58 -28.30 31.77
N GLU E 309 -32.62 -27.67 31.24
CA GLU E 309 -33.29 -28.24 30.10
C GLU E 309 -32.41 -28.38 28.89
N THR E 310 -31.63 -27.36 28.59
CA THR E 310 -30.80 -27.47 27.43
C THR E 310 -29.69 -28.45 27.60
N LEU E 311 -29.23 -28.66 28.84
CA LEU E 311 -28.26 -29.70 29.02
C LEU E 311 -28.86 -31.05 28.77
N GLY E 312 -30.13 -31.21 29.11
CA GLY E 312 -30.75 -32.48 28.82
C GLY E 312 -30.81 -32.70 27.32
N LYS E 313 -31.01 -31.62 26.56
CA LYS E 313 -30.99 -31.80 25.13
C LYS E 313 -29.62 -32.21 24.64
N VAL E 314 -28.60 -31.64 25.25
CA VAL E 314 -27.25 -31.96 24.86
C VAL E 314 -26.85 -33.37 25.14
N VAL E 315 -27.18 -33.87 26.32
CA VAL E 315 -26.78 -35.21 26.62
C VAL E 315 -27.49 -36.21 25.75
N LYS E 316 -28.71 -35.89 25.31
CA LYS E 316 -29.35 -36.79 24.38
C LYS E 316 -28.58 -36.86 23.10
N GLN E 317 -28.04 -35.73 22.69
CA GLN E 317 -27.24 -35.72 21.49
C GLN E 317 -25.95 -36.46 21.66
N LEU E 318 -25.35 -36.35 22.85
CA LEU E 318 -24.09 -37.03 23.10
C LEU E 318 -24.22 -38.51 23.00
N ARG E 319 -25.34 -39.01 23.49
CA ARG E 319 -25.61 -40.42 23.49
C ARG E 319 -25.74 -41.01 22.13
N LYS E 320 -25.88 -40.22 21.08
CA LYS E 320 -25.94 -40.80 19.77
C LYS E 320 -24.67 -41.57 19.41
N HIS E 321 -23.55 -41.25 20.06
CA HIS E 321 -22.32 -41.96 19.82
C HIS E 321 -21.99 -43.00 20.88
N PHE E 322 -22.93 -43.27 21.78
CA PHE E 322 -22.68 -44.15 22.91
C PHE E 322 -23.88 -45.02 23.23
N GLY E 323 -23.71 -46.02 24.07
CA GLY E 323 -24.87 -46.79 24.47
C GLY E 323 -25.75 -45.81 25.25
N ASN E 324 -27.05 -46.02 25.28
CA ASN E 324 -27.86 -44.98 25.87
C ASN E 324 -27.97 -45.05 27.38
N ASN E 325 -27.29 -46.03 28.01
CA ASN E 325 -27.24 -46.04 29.45
C ASN E 325 -25.92 -45.51 29.98
N THR E 326 -25.10 -44.95 29.09
CA THR E 326 -23.79 -44.46 29.51
C THR E 326 -23.85 -43.22 30.38
N ILE E 327 -22.83 -43.09 31.24
CA ILE E 327 -22.73 -41.95 32.11
C ILE E 327 -22.08 -40.75 31.45
N ILE E 328 -22.70 -39.59 31.62
CA ILE E 328 -22.18 -38.36 31.07
C ILE E 328 -21.89 -37.38 32.19
N ARG E 329 -20.76 -36.73 32.12
CA ARG E 329 -20.42 -35.81 33.19
C ARG E 329 -19.90 -34.47 32.71
N PHE E 330 -20.12 -33.47 33.52
CA PHE E 330 -19.58 -32.16 33.25
C PHE E 330 -18.64 -31.80 34.36
N ALA E 331 -17.74 -30.85 34.12
CA ALA E 331 -16.76 -30.59 35.14
C ALA E 331 -16.23 -29.18 35.16
N ASN E 332 -15.61 -28.88 36.30
CA ASN E 332 -14.90 -27.64 36.55
C ASN E 332 -13.75 -27.63 35.61
N SER E 333 -13.40 -26.45 35.14
CA SER E 333 -12.33 -26.32 34.19
C SER E 333 -11.05 -26.87 34.73
N SER E 334 -10.26 -27.40 33.81
CA SER E 334 -8.97 -27.99 34.14
C SER E 334 -7.86 -26.95 34.25
N GLY E 335 -8.21 -25.67 34.17
CA GLY E 335 -7.20 -24.64 34.31
C GLY E 335 -6.46 -24.36 33.02
N GLY E 336 -5.18 -24.04 33.13
CA GLY E 336 -4.46 -23.55 31.98
C GLY E 336 -4.66 -22.04 31.97
N ASP E 337 -4.27 -21.39 30.88
CA ASP E 337 -4.34 -19.94 30.81
C ASP E 337 -5.73 -19.41 31.04
N LEU E 338 -5.83 -18.31 31.77
CA LEU E 338 -7.09 -17.67 32.11
C LEU E 338 -8.00 -17.43 30.94
N GLU E 339 -7.43 -17.13 29.79
CA GLU E 339 -8.23 -16.83 28.64
C GLU E 339 -9.07 -18.01 28.18
N VAL E 340 -8.73 -19.23 28.57
CA VAL E 340 -9.58 -20.35 28.26
C VAL E 340 -10.16 -20.95 29.53
N THR E 341 -9.53 -20.65 30.67
CA THR E 341 -10.02 -21.13 31.95
C THR E 341 -11.36 -20.53 32.28
N THR E 342 -11.61 -19.34 31.76
CA THR E 342 -12.87 -18.70 32.02
C THR E 342 -13.51 -18.20 30.75
N HIS E 343 -14.79 -17.94 30.85
CA HIS E 343 -15.52 -17.43 29.72
C HIS E 343 -15.24 -15.99 29.60
N SER E 344 -15.00 -15.52 28.39
CA SER E 344 -14.80 -14.10 28.28
C SER E 344 -15.46 -13.50 27.07
N PHE E 345 -15.79 -12.22 27.25
CA PHE E 345 -16.44 -11.44 26.24
C PHE E 345 -16.15 -9.95 26.33
N ASN E 346 -16.33 -9.24 25.23
CA ASN E 346 -16.16 -7.79 25.15
C ASN E 346 -17.46 -6.99 25.16
N CYS E 347 -18.55 -7.61 25.57
CA CYS E 347 -19.84 -6.95 25.51
C CYS E 347 -19.87 -5.67 26.30
N GLY E 348 -20.55 -4.69 25.76
CA GLY E 348 -20.63 -3.38 26.40
C GLY E 348 -19.36 -2.57 26.12
N GLY E 349 -18.51 -3.09 25.24
CA GLY E 349 -17.27 -2.41 24.91
C GLY E 349 -16.18 -2.65 25.94
N GLU E 350 -16.42 -3.55 26.90
CA GLU E 350 -15.38 -3.80 27.86
C GLU E 350 -15.29 -5.26 28.18
N PHE E 351 -14.07 -5.72 28.35
CA PHE E 351 -13.80 -7.11 28.60
C PHE E 351 -14.31 -7.64 29.94
N PHE E 352 -14.76 -8.88 29.93
CA PHE E 352 -15.19 -9.57 31.12
C PHE E 352 -14.75 -11.01 31.11
N TYR E 353 -14.62 -11.59 32.30
CA TYR E 353 -14.29 -12.99 32.44
C TYR E 353 -15.21 -13.59 33.47
N CYS E 354 -15.61 -14.85 33.36
CA CYS E 354 -16.40 -15.33 34.49
C CYS E 354 -16.13 -16.76 34.88
N ASN E 355 -16.55 -17.09 36.09
CA ASN E 355 -16.36 -18.45 36.56
C ASN E 355 -17.55 -19.24 36.20
N THR E 356 -17.46 -19.88 35.07
CA THR E 356 -18.54 -20.68 34.55
C THR E 356 -18.58 -22.07 35.10
N SER E 357 -17.59 -22.46 35.91
CA SER E 357 -17.54 -23.83 36.37
C SER E 357 -18.79 -24.29 37.10
N GLY E 358 -19.52 -23.38 37.72
CA GLY E 358 -20.74 -23.77 38.40
C GLY E 358 -21.77 -24.33 37.43
N LEU E 359 -21.71 -23.90 36.17
CA LEU E 359 -22.62 -24.37 35.16
C LEU E 359 -22.41 -25.83 34.82
N PHE E 360 -21.20 -26.30 35.09
CA PHE E 360 -20.85 -27.65 34.77
C PHE E 360 -20.91 -28.57 35.95
N ASN E 361 -21.47 -28.13 37.07
CA ASN E 361 -21.50 -28.99 38.23
C ASN E 361 -22.67 -29.97 38.17
N SER E 362 -22.60 -30.92 37.24
CA SER E 362 -23.64 -31.93 37.14
C SER E 362 -23.11 -33.23 36.54
N THR E 363 -23.90 -34.29 36.73
CA THR E 363 -23.64 -35.55 36.08
C THR E 363 -24.97 -36.03 35.52
N TRP E 364 -24.92 -36.92 34.56
CA TRP E 364 -26.12 -37.41 33.95
C TRP E 364 -26.15 -38.92 33.92
N ILE E 365 -27.33 -39.46 34.16
CA ILE E 365 -27.57 -40.88 34.25
C ILE E 365 -28.67 -41.31 33.34
N SER E 366 -28.76 -42.61 33.12
CA SER E 366 -29.86 -43.13 32.35
C SER E 366 -31.14 -42.82 33.11
N ASN E 367 -32.22 -42.59 32.41
CA ASN E 367 -33.49 -42.24 33.04
C ASN E 367 -33.31 -41.02 33.95
N ASN E 379 -33.70 -17.74 42.13
CA ASN E 379 -34.50 -18.94 42.32
C ASN E 379 -34.49 -19.75 41.04
N ASP E 380 -35.09 -19.18 40.01
CA ASP E 380 -35.14 -19.79 38.69
C ASP E 380 -33.92 -19.45 37.85
N SER E 381 -32.92 -18.79 38.44
CA SER E 381 -31.75 -18.30 37.74
C SER E 381 -30.47 -18.42 38.53
N ILE E 382 -29.35 -18.31 37.82
CA ILE E 382 -28.01 -18.41 38.41
C ILE E 382 -27.22 -17.16 38.14
N THR E 383 -26.52 -16.67 39.16
CA THR E 383 -25.68 -15.48 38.99
C THR E 383 -24.20 -15.83 39.02
N LEU E 384 -23.57 -15.88 37.86
CA LEU E 384 -22.14 -16.16 37.84
C LEU E 384 -21.31 -14.96 38.28
N PRO E 385 -20.25 -15.17 39.05
CA PRO E 385 -19.22 -14.22 39.44
C PRO E 385 -18.41 -13.85 38.21
N CYS E 386 -17.87 -12.64 38.16
CA CYS E 386 -17.05 -12.25 37.03
C CYS E 386 -15.86 -11.37 37.39
N ARG E 387 -14.96 -11.18 36.43
CA ARG E 387 -13.73 -10.41 36.61
C ARG E 387 -13.48 -9.50 35.43
N ILE E 388 -12.76 -8.42 35.67
CA ILE E 388 -12.41 -7.52 34.58
C ILE E 388 -10.93 -7.22 34.53
N LYS E 389 -10.35 -7.36 33.34
CA LYS E 389 -8.94 -7.03 33.13
C LYS E 389 -8.83 -5.94 32.06
N GLN E 390 -8.11 -4.85 32.33
CA GLN E 390 -7.99 -3.83 31.30
C GLN E 390 -6.81 -4.03 30.35
N ILE E 391 -5.87 -4.94 30.63
CA ILE E 391 -4.84 -5.15 29.61
C ILE E 391 -5.16 -6.37 28.79
N ILE E 392 -5.43 -6.14 27.53
CA ILE E 392 -5.80 -7.21 26.65
C ILE E 392 -4.71 -7.72 25.75
N ASN E 393 -4.34 -8.97 25.93
CA ASN E 393 -3.44 -9.60 24.97
C ASN E 393 -4.28 -10.35 23.94
N MET E 394 -4.48 -9.76 22.77
CA MET E 394 -5.33 -10.42 21.79
C MET E 394 -4.82 -11.71 21.20
N TRP E 395 -5.80 -12.57 20.94
CA TRP E 395 -5.63 -13.87 20.35
C TRP E 395 -4.52 -14.64 21.05
N GLN E 396 -3.71 -15.35 20.28
CA GLN E 396 -2.59 -16.06 20.86
C GLN E 396 -1.32 -15.24 20.75
N ARG E 397 -1.40 -14.09 20.13
CA ARG E 397 -0.22 -13.28 19.89
C ARG E 397 0.40 -12.77 21.17
N ILE E 398 1.73 -12.69 21.19
CA ILE E 398 2.40 -12.10 22.33
C ILE E 398 3.19 -10.85 21.97
N GLY E 399 3.16 -10.46 20.71
CA GLY E 399 3.89 -9.29 20.26
C GLY E 399 3.16 -7.98 20.49
N GLN E 400 1.93 -8.03 20.96
CA GLN E 400 1.16 -6.81 21.17
C GLN E 400 0.29 -6.87 22.40
N ALA E 401 -0.02 -5.72 22.95
CA ALA E 401 -0.96 -5.66 24.03
C ALA E 401 -1.63 -4.30 24.03
N MET E 402 -2.85 -4.23 24.54
CA MET E 402 -3.44 -2.92 24.60
C MET E 402 -4.28 -2.69 25.82
N TYR E 403 -4.29 -1.44 26.24
CA TYR E 403 -5.10 -1.00 27.35
C TYR E 403 -6.55 -0.87 26.96
N ALA E 404 -7.46 -1.29 27.80
CA ALA E 404 -8.84 -1.01 27.49
C ALA E 404 -9.23 0.19 28.33
N PRO E 405 -9.76 1.25 27.72
CA PRO E 405 -10.23 2.45 28.37
C PRO E 405 -11.39 2.13 29.27
N PRO E 406 -11.57 2.87 30.34
CA PRO E 406 -12.68 2.81 31.24
C PRO E 406 -13.91 3.30 30.50
N ILE E 407 -15.08 2.81 30.87
CA ILE E 407 -16.31 3.29 30.28
C ILE E 407 -17.20 3.74 31.39
N GLN E 408 -17.58 5.00 31.39
CA GLN E 408 -18.36 5.50 32.51
C GLN E 408 -19.75 4.89 32.62
N GLY E 409 -20.20 4.76 33.86
CA GLY E 409 -21.51 4.23 34.21
C GLY E 409 -21.51 2.71 34.35
N VAL E 410 -22.70 2.20 34.66
CA VAL E 410 -22.93 0.78 34.76
C VAL E 410 -23.05 0.11 33.40
N ILE E 411 -22.35 -0.99 33.22
CA ILE E 411 -22.48 -1.75 31.98
C ILE E 411 -23.63 -2.71 32.03
N ARG E 412 -24.44 -2.73 30.99
CA ARG E 412 -25.44 -3.76 30.89
C ARG E 412 -25.26 -4.53 29.61
N CYS E 413 -25.48 -5.82 29.66
CA CYS E 413 -25.31 -6.65 28.49
C CYS E 413 -26.39 -7.69 28.34
N VAL E 414 -26.91 -7.83 27.14
CA VAL E 414 -27.88 -8.88 26.88
C VAL E 414 -27.48 -9.64 25.63
N SER E 415 -27.46 -10.96 25.73
CA SER E 415 -27.10 -11.77 24.58
C SER E 415 -27.79 -13.12 24.57
N ASN E 416 -27.76 -13.77 23.41
CA ASN E 416 -28.30 -15.11 23.34
C ASN E 416 -27.15 -16.09 23.27
N ILE E 417 -27.15 -17.08 24.14
CA ILE E 417 -26.11 -18.07 24.06
C ILE E 417 -26.56 -19.07 23.05
N THR E 418 -25.73 -19.32 22.06
CA THR E 418 -26.12 -20.22 21.02
C THR E 418 -25.36 -21.53 20.91
N GLY E 419 -24.32 -21.73 21.71
CA GLY E 419 -23.65 -23.03 21.65
C GLY E 419 -22.50 -23.19 22.61
N LEU E 420 -21.85 -24.35 22.57
CA LEU E 420 -20.74 -24.63 23.47
C LEU E 420 -19.48 -25.10 22.76
N ILE E 421 -18.32 -24.69 23.26
CA ILE E 421 -17.09 -25.31 22.80
C ILE E 421 -16.65 -26.29 23.88
N LEU E 422 -16.69 -27.58 23.59
CA LEU E 422 -16.38 -28.58 24.60
C LEU E 422 -15.25 -29.50 24.26
N THR E 423 -14.66 -30.10 25.29
CA THR E 423 -13.63 -31.10 25.06
C THR E 423 -13.95 -32.31 25.90
N ARG E 424 -13.34 -33.44 25.55
CA ARG E 424 -13.58 -34.69 26.26
C ARG E 424 -12.30 -35.28 26.80
N ASP E 425 -12.36 -35.77 28.03
CA ASP E 425 -11.18 -36.40 28.62
C ASP E 425 -10.82 -37.72 27.98
N GLY E 426 -9.54 -37.88 27.69
CA GLY E 426 -8.98 -39.10 27.13
C GLY E 426 -8.92 -40.25 28.13
N GLY E 427 -8.70 -41.47 27.63
CA GLY E 427 -8.47 -42.63 28.47
C GLY E 427 -9.69 -43.31 29.08
N SER E 428 -10.90 -42.91 28.68
CA SER E 428 -12.09 -43.54 29.22
C SER E 428 -12.18 -45.00 28.83
N THR E 429 -12.86 -45.81 29.64
CA THR E 429 -13.03 -47.21 29.29
C THR E 429 -14.46 -47.67 29.47
N ASN E 430 -14.76 -48.80 28.84
CA ASN E 430 -16.04 -49.49 28.88
C ASN E 430 -17.17 -48.57 28.46
N SER E 431 -16.92 -47.74 27.46
CA SER E 431 -17.89 -46.80 26.90
C SER E 431 -18.66 -45.98 27.94
N THR E 432 -18.10 -45.73 29.12
CA THR E 432 -18.89 -45.00 30.12
C THR E 432 -18.16 -43.93 30.88
N THR E 433 -18.95 -43.10 31.55
CA THR E 433 -18.51 -41.95 32.36
C THR E 433 -17.75 -40.93 31.56
N GLU E 434 -18.16 -40.73 30.31
CA GLU E 434 -17.49 -39.72 29.52
C GLU E 434 -17.71 -38.39 30.18
N THR E 435 -16.72 -37.53 30.12
CA THR E 435 -16.92 -36.24 30.74
C THR E 435 -16.46 -35.14 29.86
N PHE E 436 -16.97 -33.96 30.14
CA PHE E 436 -16.69 -32.84 29.31
C PHE E 436 -16.42 -31.58 30.06
N ARG E 437 -15.71 -30.71 29.39
CA ARG E 437 -15.37 -29.39 29.90
C ARG E 437 -15.43 -28.39 28.80
N PRO E 438 -15.58 -27.12 29.13
CA PRO E 438 -15.48 -26.00 28.24
C PRO E 438 -14.04 -26.03 27.78
N GLY E 439 -13.77 -25.53 26.60
CA GLY E 439 -12.43 -25.69 26.05
C GLY E 439 -12.28 -25.00 24.72
N GLY E 440 -11.16 -25.25 24.04
CA GLY E 440 -10.92 -24.55 22.79
C GLY E 440 -10.54 -23.11 23.03
N GLY E 441 -11.26 -22.19 22.44
CA GLY E 441 -10.90 -20.80 22.51
C GLY E 441 -10.07 -20.33 21.31
N ASP E 442 -9.73 -21.24 20.40
CA ASP E 442 -9.18 -20.75 19.15
C ASP E 442 -10.34 -20.12 18.43
N MET E 443 -10.21 -18.86 18.06
CA MET E 443 -11.29 -18.16 17.40
C MET E 443 -11.72 -18.80 16.11
N ARG E 444 -10.84 -19.58 15.49
CA ARG E 444 -11.18 -20.26 14.28
C ARG E 444 -12.42 -21.09 14.41
N ASP E 445 -12.65 -21.67 15.59
CA ASP E 445 -13.82 -22.49 15.73
C ASP E 445 -15.08 -21.67 15.80
N ASN E 446 -14.94 -20.40 16.15
CA ASN E 446 -16.08 -19.58 16.19
C ASN E 446 -16.48 -19.27 14.79
N TRP E 447 -15.48 -19.03 13.95
CA TRP E 447 -15.82 -18.74 12.56
C TRP E 447 -16.49 -19.94 11.92
N ARG E 448 -16.03 -21.13 12.30
CA ARG E 448 -16.56 -22.36 11.78
C ARG E 448 -18.00 -22.59 12.15
N SER E 449 -18.38 -22.11 13.33
CA SER E 449 -19.75 -22.32 13.76
C SER E 449 -20.75 -21.75 12.76
N GLU E 450 -20.35 -20.78 11.95
CA GLU E 450 -21.25 -20.29 10.93
C GLU E 450 -20.87 -20.76 9.54
N LEU E 451 -19.57 -20.74 9.28
CA LEU E 451 -19.06 -21.01 7.95
C LEU E 451 -19.18 -22.43 7.47
N TYR E 452 -19.45 -23.37 8.37
CA TYR E 452 -19.64 -24.75 7.96
C TYR E 452 -20.75 -24.90 6.93
N LYS E 453 -21.69 -23.97 6.91
CA LYS E 453 -22.79 -23.99 5.97
C LYS E 453 -22.39 -23.79 4.49
N TYR E 454 -21.17 -23.32 4.23
CA TYR E 454 -20.83 -22.92 2.87
C TYR E 454 -19.53 -23.43 2.31
N LYS E 455 -19.49 -23.51 0.97
CA LYS E 455 -18.23 -23.74 0.31
C LYS E 455 -18.14 -22.89 -0.95
N VAL E 456 -16.93 -22.52 -1.33
CA VAL E 456 -16.71 -21.76 -2.54
C VAL E 456 -16.36 -22.64 -3.72
N VAL E 457 -17.03 -22.40 -4.83
CA VAL E 457 -16.67 -23.13 -6.03
C VAL E 457 -16.43 -22.19 -7.18
N LYS E 458 -15.74 -22.73 -8.15
CA LYS E 458 -15.41 -22.01 -9.34
C LYS E 458 -16.26 -22.45 -10.47
N ILE E 459 -16.78 -21.48 -11.20
CA ILE E 459 -17.59 -21.80 -12.34
C ILE E 459 -16.72 -22.00 -13.55
N GLU E 460 -16.85 -23.14 -14.20
CA GLU E 460 -16.10 -23.36 -15.43
C GLU E 460 -17.07 -23.51 -16.59
N PRO E 461 -17.52 -22.40 -17.17
CA PRO E 461 -18.51 -22.32 -18.25
C PRO E 461 -18.11 -23.01 -19.53
N LEU E 462 -16.82 -23.14 -19.76
CA LEU E 462 -16.36 -23.81 -20.94
C LEU E 462 -16.58 -25.31 -20.91
N GLY E 463 -16.97 -25.88 -22.04
CA GLY E 463 -16.99 -27.32 -22.12
C GLY E 463 -17.27 -27.78 -23.53
N VAL E 464 -17.21 -29.08 -23.72
CA VAL E 464 -17.47 -29.65 -25.03
C VAL E 464 -18.38 -30.85 -24.92
N ALA E 465 -18.99 -31.25 -26.01
CA ALA E 465 -19.70 -32.53 -26.02
C ALA E 465 -19.80 -33.01 -27.45
N PRO E 466 -19.96 -34.32 -27.67
CA PRO E 466 -20.09 -34.89 -28.99
C PRO E 466 -21.35 -34.42 -29.69
N THR E 467 -21.26 -34.25 -31.00
CA THR E 467 -22.38 -33.88 -31.84
C THR E 467 -22.42 -34.61 -33.16
N ARG E 468 -23.59 -34.57 -33.79
CA ARG E 468 -23.75 -35.10 -35.13
C ARG E 468 -23.31 -34.07 -36.18
N CYS E 469 -23.11 -32.83 -35.73
CA CYS E 469 -22.64 -31.74 -36.57
C CYS E 469 -21.17 -31.80 -36.93
N LYS E 470 -20.85 -31.39 -38.14
CA LYS E 470 -19.47 -31.19 -38.50
C LYS E 470 -19.42 -29.78 -39.04
N ARG E 471 -18.29 -29.11 -38.93
CA ARG E 471 -18.26 -27.70 -39.28
C ARG E 471 -18.58 -27.42 -40.73
N ARG E 472 -19.25 -26.30 -40.93
CA ARG E 472 -19.63 -25.82 -42.23
C ARG E 472 -18.44 -25.43 -43.10
N VAL E 473 -18.60 -25.60 -44.40
CA VAL E 473 -17.58 -25.23 -45.37
C VAL E 473 -17.42 -23.71 -45.45
N VAL E 474 -16.18 -23.27 -45.54
CA VAL E 474 -15.88 -21.84 -45.65
C VAL E 474 -16.49 -21.26 -46.91
N LEU F 9 -35.81 -18.83 -14.97
CA LEU F 9 -35.23 -19.50 -13.83
C LEU F 9 -34.18 -18.62 -13.15
N GLY F 10 -32.93 -19.06 -13.15
CA GLY F 10 -31.86 -18.28 -12.56
C GLY F 10 -30.53 -18.98 -12.76
N PHE F 11 -29.48 -18.37 -12.26
CA PHE F 11 -28.14 -18.87 -12.43
C PHE F 11 -28.00 -20.28 -11.85
N LEU F 12 -27.33 -21.13 -12.61
CA LEU F 12 -27.07 -22.53 -12.31
C LEU F 12 -28.33 -23.37 -12.19
N GLY F 13 -29.47 -22.91 -12.72
CA GLY F 13 -30.68 -23.73 -12.64
C GLY F 13 -30.53 -25.02 -13.42
N ALA F 14 -29.67 -25.00 -14.43
CA ALA F 14 -29.39 -26.13 -15.30
C ALA F 14 -28.72 -27.28 -14.58
N ALA F 15 -28.21 -27.07 -13.38
CA ALA F 15 -27.58 -28.16 -12.66
C ALA F 15 -28.61 -29.26 -12.31
N GLY F 16 -29.90 -28.91 -12.35
CA GLY F 16 -30.96 -29.87 -12.08
C GLY F 16 -31.42 -30.67 -13.29
N SER F 17 -30.74 -30.53 -14.42
CA SER F 17 -31.22 -31.21 -15.61
C SER F 17 -30.12 -31.74 -16.47
N THR F 18 -30.50 -32.60 -17.40
CA THR F 18 -29.57 -33.23 -18.30
C THR F 18 -28.93 -32.24 -19.24
N MET F 19 -27.80 -32.67 -19.79
CA MET F 19 -26.99 -31.81 -20.64
C MET F 19 -27.74 -31.16 -21.77
N GLY F 20 -28.67 -31.86 -22.41
CA GLY F 20 -29.38 -31.18 -23.48
C GLY F 20 -30.24 -30.05 -22.98
N ALA F 21 -30.85 -30.24 -21.81
CA ALA F 21 -31.70 -29.21 -21.26
C ALA F 21 -30.89 -28.04 -20.76
N ALA F 22 -29.62 -28.29 -20.44
CA ALA F 22 -28.78 -27.22 -19.95
C ALA F 22 -28.54 -26.14 -20.97
N SER F 23 -28.72 -26.46 -22.26
CA SER F 23 -28.48 -25.49 -23.30
C SER F 23 -29.39 -24.28 -23.21
N MET F 24 -30.56 -24.46 -22.61
CA MET F 24 -31.52 -23.38 -22.51
C MET F 24 -31.10 -22.19 -21.69
N THR F 25 -30.17 -22.40 -20.76
CA THR F 25 -29.77 -21.34 -19.88
C THR F 25 -28.41 -20.77 -20.17
N LEU F 26 -27.79 -21.17 -21.27
CA LEU F 26 -26.40 -20.78 -21.41
C LEU F 26 -26.15 -19.28 -21.41
N THR F 27 -27.09 -18.50 -21.95
CA THR F 27 -26.90 -17.07 -21.92
C THR F 27 -27.03 -16.50 -20.54
N VAL F 28 -27.75 -17.20 -19.67
CA VAL F 28 -27.88 -16.78 -18.30
C VAL F 28 -26.61 -16.97 -17.59
N GLN F 29 -26.00 -18.11 -17.85
CA GLN F 29 -24.79 -18.46 -17.17
C GLN F 29 -23.67 -17.51 -17.48
N ALA F 30 -23.62 -17.04 -18.72
CA ALA F 30 -22.59 -16.10 -19.09
C ALA F 30 -22.74 -14.75 -18.42
N ARG F 31 -23.93 -14.45 -17.91
CA ARG F 31 -24.15 -13.16 -17.32
C ARG F 31 -23.33 -12.87 -16.11
N ASN F 32 -22.97 -13.91 -15.35
CA ASN F 32 -22.28 -13.60 -14.13
C ASN F 32 -20.78 -13.73 -14.17
N LEU F 33 -20.22 -13.86 -15.35
CA LEU F 33 -18.78 -13.98 -15.40
C LEU F 33 -18.04 -12.72 -14.95
N LEU F 34 -18.58 -11.55 -15.31
CA LEU F 34 -18.01 -10.27 -14.87
C LEU F 34 -18.86 -9.49 -13.85
N SER F 35 -20.06 -9.98 -13.61
CA SER F 35 -21.06 -9.33 -12.75
C SER F 35 -20.79 -9.28 -11.25
N GLY F 36 -21.40 -8.27 -10.62
CA GLY F 36 -21.41 -8.06 -9.16
C GLY F 36 -20.29 -7.19 -8.63
N ILE F 37 -19.39 -6.78 -9.51
CA ILE F 37 -18.33 -5.85 -9.14
C ILE F 37 -18.58 -4.54 -9.88
N VAL F 38 -19.72 -4.45 -10.55
CA VAL F 38 -20.08 -3.30 -11.35
C VAL F 38 -20.19 -2.00 -10.58
N GLN F 39 -20.64 -2.06 -9.32
CA GLN F 39 -20.81 -0.85 -8.54
C GLN F 39 -19.97 -0.82 -7.25
N GLN F 40 -19.24 0.28 -7.06
CA GLN F 40 -18.48 0.50 -5.84
C GLN F 40 -18.47 1.98 -5.48
N LEU F 57 -8.25 2.30 2.36
CA LEU F 57 -7.80 1.21 3.22
C LEU F 57 -7.15 0.11 2.41
N THR F 58 -5.99 -0.38 2.86
CA THR F 58 -5.38 -1.51 2.19
C THR F 58 -6.19 -2.78 2.38
N VAL F 59 -6.74 -2.92 3.57
CA VAL F 59 -7.55 -4.07 3.90
C VAL F 59 -8.80 -4.01 3.08
N TRP F 60 -9.22 -5.14 2.55
CA TRP F 60 -10.41 -5.25 1.73
C TRP F 60 -10.27 -4.63 0.38
N GLY F 61 -10.02 -3.33 0.29
CA GLY F 61 -9.92 -2.72 -1.00
C GLY F 61 -8.81 -3.35 -1.83
N ILE F 62 -7.70 -3.78 -1.22
CA ILE F 62 -6.72 -4.46 -2.03
C ILE F 62 -7.25 -5.80 -2.46
N LYS F 63 -8.07 -6.42 -1.60
CA LYS F 63 -8.63 -7.70 -1.90
C LYS F 63 -9.63 -7.60 -3.01
N GLN F 64 -10.36 -6.50 -3.01
CA GLN F 64 -11.34 -6.22 -4.02
C GLN F 64 -10.67 -6.07 -5.34
N LEU F 65 -9.56 -5.38 -5.31
CA LEU F 65 -8.80 -5.17 -6.49
C LEU F 65 -8.29 -6.46 -7.06
N GLN F 66 -7.83 -7.36 -6.19
CA GLN F 66 -7.38 -8.64 -6.67
C GLN F 66 -8.50 -9.42 -7.29
N ALA F 67 -9.68 -9.32 -6.70
CA ALA F 67 -10.82 -10.01 -7.24
C ALA F 67 -11.20 -9.48 -8.59
N ARG F 68 -11.08 -8.16 -8.76
CA ARG F 68 -11.42 -7.59 -10.03
C ARG F 68 -10.52 -8.07 -11.12
N VAL F 69 -9.24 -8.17 -10.77
CA VAL F 69 -8.29 -8.65 -11.73
C VAL F 69 -8.50 -10.08 -12.08
N LEU F 70 -8.78 -10.90 -11.08
CA LEU F 70 -9.00 -12.29 -11.32
C LEU F 70 -10.16 -12.55 -12.23
N ALA F 71 -11.26 -11.85 -12.01
CA ALA F 71 -12.42 -12.06 -12.83
C ALA F 71 -12.13 -11.73 -14.27
N VAL F 72 -11.39 -10.64 -14.48
CA VAL F 72 -11.06 -10.27 -15.81
C VAL F 72 -10.18 -11.25 -16.49
N GLU F 73 -9.18 -11.74 -15.78
CA GLU F 73 -8.26 -12.65 -16.39
C GLU F 73 -8.90 -13.93 -16.81
N ARG F 74 -9.77 -14.46 -15.97
CA ARG F 74 -10.38 -15.70 -16.35
C ARG F 74 -11.27 -15.54 -17.54
N TYR F 75 -11.97 -14.42 -17.58
CA TYR F 75 -12.84 -14.16 -18.69
C TYR F 75 -12.09 -14.10 -19.97
N LEU F 76 -10.96 -13.43 -19.95
CA LEU F 76 -10.17 -13.32 -21.14
C LEU F 76 -9.59 -14.61 -21.60
N ARG F 77 -9.24 -15.50 -20.67
CA ARG F 77 -8.66 -16.75 -21.10
C ARG F 77 -9.65 -17.56 -21.88
N ASP F 78 -10.90 -17.51 -21.47
CA ASP F 78 -11.88 -18.25 -22.21
C ASP F 78 -12.13 -17.64 -23.56
N GLN F 79 -12.16 -16.32 -23.60
CA GLN F 79 -12.40 -15.67 -24.86
C GLN F 79 -11.29 -15.92 -25.82
N GLN F 80 -10.08 -16.01 -25.29
CA GLN F 80 -8.95 -16.28 -26.12
C GLN F 80 -9.07 -17.62 -26.77
N LEU F 81 -9.49 -18.62 -26.00
CA LEU F 81 -9.63 -19.94 -26.55
C LEU F 81 -10.69 -20.02 -27.60
N LEU F 82 -11.79 -19.32 -27.38
CA LEU F 82 -12.85 -19.35 -28.36
C LEU F 82 -12.42 -18.73 -29.66
N GLY F 83 -11.63 -17.66 -29.56
CA GLY F 83 -11.13 -17.01 -30.75
C GLY F 83 -10.19 -17.92 -31.50
N ILE F 84 -9.45 -18.75 -30.77
CA ILE F 84 -8.58 -19.69 -31.43
C ILE F 84 -9.38 -20.74 -32.14
N TRP F 85 -10.39 -21.22 -31.45
CA TRP F 85 -11.25 -22.25 -31.94
C TRP F 85 -12.22 -21.80 -33.02
N GLY F 86 -12.39 -20.49 -33.17
CA GLY F 86 -13.29 -19.91 -34.15
C GLY F 86 -14.72 -19.93 -33.65
N CYS F 87 -14.89 -20.29 -32.38
CA CYS F 87 -16.18 -20.37 -31.76
C CYS F 87 -16.55 -19.10 -31.03
N SER F 88 -15.77 -18.05 -31.24
CA SER F 88 -16.01 -16.80 -30.59
C SER F 88 -17.36 -16.23 -30.95
N GLY F 89 -17.96 -15.60 -29.96
CA GLY F 89 -19.23 -14.94 -30.08
C GLY F 89 -20.37 -15.94 -30.03
N LYS F 90 -20.09 -17.20 -29.72
CA LYS F 90 -21.17 -18.16 -29.69
C LYS F 90 -21.14 -19.00 -28.43
N LEU F 91 -22.31 -19.37 -27.91
CA LEU F 91 -22.34 -20.28 -26.77
C LEU F 91 -22.44 -21.71 -27.23
N ILE F 92 -22.73 -21.87 -28.51
CA ILE F 92 -22.79 -23.15 -29.14
C ILE F 92 -22.00 -23.07 -30.40
N CYS F 93 -21.21 -24.07 -30.68
CA CYS F 93 -20.42 -24.00 -31.88
C CYS F 93 -20.32 -25.36 -32.49
N CYS F 94 -19.87 -25.40 -33.73
CA CYS F 94 -19.74 -26.64 -34.46
C CYS F 94 -18.37 -26.83 -35.03
N THR F 95 -17.51 -27.40 -34.22
CA THR F 95 -16.17 -27.74 -34.61
C THR F 95 -16.19 -28.85 -35.63
N ASN F 96 -15.14 -28.96 -36.40
CA ASN F 96 -15.03 -30.03 -37.35
C ASN F 96 -14.17 -31.16 -36.82
N VAL F 97 -13.87 -31.14 -35.53
CA VAL F 97 -12.98 -32.15 -35.02
C VAL F 97 -13.69 -33.38 -34.46
N PRO F 98 -13.46 -34.55 -35.08
CA PRO F 98 -13.91 -35.86 -34.68
C PRO F 98 -13.22 -36.19 -33.39
N TRP F 99 -13.80 -37.00 -32.56
CA TRP F 99 -13.07 -37.33 -31.34
C TRP F 99 -12.86 -38.81 -31.23
N ASN F 100 -11.83 -39.21 -30.51
CA ASN F 100 -11.56 -40.62 -30.43
C ASN F 100 -12.54 -41.24 -29.50
N SER F 101 -13.35 -42.13 -30.06
CA SER F 101 -14.44 -42.73 -29.34
C SER F 101 -14.06 -43.43 -28.06
N SER F 102 -12.80 -43.83 -27.91
CA SER F 102 -12.39 -44.47 -26.68
C SER F 102 -12.61 -43.63 -25.43
N TRP F 103 -12.67 -42.30 -25.60
CA TRP F 103 -12.85 -41.42 -24.45
C TRP F 103 -14.19 -41.66 -23.73
N SER F 104 -15.20 -42.13 -24.44
CA SER F 104 -16.48 -42.48 -23.83
C SER F 104 -17.18 -43.54 -24.65
N ASN F 105 -17.96 -44.39 -24.01
CA ASN F 105 -18.63 -45.42 -24.77
C ASN F 105 -20.08 -45.52 -24.39
N ARG F 106 -20.84 -44.55 -24.83
CA ARG F 106 -22.25 -44.50 -24.54
C ARG F 106 -22.97 -43.99 -25.76
N ASN F 107 -24.22 -44.40 -25.97
CA ASN F 107 -24.90 -43.91 -27.15
C ASN F 107 -25.14 -42.44 -26.95
N LEU F 108 -25.04 -41.67 -28.02
CA LEU F 108 -25.09 -40.24 -27.87
C LEU F 108 -26.33 -39.75 -27.15
N SER F 109 -27.51 -40.31 -27.46
CA SER F 109 -28.73 -39.94 -26.75
C SER F 109 -28.68 -40.34 -25.29
N GLU F 110 -27.94 -41.41 -25.01
CA GLU F 110 -27.76 -41.90 -23.66
C GLU F 110 -26.85 -40.99 -22.86
N ILE F 111 -26.21 -40.05 -23.52
CA ILE F 111 -25.38 -39.14 -22.79
C ILE F 111 -26.14 -37.87 -22.55
N TRP F 112 -26.59 -37.28 -23.65
CA TRP F 112 -27.28 -36.02 -23.61
C TRP F 112 -28.57 -35.99 -22.83
N ASP F 113 -29.27 -37.12 -22.80
CA ASP F 113 -30.54 -37.12 -22.11
C ASP F 113 -30.54 -37.62 -20.67
N ASN F 114 -29.40 -37.94 -20.08
CA ASN F 114 -29.52 -38.44 -18.70
C ASN F 114 -28.50 -37.97 -17.68
N MET F 115 -27.78 -36.90 -17.91
CA MET F 115 -26.84 -36.51 -16.85
C MET F 115 -26.61 -35.03 -16.75
N THR F 116 -26.26 -34.58 -15.55
CA THR F 116 -25.92 -33.19 -15.36
C THR F 116 -24.65 -32.99 -16.13
N TRP F 117 -24.49 -31.83 -16.76
CA TRP F 117 -23.31 -31.62 -17.57
C TRP F 117 -22.05 -31.83 -16.78
N LEU F 118 -22.09 -31.45 -15.51
CA LEU F 118 -21.00 -31.65 -14.60
C LEU F 118 -20.63 -33.10 -14.42
N GLN F 119 -21.62 -33.99 -14.39
CA GLN F 119 -21.31 -35.38 -14.25
C GLN F 119 -20.55 -35.85 -15.45
N TRP F 120 -21.03 -35.39 -16.61
CA TRP F 120 -20.37 -35.71 -17.84
C TRP F 120 -18.97 -35.17 -17.89
N ASP F 121 -18.78 -34.00 -17.28
CA ASP F 121 -17.50 -33.37 -17.24
C ASP F 121 -16.51 -34.21 -16.52
N LYS F 122 -16.96 -34.84 -15.44
CA LYS F 122 -16.04 -35.68 -14.73
C LYS F 122 -15.56 -36.82 -15.60
N GLU F 123 -16.44 -37.38 -16.43
CA GLU F 123 -15.98 -38.45 -17.31
C GLU F 123 -14.97 -37.99 -18.36
N ILE F 124 -15.25 -36.87 -19.01
CA ILE F 124 -14.35 -36.31 -20.02
C ILE F 124 -13.05 -35.76 -19.50
N SER F 125 -13.00 -35.44 -18.21
CA SER F 125 -11.92 -34.68 -17.64
C SER F 125 -10.48 -35.11 -17.90
N ASN F 126 -10.22 -36.35 -18.25
CA ASN F 126 -8.83 -36.67 -18.51
C ASN F 126 -8.45 -36.58 -19.98
N TYR F 127 -9.35 -36.12 -20.83
CA TYR F 127 -9.02 -35.99 -22.23
C TYR F 127 -9.00 -34.56 -22.71
N THR F 128 -9.26 -33.64 -21.78
CA THR F 128 -9.52 -32.28 -22.22
C THR F 128 -8.38 -31.55 -22.87
N GLN F 129 -7.16 -31.92 -22.55
CA GLN F 129 -6.09 -31.20 -23.17
C GLN F 129 -5.76 -31.77 -24.52
N ILE F 130 -6.29 -32.95 -24.80
CA ILE F 130 -6.04 -33.54 -26.07
C ILE F 130 -6.87 -32.78 -27.03
N ILE F 131 -8.10 -32.58 -26.59
CA ILE F 131 -9.08 -31.93 -27.39
C ILE F 131 -8.72 -30.53 -27.69
N TYR F 132 -8.21 -29.81 -26.70
CA TYR F 132 -7.91 -28.44 -26.96
C TYR F 132 -6.83 -28.26 -27.99
N GLY F 133 -5.82 -29.15 -27.97
CA GLY F 133 -4.79 -29.04 -28.98
C GLY F 133 -5.34 -29.36 -30.35
N LEU F 134 -6.27 -30.30 -30.40
CA LEU F 134 -6.87 -30.63 -31.66
C LEU F 134 -7.67 -29.50 -32.22
N LEU F 135 -8.39 -28.81 -31.37
CA LEU F 135 -9.19 -27.73 -31.86
C LEU F 135 -8.36 -26.64 -32.45
N GLU F 136 -7.23 -26.36 -31.80
CA GLU F 136 -6.35 -25.33 -32.29
C GLU F 136 -5.78 -25.59 -33.66
N GLU F 137 -5.30 -26.80 -33.88
CA GLU F 137 -4.67 -27.05 -35.15
C GLU F 137 -5.35 -27.96 -36.11
N SER F 138 -5.90 -29.08 -35.60
CA SER F 138 -6.45 -30.06 -36.50
C SER F 138 -7.55 -29.48 -37.33
N GLN F 139 -8.23 -28.48 -36.79
CA GLN F 139 -9.18 -27.81 -37.62
C GLN F 139 -8.90 -26.36 -37.79
N ASN F 140 -8.59 -25.63 -36.72
CA ASN F 140 -8.47 -24.22 -36.98
C ASN F 140 -7.22 -23.75 -37.69
N GLN F 141 -6.04 -24.26 -37.34
CA GLN F 141 -4.90 -23.83 -38.14
C GLN F 141 -5.05 -24.33 -39.55
N GLN F 142 -5.52 -25.55 -39.68
CA GLN F 142 -5.72 -26.12 -40.99
C GLN F 142 -6.76 -25.40 -41.79
N GLU F 143 -7.83 -24.98 -41.13
CA GLU F 143 -8.86 -24.25 -41.81
C GLU F 143 -8.33 -22.97 -42.31
N LYS F 144 -7.55 -22.29 -41.48
CA LYS F 144 -6.98 -21.02 -41.85
C LYS F 144 -6.04 -21.15 -43.01
N ASN F 145 -5.40 -22.30 -43.15
CA ASN F 145 -4.52 -22.49 -44.28
C ASN F 145 -5.37 -22.54 -45.52
N GLU F 146 -6.48 -23.28 -45.41
CA GLU F 146 -7.40 -23.41 -46.51
C GLU F 146 -8.11 -22.11 -46.81
N GLN F 147 -8.37 -21.33 -45.76
CA GLN F 147 -8.98 -20.04 -45.94
C GLN F 147 -8.09 -19.14 -46.73
N ASP F 148 -6.79 -19.26 -46.47
CA ASP F 148 -5.85 -18.47 -47.22
C ASP F 148 -5.82 -18.89 -48.66
N LEU F 149 -5.91 -20.20 -48.90
CA LEU F 149 -5.94 -20.63 -50.27
C LEU F 149 -7.15 -20.10 -50.99
N LEU F 150 -8.28 -20.06 -50.28
CA LEU F 150 -9.48 -19.48 -50.84
C LEU F 150 -9.34 -17.98 -51.03
N ALA F 151 -8.58 -17.34 -50.14
CA ALA F 151 -8.33 -15.92 -50.24
C ALA F 151 -7.50 -15.60 -51.47
N LEU F 152 -6.75 -16.58 -51.94
CA LEU F 152 -5.95 -16.41 -53.13
C LEU F 152 -6.70 -16.77 -54.42
N ASP F 153 -7.98 -17.08 -54.31
CA ASP F 153 -8.78 -17.42 -55.48
C ASP F 153 -9.55 -16.21 -55.96
N GLN G 1 17.57 -28.56 16.29
CA GLN G 1 17.32 -29.87 16.87
C GLN G 1 16.01 -29.89 17.62
N VAL G 2 15.02 -30.56 17.05
CA VAL G 2 13.69 -30.65 17.64
C VAL G 2 13.60 -31.31 19.01
N GLN G 3 14.62 -32.09 19.39
CA GLN G 3 14.55 -32.86 20.62
C GLN G 3 14.31 -32.06 21.88
N LEU G 4 13.43 -32.60 22.70
CA LEU G 4 13.10 -32.04 23.99
C LEU G 4 14.18 -32.19 25.03
N LEU G 5 14.35 -31.17 25.85
CA LEU G 5 15.19 -31.31 27.03
C LEU G 5 14.47 -32.21 27.99
N GLN G 6 15.19 -33.07 28.68
CA GLN G 6 14.55 -33.89 29.70
C GLN G 6 15.18 -33.69 31.07
N SER G 7 14.35 -33.36 32.08
CA SER G 7 14.83 -33.21 33.45
C SER G 7 15.30 -34.53 34.07
N GLY G 8 16.22 -34.41 35.03
CA GLY G 8 16.82 -35.54 35.75
C GLY G 8 15.89 -36.31 36.70
N ALA G 9 16.27 -37.56 36.98
CA ALA G 9 15.60 -38.50 37.90
C ALA G 9 15.52 -37.99 39.33
N ALA G 10 14.47 -38.40 40.04
CA ALA G 10 14.32 -37.98 41.42
C ALA G 10 13.53 -38.99 42.24
N VAL G 11 13.76 -38.98 43.55
CA VAL G 11 13.04 -39.85 44.46
C VAL G 11 12.58 -39.13 45.68
N THR G 12 11.35 -39.41 46.11
CA THR G 12 10.84 -38.84 47.35
C THR G 12 10.11 -39.86 48.21
N LYS G 13 9.91 -39.54 49.47
CA LYS G 13 9.09 -40.36 50.35
C LYS G 13 7.63 -40.20 49.97
N PRO G 14 6.77 -41.17 50.25
CA PRO G 14 5.38 -41.20 49.86
C PRO G 14 4.62 -40.01 50.43
N GLY G 15 3.66 -39.57 49.66
CA GLY G 15 2.77 -38.46 49.94
C GLY G 15 3.38 -37.14 49.45
N ALA G 16 4.63 -37.19 48.98
CA ALA G 16 5.31 -36.03 48.44
C ALA G 16 4.69 -35.47 47.19
N SER G 17 4.79 -34.17 47.02
CA SER G 17 4.40 -33.58 45.76
C SER G 17 5.67 -33.41 44.95
N VAL G 18 5.63 -33.72 43.66
CA VAL G 18 6.83 -33.60 42.83
C VAL G 18 6.63 -32.91 41.52
N ARG G 19 7.74 -32.47 40.94
CA ARG G 19 7.72 -31.86 39.61
C ARG G 19 8.79 -32.41 38.69
N VAL G 20 8.42 -32.54 37.42
CA VAL G 20 9.34 -32.94 36.37
C VAL G 20 9.20 -31.97 35.22
N SER G 21 10.19 -31.91 34.34
CA SER G 21 10.06 -30.95 33.24
C SER G 21 10.75 -31.33 31.93
N CYS G 22 10.37 -30.60 30.89
CA CYS G 22 10.97 -30.73 29.58
C CYS G 22 11.07 -29.37 28.90
N GLU G 23 11.83 -29.29 27.81
CA GLU G 23 11.90 -28.02 27.10
C GLU G 23 11.92 -28.16 25.58
N ALA G 24 11.16 -27.29 24.90
CA ALA G 24 11.12 -27.23 23.45
C ALA G 24 12.47 -26.84 22.89
N SER G 25 12.83 -27.37 21.72
CA SER G 25 14.09 -26.93 21.16
C SER G 25 14.05 -26.38 19.73
N GLY G 26 14.05 -27.26 18.74
CA GLY G 26 14.14 -26.88 17.32
C GLY G 26 12.88 -26.53 16.53
N TYR G 27 11.73 -26.43 17.16
CA TYR G 27 10.54 -26.16 16.36
C TYR G 27 9.54 -25.28 17.03
N ASN G 28 8.59 -24.79 16.25
CA ASN G 28 7.58 -23.92 16.83
C ASN G 28 6.57 -24.75 17.57
N ILE G 29 6.64 -24.62 18.89
CA ILE G 29 5.82 -25.39 19.80
C ILE G 29 4.34 -25.19 19.62
N ARG G 30 3.96 -24.04 19.09
CA ARG G 30 2.57 -23.70 18.97
C ARG G 30 1.80 -24.65 18.10
N ASP G 31 2.48 -25.30 17.17
CA ASP G 31 1.77 -26.16 16.27
C ASP G 31 1.65 -27.60 16.75
N TYR G 32 2.09 -27.93 17.95
CA TYR G 32 1.98 -29.33 18.33
C TYR G 32 1.52 -29.57 19.75
N PHE G 33 0.65 -30.55 19.93
CA PHE G 33 0.29 -30.96 21.28
C PHE G 33 1.45 -31.62 21.97
N ILE G 34 1.56 -31.41 23.26
CA ILE G 34 2.57 -32.10 24.03
C ILE G 34 1.91 -33.14 24.88
N HIS G 35 2.54 -34.29 24.98
CA HIS G 35 1.94 -35.36 25.75
C HIS G 35 2.88 -35.91 26.76
N TRP G 36 2.29 -36.46 27.80
CA TRP G 36 3.05 -37.10 28.80
C TRP G 36 2.67 -38.55 28.85
N TRP G 37 3.68 -39.38 29.05
CA TRP G 37 3.51 -40.81 29.17
C TRP G 37 4.28 -41.35 30.35
N ARG G 38 3.82 -42.45 30.89
CA ARG G 38 4.53 -43.05 32.00
C ARG G 38 4.54 -44.53 31.88
N GLN G 39 5.56 -45.19 32.38
CA GLN G 39 5.39 -46.62 32.45
C GLN G 39 6.04 -47.19 33.67
N ALA G 40 5.39 -48.17 34.27
CA ALA G 40 6.02 -48.90 35.33
C ALA G 40 7.14 -49.65 34.69
N PRO G 41 8.24 -49.89 35.38
CA PRO G 41 9.27 -50.71 34.82
C PRO G 41 8.65 -52.07 34.63
N GLY G 42 9.05 -52.75 33.57
CA GLY G 42 8.50 -54.07 33.31
C GLY G 42 7.09 -53.99 32.72
N GLN G 43 6.64 -52.78 32.34
CA GLN G 43 5.27 -52.62 31.86
C GLN G 43 5.14 -51.69 30.68
N GLY G 44 4.05 -51.88 29.93
CA GLY G 44 3.72 -51.07 28.77
C GLY G 44 3.36 -49.65 29.17
N LEU G 45 3.47 -48.74 28.22
CA LEU G 45 3.20 -47.34 28.45
C LEU G 45 1.77 -47.01 28.81
N GLN G 46 1.63 -46.02 29.67
CA GLN G 46 0.35 -45.50 30.03
C GLN G 46 0.28 -44.03 29.69
N TRP G 47 -0.75 -43.63 28.97
CA TRP G 47 -0.87 -42.22 28.66
C TRP G 47 -1.15 -41.45 29.92
N VAL G 48 -0.56 -40.28 30.03
CA VAL G 48 -0.81 -39.46 31.19
C VAL G 48 -1.71 -38.30 30.85
N GLY G 49 -1.35 -37.56 29.82
CA GLY G 49 -2.19 -36.45 29.42
C GLY G 49 -1.64 -35.67 28.24
N TRP G 50 -2.37 -34.62 27.86
CA TRP G 50 -1.81 -33.70 26.89
C TRP G 50 -2.08 -32.27 27.24
N ILE G 51 -1.22 -31.40 26.72
CA ILE G 51 -1.42 -30.00 26.95
C ILE G 51 -1.30 -29.24 25.65
N ASN G 52 -2.23 -28.31 25.45
CA ASN G 52 -2.15 -27.43 24.31
C ASN G 52 -1.29 -26.28 24.71
N PRO G 53 -0.04 -26.24 24.28
CA PRO G 53 0.94 -25.26 24.68
C PRO G 53 0.55 -23.85 24.37
N LYS G 54 -0.31 -23.64 23.40
CA LYS G 54 -0.71 -22.28 23.15
C LYS G 54 -1.57 -21.73 24.25
N THR G 55 -2.38 -22.61 24.83
CA THR G 55 -3.32 -22.17 25.84
C THR G 55 -3.00 -22.69 27.20
N GLY G 56 -2.05 -23.59 27.31
CA GLY G 56 -1.77 -24.12 28.62
C GLY G 56 -2.80 -25.17 29.01
N GLN G 57 -3.63 -25.63 28.06
CA GLN G 57 -4.77 -26.47 28.39
C GLN G 57 -4.50 -27.98 28.52
N PRO G 58 -4.51 -28.55 29.73
CA PRO G 58 -4.38 -29.97 30.07
C PRO G 58 -5.56 -30.84 29.67
N ASN G 59 -5.27 -32.12 29.43
CA ASN G 59 -6.28 -33.15 29.28
C ASN G 59 -5.81 -34.41 29.98
N ASN G 60 -6.54 -34.86 30.99
CA ASN G 60 -6.13 -36.05 31.72
C ASN G 60 -7.25 -37.08 31.85
N PRO G 61 -6.92 -38.36 32.02
CA PRO G 61 -7.81 -39.47 32.30
C PRO G 61 -8.51 -39.27 33.60
N ARG G 62 -9.70 -39.83 33.70
CA ARG G 62 -10.49 -39.78 34.94
C ARG G 62 -9.70 -40.34 36.12
N GLN G 63 -8.81 -41.28 35.84
CA GLN G 63 -7.95 -41.88 36.83
C GLN G 63 -7.07 -40.91 37.57
N PHE G 64 -6.61 -39.90 36.87
CA PHE G 64 -5.70 -38.97 37.47
C PHE G 64 -6.34 -37.68 37.87
N GLN G 65 -7.66 -37.60 37.86
CA GLN G 65 -8.19 -36.29 38.12
C GLN G 65 -7.89 -35.87 39.52
N GLY G 66 -7.50 -34.62 39.63
CA GLY G 66 -7.24 -33.97 40.90
C GLY G 66 -5.90 -34.38 41.49
N ARG G 67 -5.09 -35.14 40.75
CA ARG G 67 -3.81 -35.60 41.29
C ARG G 67 -2.63 -35.09 40.52
N VAL G 68 -2.88 -34.67 39.31
CA VAL G 68 -1.81 -34.23 38.44
C VAL G 68 -2.15 -32.93 37.77
N SER G 69 -1.13 -32.16 37.47
CA SER G 69 -1.35 -30.94 36.72
C SER G 69 -0.27 -30.75 35.70
N LEU G 70 -0.62 -30.06 34.63
CA LEU G 70 0.36 -29.78 33.61
C LEU G 70 0.47 -28.30 33.44
N THR G 71 1.69 -27.83 33.22
CA THR G 71 1.84 -26.42 32.97
C THR G 71 2.79 -26.21 31.82
N ARG G 72 2.78 -25.00 31.30
CA ARG G 72 3.68 -24.66 30.23
C ARG G 72 4.22 -23.27 30.47
N HIS G 73 5.39 -23.02 29.93
CA HIS G 73 6.06 -21.77 30.14
C HIS G 73 6.86 -21.40 28.90
N ALA G 74 7.26 -20.15 28.82
CA ALA G 74 8.02 -19.76 27.66
C ALA G 74 9.02 -18.70 28.00
N SER G 75 10.08 -18.62 27.22
CA SER G 75 11.05 -17.57 27.39
C SER G 75 10.40 -16.26 27.15
N TRP G 76 10.85 -15.23 27.82
CA TRP G 76 10.30 -13.91 27.53
C TRP G 76 10.54 -13.48 26.07
N ASP G 77 11.57 -14.02 25.41
CA ASP G 77 11.74 -13.74 23.99
C ASP G 77 11.06 -14.83 23.13
N PHE G 78 10.38 -15.75 23.80
CA PHE G 78 9.62 -16.85 23.24
C PHE G 78 10.41 -17.79 22.38
N ASP G 79 11.72 -17.87 22.57
CA ASP G 79 12.44 -18.82 21.77
C ASP G 79 12.61 -20.17 22.43
N THR G 80 12.10 -20.33 23.65
CA THR G 80 12.09 -21.64 24.27
C THR G 80 10.76 -21.84 24.91
N TYR G 81 10.41 -23.09 25.18
CA TYR G 81 9.18 -23.36 25.88
C TYR G 81 9.44 -24.44 26.87
N SER G 82 8.69 -24.48 27.94
CA SER G 82 8.94 -25.50 28.92
C SER G 82 7.66 -26.13 29.34
N PHE G 83 7.77 -27.34 29.83
CA PHE G 83 6.60 -28.02 30.29
C PHE G 83 6.88 -28.65 31.58
N TYR G 84 5.85 -28.74 32.39
CA TYR G 84 6.05 -29.34 33.67
C TYR G 84 4.93 -30.24 34.01
N MET G 85 5.23 -31.25 34.80
CA MET G 85 4.16 -32.06 35.30
C MET G 85 4.29 -32.14 36.80
N ASP G 86 3.17 -31.92 37.47
CA ASP G 86 3.16 -31.95 38.92
C ASP G 86 2.29 -33.05 39.49
N LEU G 87 2.75 -33.69 40.54
CA LEU G 87 1.90 -34.66 41.22
C LEU G 87 1.69 -34.21 42.63
N LYS G 88 0.44 -34.20 43.08
CA LYS G 88 0.15 -33.76 44.43
C LYS G 88 0.63 -34.67 45.55
N ALA G 89 0.67 -35.95 45.27
CA ALA G 89 1.09 -36.91 46.27
C ALA G 89 1.60 -38.14 45.60
N LEU G 90 2.40 -38.90 46.31
CA LEU G 90 2.92 -40.12 45.73
C LEU G 90 2.65 -41.35 46.52
N ARG G 91 2.47 -42.42 45.78
CA ARG G 91 2.25 -43.74 46.31
C ARG G 91 3.19 -44.64 45.57
N SER G 92 3.50 -45.81 46.09
CA SER G 92 4.44 -46.69 45.41
C SER G 92 4.03 -47.03 43.96
N ASP G 93 2.74 -46.95 43.65
CA ASP G 93 2.34 -47.23 42.28
C ASP G 93 2.49 -46.03 41.36
N ASP G 94 3.01 -44.94 41.89
CA ASP G 94 3.30 -43.80 41.07
C ASP G 94 4.73 -43.85 40.56
N THR G 95 5.46 -44.94 40.87
CA THR G 95 6.80 -44.95 40.34
C THR G 95 6.70 -45.29 38.89
N ALA G 96 7.36 -44.53 38.06
CA ALA G 96 7.34 -44.82 36.64
C ALA G 96 8.43 -44.09 35.93
N VAL G 97 8.76 -44.54 34.75
CA VAL G 97 9.61 -43.73 33.93
C VAL G 97 8.66 -42.67 33.39
N TYR G 98 9.02 -41.40 33.42
CA TYR G 98 8.11 -40.38 32.89
C TYR G 98 8.74 -39.63 31.76
N PHE G 99 7.93 -39.35 30.74
CA PHE G 99 8.43 -38.65 29.57
C PHE G 99 7.46 -37.84 28.75
N CYS G 100 8.05 -36.87 28.07
CA CYS G 100 7.37 -35.95 27.18
C CYS G 100 7.35 -36.45 25.75
N ALA G 101 6.35 -36.05 24.99
CA ALA G 101 6.33 -36.43 23.59
C ALA G 101 5.62 -35.40 22.74
N ARG G 102 5.93 -35.39 21.44
CA ARG G 102 5.28 -34.43 20.55
C ARG G 102 4.30 -35.09 19.62
N GLN G 103 3.13 -34.48 19.48
CA GLN G 103 2.15 -35.02 18.57
C GLN G 103 2.34 -34.48 17.18
N ARG G 104 3.02 -35.26 16.36
CA ARG G 104 3.32 -34.93 14.98
C ARG G 104 2.11 -34.74 14.09
N SER G 105 1.07 -35.53 14.34
CA SER G 105 -0.12 -35.50 13.51
C SER G 105 -1.29 -35.95 14.30
N ASP G 106 -2.47 -35.85 13.69
CA ASP G 106 -3.70 -36.22 14.32
C ASP G 106 -3.91 -37.71 14.46
N TYR G 107 -2.90 -38.51 14.09
CA TYR G 107 -2.96 -39.91 14.36
C TYR G 107 -2.25 -40.17 15.69
N TRP G 108 -1.87 -39.09 16.38
CA TRP G 108 -1.12 -39.13 17.61
C TRP G 108 0.21 -39.77 17.34
N ASP G 109 0.83 -39.33 16.27
CA ASP G 109 2.15 -39.79 15.93
C ASP G 109 3.15 -39.21 16.89
N PHE G 110 4.03 -40.03 17.43
CA PHE G 110 5.01 -39.48 18.35
C PHE G 110 6.43 -39.58 17.85
N ASP G 111 6.80 -38.64 17.00
CA ASP G 111 8.14 -38.63 16.47
C ASP G 111 9.18 -37.94 17.34
N VAL G 112 8.78 -37.46 18.52
CA VAL G 112 9.75 -36.90 19.45
C VAL G 112 9.47 -37.42 20.81
N TRP G 113 10.49 -37.95 21.46
CA TRP G 113 10.32 -38.37 22.82
C TRP G 113 11.42 -37.83 23.68
N GLY G 114 11.10 -37.45 24.91
CA GLY G 114 12.13 -37.13 25.87
C GLY G 114 12.80 -38.45 26.23
N SER G 115 14.05 -38.42 26.72
CA SER G 115 14.67 -39.68 27.17
C SER G 115 13.88 -40.30 28.28
N GLY G 116 13.20 -39.43 29.00
CA GLY G 116 12.40 -39.73 30.12
C GLY G 116 13.26 -39.62 31.33
N THR G 117 12.61 -39.74 32.46
CA THR G 117 13.25 -39.67 33.74
C THR G 117 12.70 -40.75 34.64
N GLN G 118 13.40 -41.06 35.69
CA GLN G 118 12.84 -42.05 36.59
C GLN G 118 12.36 -41.41 37.86
N VAL G 119 11.08 -41.51 38.11
CA VAL G 119 10.53 -41.05 39.35
C VAL G 119 10.30 -42.21 40.26
N THR G 120 10.81 -42.12 41.48
CA THR G 120 10.58 -43.20 42.43
C THR G 120 10.11 -42.65 43.76
N VAL G 121 9.55 -43.54 44.56
CA VAL G 121 8.96 -43.17 45.82
C VAL G 121 9.67 -43.83 47.00
N ASP H 1 -15.94 -46.84 20.70
CA ASP H 1 -15.11 -47.40 21.74
C ASP H 1 -13.95 -48.18 21.13
N ILE H 2 -12.77 -47.59 21.18
CA ILE H 2 -11.59 -48.18 20.61
C ILE H 2 -11.12 -49.39 21.37
N GLN H 3 -10.81 -50.44 20.64
CA GLN H 3 -10.28 -51.65 21.21
C GLN H 3 -9.19 -52.17 20.31
N MET H 4 -8.23 -52.87 20.91
CA MET H 4 -7.15 -53.42 20.12
C MET H 4 -6.64 -54.74 20.65
N THR H 5 -6.07 -55.53 19.76
CA THR H 5 -5.47 -56.80 20.14
C THR H 5 -4.14 -57.01 19.45
N GLN H 6 -3.34 -57.92 19.99
CA GLN H 6 -2.11 -58.28 19.30
C GLN H 6 -1.79 -59.75 19.52
N SER H 7 -1.16 -60.38 18.55
CA SER H 7 -0.73 -61.78 18.70
C SER H 7 0.77 -62.15 18.95
N PRO H 8 1.74 -61.23 18.88
CA PRO H 8 3.17 -61.53 18.94
C PRO H 8 3.77 -62.20 20.17
N SER H 9 3.18 -62.05 21.36
CA SER H 9 3.83 -62.65 22.52
C SER H 9 5.31 -62.21 22.54
N SER H 10 6.21 -63.17 22.39
CA SER H 10 7.60 -62.82 22.17
C SER H 10 8.08 -63.80 21.11
N LEU H 11 9.14 -63.46 20.38
CA LEU H 11 9.55 -64.34 19.31
C LEU H 11 10.98 -64.80 19.46
N SER H 12 11.23 -66.07 19.16
CA SER H 12 12.55 -66.68 19.19
C SER H 12 13.33 -66.64 17.86
N ALA H 13 12.80 -65.95 16.84
CA ALA H 13 13.38 -66.06 15.49
C ALA H 13 14.86 -65.70 15.39
N SER H 14 15.54 -66.46 14.53
CA SER H 14 16.95 -66.30 14.23
C SER H 14 17.25 -65.07 13.40
N VAL H 15 18.49 -64.60 13.48
CA VAL H 15 18.91 -63.45 12.72
C VAL H 15 18.88 -63.75 11.23
N GLY H 16 18.38 -62.78 10.50
CA GLY H 16 18.23 -62.79 9.06
C GLY H 16 16.87 -63.32 8.65
N ASP H 17 16.08 -63.79 9.61
CA ASP H 17 14.72 -64.19 9.31
C ASP H 17 13.86 -63.01 8.99
N THR H 18 13.08 -63.09 7.93
CA THR H 18 12.08 -62.06 7.83
C THR H 18 11.06 -62.43 8.88
N VAL H 19 10.58 -61.47 9.65
CA VAL H 19 9.62 -61.81 10.70
C VAL H 19 8.41 -60.93 10.63
N THR H 20 7.31 -61.38 11.21
CA THR H 20 6.16 -60.49 11.25
C THR H 20 5.53 -60.47 12.61
N ILE H 21 4.80 -59.40 12.87
CA ILE H 21 3.97 -59.23 14.04
C ILE H 21 2.62 -58.68 13.61
N THR H 22 1.55 -59.02 14.31
CA THR H 22 0.28 -58.43 13.90
C THR H 22 -0.53 -57.90 15.07
N CYS H 23 -1.45 -57.01 14.71
CA CYS H 23 -2.39 -56.43 15.64
C CYS H 23 -3.68 -56.14 14.93
N GLN H 24 -4.72 -55.84 15.67
CA GLN H 24 -5.90 -55.33 15.04
C GLN H 24 -6.45 -54.25 15.93
N ALA H 25 -7.05 -53.23 15.36
CA ALA H 25 -7.58 -52.21 16.23
C ALA H 25 -8.65 -51.38 15.60
N ASN H 26 -9.49 -50.80 16.44
CA ASN H 26 -10.40 -49.80 15.96
C ASN H 26 -9.58 -48.55 15.69
N GLY H 27 -9.84 -47.88 14.58
CA GLY H 27 -9.13 -46.63 14.29
C GLY H 27 -7.77 -46.83 13.62
N TYR H 28 -7.07 -45.70 13.49
CA TYR H 28 -5.75 -45.58 12.88
C TYR H 28 -4.71 -46.29 13.73
N LEU H 29 -3.69 -46.93 13.14
CA LEU H 29 -2.73 -47.61 14.01
C LEU H 29 -1.28 -47.22 13.75
N ASN H 30 -0.55 -46.96 14.82
CA ASN H 30 0.86 -46.63 14.70
C ASN H 30 1.70 -47.70 15.38
N TRP H 31 2.86 -48.02 14.84
CA TRP H 31 3.68 -49.02 15.51
C TRP H 31 4.97 -48.40 15.98
N TYR H 32 5.47 -48.88 17.12
CA TYR H 32 6.68 -48.33 17.74
C TYR H 32 7.67 -49.37 18.18
N GLN H 33 8.92 -48.93 18.32
CA GLN H 33 10.02 -49.77 18.77
C GLN H 33 10.62 -49.22 20.05
N GLN H 34 10.92 -50.09 21.01
CA GLN H 34 11.56 -49.58 22.22
C GLN H 34 12.58 -50.55 22.78
N ARG H 35 13.60 -50.03 23.41
CA ARG H 35 14.65 -50.83 24.02
C ARG H 35 14.78 -50.45 25.45
N ARG H 36 15.27 -51.37 26.27
CA ARG H 36 15.34 -51.06 27.67
C ARG H 36 16.22 -49.85 27.87
N GLY H 37 15.78 -48.98 28.76
CA GLY H 37 16.51 -47.78 29.10
C GLY H 37 16.31 -46.69 28.04
N LYS H 38 15.41 -46.89 27.07
CA LYS H 38 15.25 -45.91 26.03
C LYS H 38 13.81 -45.56 25.71
N ALA H 39 13.63 -44.35 25.22
CA ALA H 39 12.35 -43.88 24.70
C ALA H 39 11.91 -44.70 23.49
N PRO H 40 10.61 -44.88 23.27
CA PRO H 40 9.97 -45.51 22.11
C PRO H 40 10.25 -44.71 20.86
N LYS H 41 10.25 -45.35 19.70
CA LYS H 41 10.36 -44.57 18.47
C LYS H 41 9.35 -45.06 17.46
N LEU H 42 8.86 -44.13 16.64
CA LEU H 42 7.89 -44.49 15.62
C LEU H 42 8.51 -45.31 14.52
N LEU H 43 7.79 -46.33 14.08
CA LEU H 43 8.24 -47.11 12.95
C LEU H 43 7.41 -46.85 11.72
N ILE H 44 6.12 -47.12 11.87
CA ILE H 44 5.15 -46.97 10.79
C ILE H 44 3.92 -46.31 11.34
N TYR H 45 3.25 -45.48 10.54
CA TYR H 45 2.07 -44.86 11.08
C TYR H 45 0.92 -44.83 10.13
N ASP H 46 -0.26 -44.72 10.76
CA ASP H 46 -1.55 -44.73 10.11
C ASP H 46 -1.77 -46.04 9.34
N GLY H 47 -1.07 -47.08 9.77
CA GLY H 47 -1.14 -48.42 9.23
C GLY H 47 -0.38 -48.57 7.91
N SER H 48 0.38 -47.56 7.47
CA SER H 48 1.01 -47.72 6.17
C SER H 48 2.31 -46.99 5.90
N LYS H 49 2.62 -45.92 6.62
CA LYS H 49 3.79 -45.15 6.19
C LYS H 49 4.93 -45.23 7.14
N LEU H 50 6.11 -45.54 6.62
CA LEU H 50 7.23 -45.55 7.52
C LEU H 50 7.58 -44.15 7.94
N GLU H 51 7.99 -44.01 9.19
CA GLU H 51 8.53 -42.74 9.65
C GLU H 51 9.85 -42.50 8.92
N ARG H 52 10.16 -41.24 8.67
CA ARG H 52 11.41 -40.97 8.01
C ARG H 52 12.57 -41.47 8.84
N GLY H 53 13.54 -42.01 8.14
CA GLY H 53 14.78 -42.54 8.70
C GLY H 53 14.61 -43.96 9.25
N VAL H 54 13.44 -44.56 9.07
CA VAL H 54 13.24 -45.95 9.43
C VAL H 54 13.95 -46.82 8.39
N PRO H 55 14.65 -47.89 8.81
CA PRO H 55 15.36 -48.79 7.94
C PRO H 55 14.43 -49.47 6.96
N SER H 56 14.98 -49.78 5.80
CA SER H 56 14.25 -50.43 4.71
C SER H 56 13.65 -51.76 5.08
N ARG H 57 14.21 -52.42 6.10
CA ARG H 57 13.73 -53.70 6.52
C ARG H 57 12.27 -53.64 6.97
N PHE H 58 11.88 -52.51 7.56
CA PHE H 58 10.53 -52.37 8.04
C PHE H 58 9.48 -52.27 6.94
N SER H 59 8.35 -52.91 7.16
CA SER H 59 7.21 -52.79 6.26
C SER H 59 5.92 -53.17 6.96
N GLY H 60 4.80 -52.99 6.27
CA GLY H 60 3.54 -53.45 6.83
C GLY H 60 2.36 -53.27 5.90
N ARG H 61 1.19 -53.71 6.35
CA ARG H 61 -0.03 -53.58 5.56
C ARG H 61 -1.29 -53.45 6.41
N ARG H 62 -2.34 -52.92 5.80
CA ARG H 62 -3.62 -52.77 6.47
C ARG H 62 -4.77 -53.37 5.72
N TRP H 63 -5.68 -53.98 6.44
CA TRP H 63 -6.93 -54.41 5.86
C TRP H 63 -8.05 -54.13 6.81
N GLY H 64 -8.59 -52.92 6.75
CA GLY H 64 -9.61 -52.55 7.69
C GLY H 64 -8.95 -52.50 9.04
N GLN H 65 -9.57 -53.12 10.04
CA GLN H 65 -8.99 -53.18 11.36
C GLN H 65 -7.72 -54.03 11.43
N GLU H 66 -7.47 -54.87 10.42
CA GLU H 66 -6.27 -55.67 10.41
C GLU H 66 -5.02 -54.84 10.24
N TYR H 67 -3.97 -55.16 10.98
CA TYR H 67 -2.69 -54.53 10.71
C TYR H 67 -1.52 -55.53 10.79
N ASN H 68 -0.60 -55.43 9.86
CA ASN H 68 0.57 -56.30 9.84
C ASN H 68 1.86 -55.50 9.80
N LEU H 69 2.86 -55.92 10.56
CA LEU H 69 4.16 -55.29 10.44
C LEU H 69 5.23 -56.34 10.26
N THR H 70 6.19 -56.08 9.39
CA THR H 70 7.26 -57.03 9.21
C THR H 70 8.63 -56.40 9.17
N ILE H 71 9.62 -57.24 9.42
CA ILE H 71 10.99 -56.81 9.27
C ILE H 71 11.69 -57.79 8.36
N ASN H 72 12.10 -57.32 7.20
CA ASN H 72 12.82 -58.15 6.26
C ASN H 72 14.20 -58.41 6.76
N ASN H 73 14.70 -59.64 6.62
CA ASN H 73 16.12 -59.83 6.95
C ASN H 73 16.50 -59.35 8.34
N LEU H 74 15.84 -59.84 9.38
CA LEU H 74 16.04 -59.28 10.70
C LEU H 74 17.50 -59.23 11.13
N GLN H 75 17.87 -58.11 11.73
CA GLN H 75 19.23 -57.93 12.20
C GLN H 75 19.27 -57.94 13.70
N PRO H 76 20.39 -58.35 14.32
CA PRO H 76 20.57 -58.42 15.77
C PRO H 76 20.31 -57.08 16.44
N GLU H 77 20.56 -55.99 15.71
CA GLU H 77 20.30 -54.66 16.21
C GLU H 77 18.81 -54.36 16.34
N ASP H 78 17.97 -55.19 15.71
CA ASP H 78 16.55 -54.99 15.73
C ASP H 78 15.87 -55.66 16.88
N ILE H 79 16.63 -56.25 17.81
CA ILE H 79 15.89 -56.92 18.85
C ILE H 79 15.40 -55.83 19.79
N ALA H 80 14.09 -55.76 19.91
CA ALA H 80 13.47 -54.71 20.69
C ALA H 80 12.07 -55.09 21.07
N THR H 81 11.50 -54.35 22.02
CA THR H 81 10.10 -54.50 22.28
C THR H 81 9.36 -53.75 21.18
N TYR H 82 8.11 -54.10 20.95
CA TYR H 82 7.33 -53.41 19.93
C TYR H 82 5.91 -53.11 20.35
N PHE H 83 5.32 -52.11 19.68
CA PHE H 83 3.98 -51.66 20.01
C PHE H 83 3.09 -51.37 18.85
N CYS H 84 1.82 -51.37 19.18
CA CYS H 84 0.72 -50.95 18.34
C CYS H 84 -0.05 -49.92 19.18
N GLN H 85 -0.36 -48.78 18.59
CA GLN H 85 -1.04 -47.73 19.35
C GLN H 85 -2.12 -46.95 18.62
N VAL H 86 -3.19 -46.63 19.35
CA VAL H 86 -4.25 -45.81 18.82
C VAL H 86 -4.53 -44.72 19.82
N TYR H 87 -4.17 -43.51 19.47
CA TYR H 87 -4.40 -42.39 20.37
C TYR H 87 -3.77 -42.71 21.72
N GLU H 88 -4.45 -42.39 22.81
CA GLU H 88 -3.93 -42.65 24.13
C GLU H 88 -3.81 -44.14 24.50
N PHE H 89 -4.36 -45.03 23.70
CA PHE H 89 -4.32 -46.44 24.08
C PHE H 89 -3.20 -47.17 23.40
N VAL H 90 -2.46 -47.95 24.17
CA VAL H 90 -1.42 -48.76 23.55
C VAL H 90 -1.41 -50.17 24.10
N VAL H 91 -1.09 -51.12 23.24
CA VAL H 91 -0.94 -52.52 23.61
C VAL H 91 0.30 -52.66 24.46
N PRO H 92 0.33 -53.57 25.42
CA PRO H 92 1.49 -53.89 26.20
C PRO H 92 2.54 -54.36 25.21
N GLY H 93 3.81 -54.13 25.52
CA GLY H 93 4.86 -54.46 24.58
C GLY H 93 5.04 -55.94 24.32
N THR H 94 5.61 -56.25 23.16
CA THR H 94 5.95 -57.62 22.79
C THR H 94 7.37 -57.61 22.31
N ARG H 95 8.06 -58.73 22.30
CA ARG H 95 9.46 -58.58 21.89
C ARG H 95 10.12 -59.72 21.18
N LEU H 96 11.13 -59.34 20.40
CA LEU H 96 12.04 -60.27 19.75
C LEU H 96 13.00 -60.92 20.73
N ASP H 97 13.39 -62.16 20.45
CA ASP H 97 14.36 -62.88 21.26
C ASP H 97 15.09 -63.91 20.39
N LEU H 98 16.08 -64.60 20.96
CA LEU H 98 16.83 -65.64 20.29
C LEU H 98 17.85 -66.29 21.22
N GLU I 2 -6.25 -6.36 -59.07
CA GLU I 2 -4.95 -6.93 -59.41
C GLU I 2 -3.86 -6.46 -58.47
N ASN I 3 -3.85 -5.17 -58.20
CA ASN I 3 -2.83 -4.62 -57.34
C ASN I 3 -3.02 -5.13 -55.94
N LEU I 4 -1.90 -5.40 -55.29
CA LEU I 4 -1.87 -6.03 -54.00
C LEU I 4 -2.54 -5.24 -52.91
N TRP I 5 -3.12 -5.98 -51.97
CA TRP I 5 -3.78 -5.36 -50.86
C TRP I 5 -3.01 -5.71 -49.63
N VAL I 6 -2.79 -4.74 -48.76
CA VAL I 6 -2.10 -5.08 -47.55
C VAL I 6 -3.10 -5.71 -46.63
N THR I 7 -2.76 -6.81 -45.99
CA THR I 7 -3.76 -7.37 -45.10
C THR I 7 -3.22 -7.83 -43.76
N VAL I 8 -4.13 -7.99 -42.84
CA VAL I 8 -3.86 -8.36 -41.46
C VAL I 8 -3.43 -9.78 -41.17
N TYR I 9 -2.43 -9.88 -40.30
CA TYR I 9 -1.94 -11.12 -39.74
C TYR I 9 -1.78 -10.94 -38.25
N TYR I 10 -1.82 -12.03 -37.51
CA TYR I 10 -1.64 -11.88 -36.09
C TYR I 10 -0.87 -13.02 -35.51
N GLY I 11 -0.10 -12.70 -34.48
CA GLY I 11 0.78 -13.62 -33.80
C GLY I 11 2.13 -13.75 -34.50
N VAL I 12 2.40 -12.93 -35.51
CA VAL I 12 3.70 -13.04 -36.16
C VAL I 12 4.73 -12.57 -35.17
N PRO I 13 5.90 -13.20 -35.06
CA PRO I 13 6.87 -12.72 -34.10
C PRO I 13 7.40 -11.38 -34.51
N VAL I 14 7.51 -10.49 -33.53
CA VAL I 14 8.16 -9.20 -33.65
C VAL I 14 8.88 -8.91 -32.36
N TRP I 15 10.10 -8.40 -32.39
CA TRP I 15 10.72 -8.02 -31.15
C TRP I 15 10.91 -6.55 -31.04
N LYS I 16 10.58 -5.99 -29.90
CA LYS I 16 10.91 -4.61 -29.66
C LYS I 16 11.71 -4.54 -28.39
N ASP I 17 12.74 -3.73 -28.34
CA ASP I 17 13.37 -3.63 -27.04
C ASP I 17 12.42 -2.93 -26.12
N ALA I 18 12.23 -3.46 -24.93
CA ALA I 18 11.30 -2.80 -24.04
C ALA I 18 11.61 -3.09 -22.60
N GLU I 19 11.08 -2.24 -21.73
CA GLU I 19 11.24 -2.51 -20.32
C GLU I 19 9.92 -2.63 -19.62
N THR I 20 9.83 -3.65 -18.80
CA THR I 20 8.68 -3.89 -17.96
C THR I 20 9.21 -4.22 -16.62
N THR I 21 8.37 -4.17 -15.61
CA THR I 21 8.84 -4.58 -14.32
C THR I 21 9.04 -6.09 -14.34
N LEU I 22 10.16 -6.54 -13.82
CA LEU I 22 10.43 -7.97 -13.71
C LEU I 22 9.54 -8.65 -12.69
N PHE I 23 9.17 -9.89 -12.96
CA PHE I 23 8.38 -10.63 -11.99
C PHE I 23 9.21 -11.60 -11.20
N CYS I 24 9.24 -11.45 -9.87
CA CYS I 24 10.01 -12.34 -9.03
C CYS I 24 9.44 -13.73 -8.90
N ALA I 25 10.31 -14.73 -8.93
CA ALA I 25 9.90 -16.09 -8.73
C ALA I 25 11.02 -16.90 -8.09
N SER I 26 10.68 -18.01 -7.46
CA SER I 26 11.73 -18.80 -6.85
C SER I 26 11.46 -20.28 -6.79
N ASP I 27 12.52 -21.03 -6.55
CA ASP I 27 12.40 -22.44 -6.29
C ASP I 27 11.69 -22.62 -4.95
N ALA I 28 10.75 -23.56 -4.88
CA ALA I 28 10.02 -23.80 -3.64
C ALA I 28 9.43 -22.51 -3.10
N HIS I 36 12.63 -17.37 7.82
CA HIS I 36 12.41 -16.46 6.72
C HIS I 36 13.70 -15.93 6.19
N ASN I 37 13.80 -15.89 4.87
CA ASN I 37 14.98 -15.33 4.25
C ASN I 37 14.66 -13.96 3.69
N VAL I 38 15.51 -12.98 3.94
CA VAL I 38 15.22 -11.64 3.46
C VAL I 38 15.04 -11.54 1.98
N TRP I 39 15.87 -12.26 1.26
CA TRP I 39 15.89 -12.14 -0.16
C TRP I 39 14.66 -12.58 -0.91
N ALA I 40 13.96 -13.57 -0.40
CA ALA I 40 12.74 -13.99 -1.08
C ALA I 40 11.50 -13.74 -0.26
N THR I 41 11.69 -13.67 1.07
CA THR I 41 10.68 -13.48 2.13
C THR I 41 9.56 -14.55 2.07
N HIS I 42 9.75 -15.53 1.17
CA HIS I 42 8.87 -16.57 0.76
C HIS I 42 7.66 -15.97 0.02
N ALA I 43 7.72 -14.66 -0.31
CA ALA I 43 6.66 -14.01 -1.03
C ALA I 43 6.74 -14.19 -2.52
N CYS I 44 7.91 -14.57 -3.03
CA CYS I 44 7.97 -14.77 -4.46
C CYS I 44 7.21 -16.00 -4.82
N VAL I 45 6.49 -15.93 -5.93
CA VAL I 45 5.72 -17.07 -6.35
C VAL I 45 6.69 -18.17 -6.76
N PRO I 46 6.45 -19.40 -6.33
CA PRO I 46 7.21 -20.58 -6.65
C PRO I 46 7.07 -20.82 -8.12
N THR I 47 8.05 -21.45 -8.73
CA THR I 47 7.89 -21.65 -10.16
C THR I 47 8.18 -23.03 -10.64
N ASP I 48 7.67 -23.29 -11.82
CA ASP I 48 7.77 -24.57 -12.48
C ASP I 48 9.18 -24.94 -12.83
N PRO I 49 9.58 -26.19 -12.62
CA PRO I 49 10.85 -26.80 -12.96
C PRO I 49 10.88 -27.16 -14.44
N ASN I 50 10.54 -26.19 -15.28
CA ASN I 50 10.47 -26.38 -16.71
C ASN I 50 11.09 -25.22 -17.43
N PRO I 51 12.42 -25.14 -17.46
CA PRO I 51 13.23 -24.14 -18.12
C PRO I 51 13.23 -24.43 -19.60
N GLN I 52 12.08 -24.26 -20.23
CA GLN I 52 11.98 -24.65 -21.61
C GLN I 52 12.53 -23.61 -22.53
N GLU I 53 13.84 -23.66 -22.67
CA GLU I 53 14.54 -22.82 -23.60
C GLU I 53 14.15 -23.14 -25.00
N ILE I 54 14.04 -22.12 -25.82
CA ILE I 54 13.77 -22.37 -27.20
C ILE I 54 14.88 -21.83 -28.03
N HIS I 55 15.62 -22.71 -28.68
CA HIS I 55 16.68 -22.21 -29.53
C HIS I 55 16.07 -21.48 -30.68
N LEU I 56 16.61 -20.32 -30.99
CA LEU I 56 16.08 -19.60 -32.10
C LEU I 56 16.99 -19.75 -33.29
N GLU I 57 16.61 -20.67 -34.15
CA GLU I 57 17.38 -20.92 -35.35
C GLU I 57 17.45 -19.70 -36.23
N ASN I 58 18.60 -19.49 -36.86
CA ASN I 58 18.81 -18.41 -37.82
C ASN I 58 18.49 -17.02 -37.31
N VAL I 59 18.86 -16.68 -36.08
CA VAL I 59 18.62 -15.31 -35.64
C VAL I 59 19.85 -14.75 -35.00
N THR I 60 19.92 -13.44 -34.93
CA THR I 60 20.94 -12.84 -34.12
C THR I 60 20.29 -11.72 -33.36
N GLU I 61 20.87 -11.32 -32.25
CA GLU I 61 20.32 -10.18 -31.57
C GLU I 61 21.36 -9.35 -30.88
N GLU I 62 21.21 -8.04 -30.95
CA GLU I 62 22.07 -7.17 -30.19
C GLU I 62 21.81 -7.27 -28.71
N PHE I 63 22.86 -7.28 -27.92
CA PHE I 63 22.72 -7.21 -26.48
C PHE I 63 23.68 -6.19 -25.99
N ASN I 64 23.22 -5.23 -25.21
CA ASN I 64 24.20 -4.30 -24.71
C ASN I 64 24.25 -4.32 -23.23
N MET I 65 25.37 -4.77 -22.74
CA MET I 65 25.66 -4.78 -21.35
C MET I 65 25.74 -3.35 -20.93
N TRP I 66 25.40 -3.11 -19.69
CA TRP I 66 25.36 -1.79 -19.08
C TRP I 66 24.26 -0.91 -19.65
N LYS I 67 23.40 -1.46 -20.50
CA LYS I 67 22.29 -0.71 -21.00
C LYS I 67 20.98 -1.28 -20.51
N ASN I 68 21.02 -2.54 -20.09
CA ASN I 68 19.82 -3.21 -19.65
C ASN I 68 19.37 -2.63 -18.32
N ASN I 69 18.08 -2.35 -18.20
CA ASN I 69 17.63 -1.80 -16.94
C ASN I 69 17.13 -2.83 -15.98
N MET I 70 17.27 -4.11 -16.33
CA MET I 70 16.99 -5.17 -15.39
C MET I 70 17.92 -5.05 -14.23
N VAL I 71 19.12 -4.57 -14.54
CA VAL I 71 20.13 -4.38 -13.56
C VAL I 71 19.71 -3.37 -12.56
N GLU I 72 19.13 -2.29 -13.04
CA GLU I 72 18.69 -1.27 -12.15
C GLU I 72 17.54 -1.73 -11.32
N GLN I 73 16.64 -2.50 -11.93
CA GLN I 73 15.53 -2.97 -11.15
C GLN I 73 15.99 -3.86 -10.05
N MET I 74 16.94 -4.73 -10.33
CA MET I 74 17.46 -5.58 -9.30
C MET I 74 18.09 -4.80 -8.22
N HIS I 75 18.82 -3.76 -8.62
CA HIS I 75 19.49 -2.97 -7.65
C HIS I 75 18.56 -2.30 -6.69
N THR I 76 17.39 -1.87 -7.15
CA THR I 76 16.51 -1.24 -6.19
C THR I 76 15.53 -2.21 -5.57
N ASP I 77 15.37 -3.38 -6.18
CA ASP I 77 14.45 -4.34 -5.62
C ASP I 77 15.00 -4.87 -4.32
N ILE I 78 16.30 -5.15 -4.32
CA ILE I 78 16.92 -5.65 -3.12
C ILE I 78 16.99 -4.62 -2.03
N ILE I 79 17.02 -3.36 -2.40
CA ILE I 79 17.08 -2.34 -1.40
C ILE I 79 15.78 -2.25 -0.71
N SER I 80 14.71 -2.32 -1.50
CA SER I 80 13.41 -2.26 -0.91
C SER I 80 13.20 -3.43 0.03
N LEU I 81 13.74 -4.60 -0.32
CA LEU I 81 13.62 -5.72 0.57
C LEU I 81 14.33 -5.52 1.85
N TRP I 82 15.51 -4.94 1.74
CA TRP I 82 16.31 -4.75 2.90
C TRP I 82 15.64 -3.87 3.89
N ASP I 83 15.02 -2.82 3.39
CA ASP I 83 14.34 -1.93 4.28
C ASP I 83 13.12 -2.55 4.83
N GLN I 84 12.45 -3.34 4.02
CA GLN I 84 11.27 -3.99 4.47
C GLN I 84 11.54 -4.92 5.60
N SER I 85 12.67 -5.63 5.52
CA SER I 85 13.00 -6.52 6.60
C SER I 85 13.31 -5.78 7.88
N LEU I 86 13.84 -4.57 7.76
CA LEU I 86 14.15 -3.84 8.97
C LEU I 86 13.07 -2.95 9.52
N LYS I 87 12.02 -2.65 8.77
CA LYS I 87 11.03 -1.77 9.36
C LYS I 87 10.34 -2.30 10.62
N PRO I 88 10.11 -3.62 10.75
CA PRO I 88 9.59 -4.27 11.95
C PRO I 88 10.51 -4.20 13.16
N CYS I 89 11.78 -3.99 12.89
CA CYS I 89 12.81 -4.10 13.89
C CYS I 89 12.96 -2.91 14.86
N VAL I 90 13.29 -3.22 16.11
CA VAL I 90 13.48 -2.28 17.22
C VAL I 90 14.68 -1.34 17.08
N LYS I 91 14.45 -0.07 17.40
CA LYS I 91 15.47 0.96 17.36
C LYS I 91 16.50 0.78 18.47
N LEU I 92 17.75 1.08 18.19
CA LEU I 92 18.79 0.99 19.19
C LEU I 92 19.23 2.31 19.78
N THR I 93 18.43 3.37 19.66
CA THR I 93 18.88 4.69 20.06
C THR I 93 19.26 4.90 21.54
N PRO I 94 18.82 4.04 22.48
CA PRO I 94 19.27 4.04 23.88
C PRO I 94 20.77 3.81 24.02
N LEU I 95 21.41 3.33 22.97
CA LEU I 95 22.82 3.00 23.04
C LEU I 95 23.76 4.17 22.79
N CYS I 96 23.24 5.38 22.62
CA CYS I 96 24.15 6.52 22.46
C CYS I 96 24.71 7.07 23.76
N VAL I 97 24.42 6.39 24.88
CA VAL I 97 25.02 6.71 26.15
C VAL I 97 26.51 6.44 26.02
N THR I 98 27.34 7.31 26.59
CA THR I 98 28.78 7.14 26.48
C THR I 98 29.25 5.93 27.24
N LEU I 99 30.39 5.37 26.84
CA LEU I 99 30.85 4.16 27.48
C LEU I 99 32.23 4.27 28.07
N GLN I 100 32.41 3.64 29.23
CA GLN I 100 33.73 3.53 29.80
C GLN I 100 34.37 2.36 29.12
N CYS I 101 35.66 2.40 28.82
CA CYS I 101 36.23 1.18 28.26
C CYS I 101 37.64 0.88 28.66
N THR I 102 38.02 -0.36 28.39
CA THR I 102 39.40 -0.80 28.48
C THR I 102 39.72 -1.67 27.30
N ASN I 103 40.99 -1.80 26.98
CA ASN I 103 41.35 -2.76 25.96
C ASN I 103 41.22 -4.14 26.57
N VAL I 104 40.68 -5.10 25.84
CA VAL I 104 40.61 -6.42 26.43
C VAL I 104 42.00 -7.03 26.48
N THR I 105 42.40 -7.56 27.63
CA THR I 105 43.71 -8.21 27.77
C THR I 105 43.64 -9.72 28.03
N ASN I 106 42.45 -10.29 28.02
CA ASN I 106 42.28 -11.69 28.34
C ASN I 106 42.57 -12.64 27.19
N ASN I 107 43.70 -13.36 27.27
CA ASN I 107 44.10 -14.35 26.28
C ASN I 107 44.15 -13.80 24.87
N ILE I 108 44.75 -12.64 24.71
CA ILE I 108 44.81 -12.00 23.42
C ILE I 108 46.00 -12.43 22.59
N THR I 109 45.78 -12.94 21.37
CA THR I 109 46.91 -13.22 20.49
C THR I 109 47.57 -11.88 20.19
N ASP I 110 48.88 -11.85 20.09
CA ASP I 110 49.59 -10.58 19.94
C ASP I 110 49.10 -9.68 18.81
N ASP I 111 48.71 -10.25 17.68
CA ASP I 111 48.25 -9.37 16.60
C ASP I 111 46.78 -8.98 16.72
N MET I 112 46.14 -9.39 17.80
CA MET I 112 44.80 -8.99 18.11
C MET I 112 44.77 -7.90 19.13
N ARG I 113 45.95 -7.45 19.59
CA ARG I 113 45.87 -6.48 20.66
C ARG I 113 45.18 -5.22 20.24
N GLY I 114 44.31 -4.77 21.12
CA GLY I 114 43.55 -3.55 21.01
C GLY I 114 42.37 -3.69 20.04
N GLU I 115 42.12 -4.91 19.54
CA GLU I 115 41.02 -5.12 18.62
C GLU I 115 39.66 -5.01 19.25
N LEU I 116 39.61 -5.40 20.51
CA LEU I 116 38.37 -5.41 21.25
C LEU I 116 38.47 -4.59 22.48
N LYS I 117 37.36 -4.01 22.84
CA LYS I 117 37.31 -3.25 24.05
C LYS I 117 36.18 -3.77 24.89
N ASN I 118 36.36 -3.69 26.19
CA ASN I 118 35.32 -4.11 27.09
C ASN I 118 34.76 -2.83 27.59
N CYS I 119 33.47 -2.64 27.49
CA CYS I 119 32.99 -1.35 27.92
C CYS I 119 31.70 -1.42 28.66
N SER I 120 31.38 -0.33 29.34
CA SER I 120 30.14 -0.32 30.09
C SER I 120 29.45 1.01 30.14
N PHE I 121 28.17 0.93 30.44
CA PHE I 121 27.31 2.09 30.44
C PHE I 121 26.10 2.03 31.38
N ASN I 122 25.49 3.18 31.58
CA ASN I 122 24.37 3.39 32.52
C ASN I 122 22.97 3.31 31.91
N MET I 123 22.84 2.69 30.74
CA MET I 123 21.56 2.64 30.00
C MET I 123 20.41 1.96 30.75
N THR I 124 19.21 2.43 30.43
CA THR I 124 17.95 2.10 31.07
C THR I 124 17.47 0.66 31.05
N THR I 125 16.72 0.33 32.09
CA THR I 125 16.00 -0.94 32.20
C THR I 125 14.75 -0.74 31.40
N GLU I 126 14.00 -1.80 31.17
CA GLU I 126 12.73 -1.61 30.48
C GLU I 126 11.72 -0.75 31.28
N LEU I 127 11.94 -0.56 32.59
CA LEU I 127 11.07 0.31 33.35
C LEU I 127 11.36 1.74 33.01
N ARG I 128 10.34 2.58 32.94
CA ARG I 128 10.58 3.97 32.64
C ARG I 128 11.44 4.68 33.66
N ASP I 129 11.28 4.31 34.91
CA ASP I 129 12.01 4.92 35.99
C ASP I 129 13.30 4.25 36.44
N LYS I 130 13.81 3.25 35.73
CA LYS I 130 15.02 2.60 36.24
C LYS I 130 16.12 2.42 35.23
N LYS I 131 17.36 2.34 35.72
CA LYS I 131 18.55 2.16 34.91
C LYS I 131 19.44 1.08 35.43
N GLN I 132 20.28 0.52 34.56
CA GLN I 132 21.16 -0.56 34.97
C GLN I 132 22.53 -0.47 34.33
N LYS I 133 23.54 -0.97 35.02
CA LYS I 133 24.83 -1.02 34.38
C LYS I 133 24.82 -2.12 33.35
N VAL I 134 25.41 -1.85 32.21
CA VAL I 134 25.50 -2.84 31.16
C VAL I 134 26.88 -2.91 30.57
N TYR I 135 27.35 -4.11 30.20
CA TYR I 135 28.61 -4.11 29.49
C TYR I 135 28.66 -5.18 28.41
N SER I 136 29.52 -4.95 27.42
CA SER I 136 29.73 -5.89 26.32
C SER I 136 31.08 -5.74 25.70
N LEU I 137 31.50 -6.79 25.01
CA LEU I 137 32.67 -6.67 24.18
C LEU I 137 32.29 -5.84 22.96
N PHE I 138 33.22 -5.05 22.44
CA PHE I 138 32.96 -4.37 21.18
C PHE I 138 34.18 -4.33 20.29
N TYR I 139 33.95 -4.35 18.98
CA TYR I 139 35.05 -4.15 18.07
C TYR I 139 35.45 -2.71 18.12
N ARG I 140 36.74 -2.43 18.06
CA ARG I 140 37.18 -1.05 18.03
C ARG I 140 36.62 -0.27 16.85
N LEU I 141 36.30 -0.97 15.76
CA LEU I 141 35.77 -0.34 14.57
C LEU I 141 34.42 0.31 14.78
N ASP I 142 33.66 -0.16 15.75
CA ASP I 142 32.35 0.40 15.95
C ASP I 142 32.29 1.55 16.91
N VAL I 143 33.42 2.00 17.43
CA VAL I 143 33.40 3.11 18.35
C VAL I 143 34.41 4.17 18.04
N VAL I 144 34.16 5.35 18.57
CA VAL I 144 35.13 6.42 18.49
C VAL I 144 35.29 6.99 19.86
N GLN I 145 36.39 7.65 20.10
CA GLN I 145 36.57 8.22 21.41
C GLN I 145 35.56 9.34 21.57
N ILE I 146 35.02 9.51 22.76
CA ILE I 146 34.10 10.62 22.98
C ILE I 146 34.78 11.98 22.85
N ASN I 147 36.05 12.03 23.20
CA ASN I 147 36.91 13.18 23.09
C ASN I 147 38.30 12.63 22.99
N GLU I 148 39.31 13.47 22.81
CA GLU I 148 40.62 12.85 22.77
C GLU I 148 40.99 12.25 24.12
N GLU I 160 36.97 6.95 27.19
CA GLU I 160 35.55 6.95 26.94
C GLU I 160 35.25 6.98 25.48
N TYR I 161 34.16 6.30 25.11
CA TYR I 161 33.78 6.13 23.73
C TYR I 161 32.31 6.29 23.48
N ARG I 162 31.98 6.42 22.21
CA ARG I 162 30.59 6.48 21.78
C ARG I 162 30.49 5.69 20.52
N LEU I 163 29.29 5.26 20.19
CA LEU I 163 29.21 4.51 18.96
C LEU I 163 29.56 5.41 17.83
N ILE I 164 30.24 4.85 16.86
CA ILE I 164 30.70 5.59 15.72
C ILE I 164 29.62 6.26 14.90
N ASN I 165 28.40 5.74 14.94
CA ASN I 165 27.33 6.36 14.19
C ASN I 165 26.38 7.23 14.99
N CYS I 166 26.70 7.59 16.22
CA CYS I 166 25.76 8.47 16.93
C CYS I 166 25.67 9.89 16.36
N ASN I 167 26.63 10.29 15.52
CA ASN I 167 26.54 11.59 14.87
C ASN I 167 25.98 11.47 13.44
N THR I 168 25.44 10.31 13.12
CA THR I 168 24.88 9.96 11.82
C THR I 168 23.54 9.34 12.10
N SER I 169 22.77 9.04 11.07
CA SER I 169 21.45 8.49 11.32
C SER I 169 21.51 7.27 12.21
N ALA I 170 20.49 7.15 13.04
CA ALA I 170 20.41 6.18 14.09
C ALA I 170 20.53 4.74 13.66
N ILE I 171 21.16 3.99 14.54
CA ILE I 171 21.38 2.57 14.45
C ILE I 171 20.17 1.76 14.89
N THR I 172 19.79 0.77 14.12
CA THR I 172 18.74 -0.12 14.61
C THR I 172 19.07 -1.58 14.39
N GLN I 173 18.47 -2.45 15.18
CA GLN I 173 18.55 -3.87 14.92
C GLN I 173 17.64 -4.71 15.75
N ALA I 174 16.94 -5.59 15.09
CA ALA I 174 16.14 -6.60 15.71
C ALA I 174 15.87 -7.62 14.65
N CYS I 175 15.24 -8.70 15.04
CA CYS I 175 14.80 -9.72 14.12
C CYS I 175 15.94 -10.52 13.52
N PRO I 176 16.93 -10.90 14.33
CA PRO I 176 18.13 -11.66 13.95
C PRO I 176 17.80 -12.99 13.31
N LYS I 177 16.59 -13.47 13.53
CA LYS I 177 16.08 -14.71 13.02
C LYS I 177 16.01 -14.77 11.50
N VAL I 178 15.85 -13.61 10.87
CA VAL I 178 15.78 -13.61 9.42
C VAL I 178 17.13 -13.99 8.85
N SER I 179 17.16 -14.78 7.79
CA SER I 179 18.44 -15.14 7.24
C SER I 179 18.85 -14.22 6.13
N PHE I 180 20.12 -13.86 6.14
CA PHE I 180 20.65 -13.07 5.05
C PHE I 180 21.39 -13.92 4.06
N GLU I 181 21.35 -15.24 4.23
CA GLU I 181 22.07 -16.07 3.27
C GLU I 181 21.39 -15.90 1.94
N PRO I 182 22.14 -15.84 0.87
CA PRO I 182 21.59 -15.71 -0.45
C PRO I 182 20.75 -16.90 -0.85
N ILE I 183 19.75 -16.63 -1.65
CA ILE I 183 18.90 -17.62 -2.26
C ILE I 183 18.77 -17.17 -3.68
N PRO I 184 18.78 -18.05 -4.65
CA PRO I 184 18.64 -17.65 -6.02
C PRO I 184 17.29 -17.00 -6.22
N ILE I 185 17.24 -16.03 -7.11
CA ILE I 185 16.03 -15.33 -7.44
C ILE I 185 15.84 -15.33 -8.93
N HIS I 186 14.64 -15.61 -9.36
CA HIS I 186 14.37 -15.75 -10.78
C HIS I 186 13.51 -14.61 -11.23
N TYR I 187 13.70 -14.19 -12.47
CA TYR I 187 12.81 -13.16 -12.93
C TYR I 187 12.13 -13.61 -14.17
N CYS I 188 10.86 -13.31 -14.25
CA CYS I 188 10.09 -13.74 -15.38
C CYS I 188 9.46 -12.59 -16.10
N ALA I 189 9.47 -12.68 -17.41
CA ALA I 189 8.81 -11.71 -18.23
C ALA I 189 7.32 -11.74 -17.95
N PRO I 190 6.64 -10.61 -18.02
CA PRO I 190 5.21 -10.45 -18.02
C PRO I 190 4.67 -11.12 -19.27
N ALA I 191 3.43 -11.57 -19.23
CA ALA I 191 2.86 -12.18 -20.40
C ALA I 191 2.92 -11.19 -21.56
N GLY I 192 3.12 -11.70 -22.77
CA GLY I 192 3.29 -10.85 -23.94
C GLY I 192 4.74 -10.29 -24.08
N PHE I 193 5.66 -10.77 -23.24
CA PHE I 193 7.07 -10.36 -23.29
C PHE I 193 7.95 -11.58 -23.15
N ALA I 194 9.22 -11.45 -23.54
CA ALA I 194 10.11 -12.60 -23.41
C ALA I 194 11.54 -12.16 -23.19
N ILE I 195 12.32 -13.05 -22.58
CA ILE I 195 13.70 -12.74 -22.32
C ILE I 195 14.65 -13.39 -23.31
N LEU I 196 15.26 -12.60 -24.15
CA LEU I 196 16.24 -13.13 -25.07
C LEU I 196 17.54 -13.39 -24.34
N LYS I 197 18.27 -14.42 -24.72
CA LYS I 197 19.58 -14.61 -24.11
C LYS I 197 20.64 -14.99 -25.11
N CYS I 198 21.89 -14.73 -24.75
CA CYS I 198 23.02 -15.09 -25.60
C CYS I 198 23.84 -16.19 -24.95
N LYS I 199 24.02 -17.26 -25.70
CA LYS I 199 24.78 -18.41 -25.25
C LYS I 199 26.22 -18.41 -25.74
N ASP I 200 26.59 -17.41 -26.53
CA ASP I 200 27.93 -17.42 -27.07
C ASP I 200 28.97 -17.20 -26.00
N LYS I 201 29.83 -18.19 -25.86
CA LYS I 201 30.92 -18.19 -24.90
C LYS I 201 31.96 -17.09 -25.13
N LYS I 202 31.99 -16.57 -26.34
CA LYS I 202 32.89 -15.50 -26.75
C LYS I 202 32.28 -14.11 -26.64
N PHE I 203 31.06 -13.99 -26.14
CA PHE I 203 30.42 -12.70 -26.22
C PHE I 203 31.10 -11.52 -25.52
N ASN I 204 31.24 -10.45 -26.31
CA ASN I 204 31.68 -9.14 -25.88
C ASN I 204 30.55 -8.55 -25.13
N GLY I 205 30.80 -7.75 -24.12
CA GLY I 205 29.66 -7.21 -23.38
C GLY I 205 28.60 -6.48 -24.25
N THR I 206 28.95 -6.03 -25.45
CA THR I 206 27.98 -5.36 -26.30
C THR I 206 27.98 -5.89 -27.73
N GLY I 207 26.92 -5.55 -28.46
CA GLY I 207 26.73 -5.94 -29.86
C GLY I 207 25.95 -7.25 -30.04
N PRO I 208 25.74 -7.66 -31.30
CA PRO I 208 25.00 -8.84 -31.76
C PRO I 208 25.55 -10.17 -31.29
N CYS I 209 24.63 -11.12 -31.13
CA CYS I 209 24.99 -12.48 -30.80
C CYS I 209 24.22 -13.48 -31.67
N PRO I 210 24.91 -14.41 -32.35
CA PRO I 210 24.40 -15.52 -33.18
C PRO I 210 23.79 -16.70 -32.42
N SER I 211 24.10 -16.81 -31.14
CA SER I 211 23.72 -17.95 -30.30
C SER I 211 22.34 -17.85 -29.68
N VAL I 212 21.58 -16.85 -30.06
CA VAL I 212 20.38 -16.52 -29.36
C VAL I 212 19.29 -17.57 -29.32
N SER I 213 18.72 -17.64 -28.13
CA SER I 213 17.66 -18.53 -27.77
C SER I 213 16.84 -17.80 -26.74
N THR I 214 15.64 -18.28 -26.44
CA THR I 214 14.88 -17.53 -25.46
C THR I 214 14.20 -18.34 -24.40
N VAL I 215 13.89 -17.62 -23.33
CA VAL I 215 13.13 -18.14 -22.21
C VAL I 215 12.08 -17.13 -21.78
N GLN I 216 11.01 -17.59 -21.15
CA GLN I 216 10.06 -16.62 -20.61
C GLN I 216 10.49 -16.15 -19.22
N CYS I 217 11.48 -16.84 -18.65
CA CYS I 217 11.94 -16.54 -17.31
C CYS I 217 13.39 -16.93 -17.17
N THR I 218 14.02 -16.61 -16.05
CA THR I 218 15.44 -16.94 -15.92
C THR I 218 15.74 -17.73 -14.71
N HIS I 219 16.91 -18.36 -14.75
CA HIS I 219 17.41 -19.16 -13.67
C HIS I 219 17.75 -18.27 -12.53
N GLY I 220 17.72 -18.80 -11.34
CA GLY I 220 17.93 -17.95 -10.22
C GLY I 220 19.33 -17.39 -10.17
N ILE I 221 19.43 -16.21 -9.59
CA ILE I 221 20.68 -15.53 -9.36
C ILE I 221 20.76 -15.16 -7.93
N LYS I 222 21.85 -15.50 -7.26
CA LYS I 222 21.94 -15.10 -5.89
C LYS I 222 22.16 -13.60 -5.72
N PRO I 223 21.56 -13.01 -4.66
CA PRO I 223 21.65 -11.66 -4.14
C PRO I 223 23.01 -11.34 -3.51
N VAL I 224 23.89 -12.33 -3.43
CA VAL I 224 25.16 -12.21 -2.75
C VAL I 224 26.01 -11.11 -3.29
N VAL I 225 26.68 -10.42 -2.39
CA VAL I 225 27.51 -9.30 -2.76
C VAL I 225 28.93 -9.41 -2.24
N SER I 226 29.79 -8.66 -2.90
CA SER I 226 31.18 -8.53 -2.52
C SER I 226 31.66 -7.17 -2.89
N THR I 227 32.65 -6.70 -2.16
CA THR I 227 33.19 -5.42 -2.52
C THR I 227 34.37 -5.47 -3.45
N GLN I 228 34.96 -6.64 -3.66
CA GLN I 228 36.12 -6.66 -4.57
C GLN I 228 36.17 -7.82 -5.54
N LEU I 229 35.66 -8.97 -5.12
CA LEU I 229 35.73 -10.15 -5.97
C LEU I 229 34.38 -10.75 -6.10
N LEU I 230 34.02 -11.19 -7.29
CA LEU I 230 32.73 -11.81 -7.44
C LEU I 230 32.72 -13.12 -6.72
N LEU I 231 31.59 -13.43 -6.08
CA LEU I 231 31.48 -14.71 -5.41
C LEU I 231 30.27 -15.49 -5.87
N ASN I 232 30.50 -16.75 -6.14
CA ASN I 232 29.48 -17.71 -6.52
C ASN I 232 28.73 -17.34 -7.82
N GLY I 233 29.39 -16.58 -8.70
CA GLY I 233 28.86 -16.22 -10.01
C GLY I 233 28.93 -17.40 -10.97
N SER I 234 28.19 -17.35 -12.07
CA SER I 234 28.40 -18.41 -13.03
C SER I 234 29.79 -18.27 -13.64
N LEU I 235 30.43 -19.39 -13.90
CA LEU I 235 31.74 -19.41 -14.53
C LEU I 235 31.69 -19.04 -15.99
N ALA I 236 32.73 -18.41 -16.49
CA ALA I 236 32.77 -18.15 -17.91
C ALA I 236 32.71 -19.48 -18.63
N GLU I 237 32.02 -19.52 -19.76
CA GLU I 237 31.87 -20.77 -20.49
C GLU I 237 33.13 -21.35 -21.08
N GLU I 238 34.05 -20.50 -21.54
CA GLU I 238 35.24 -21.02 -22.18
C GLU I 238 36.56 -20.66 -21.54
N GLU I 239 36.73 -19.37 -21.35
CA GLU I 239 37.97 -18.78 -20.93
C GLU I 239 37.69 -17.61 -20.05
N VAL I 240 38.68 -17.16 -19.33
CA VAL I 240 38.47 -16.01 -18.49
C VAL I 240 38.16 -14.85 -19.41
N MET I 241 37.21 -14.00 -19.02
CA MET I 241 36.86 -12.91 -19.92
C MET I 241 36.79 -11.59 -19.23
N ILE I 242 37.00 -10.54 -20.02
CA ILE I 242 37.02 -9.21 -19.49
C ILE I 242 36.05 -8.28 -20.20
N ARG I 243 35.26 -7.57 -19.41
CA ARG I 243 34.29 -6.65 -19.98
C ARG I 243 34.41 -5.26 -19.32
N SER I 244 35.32 -4.45 -19.87
CA SER I 244 35.64 -3.09 -19.42
C SER I 244 34.83 -1.93 -20.04
N GLU I 245 33.81 -2.22 -20.83
CA GLU I 245 33.13 -1.20 -21.64
C GLU I 245 34.17 -0.64 -22.58
N ASN I 246 34.13 0.66 -22.85
CA ASN I 246 35.16 1.15 -23.70
C ASN I 246 36.38 1.30 -22.82
N ILE I 247 37.27 0.34 -22.99
CA ILE I 247 38.48 0.19 -22.19
C ILE I 247 39.39 1.37 -22.17
N THR I 248 39.33 2.23 -23.19
CA THR I 248 40.21 3.37 -23.20
C THR I 248 39.86 4.34 -22.09
N ASN I 249 38.62 4.30 -21.63
CA ASN I 249 38.22 5.15 -20.54
C ASN I 249 38.56 4.43 -19.26
N ASN I 250 39.56 4.88 -18.53
CA ASN I 250 39.91 4.10 -17.37
C ASN I 250 39.11 4.46 -16.14
N ALA I 251 38.13 5.33 -16.28
CA ALA I 251 37.26 5.54 -15.14
C ALA I 251 36.32 4.35 -15.00
N LYS I 252 36.20 3.55 -16.05
CA LYS I 252 35.32 2.40 -16.03
C LYS I 252 35.83 1.24 -15.22
N ASN I 253 34.92 0.55 -14.56
CA ASN I 253 35.26 -0.67 -13.86
C ASN I 253 35.50 -1.78 -14.86
N ILE I 254 36.49 -2.61 -14.59
CA ILE I 254 36.80 -3.72 -15.44
C ILE I 254 36.20 -5.00 -14.91
N LEU I 255 35.22 -5.54 -15.61
CA LEU I 255 34.73 -6.84 -15.17
C LEU I 255 35.69 -7.95 -15.49
N VAL I 256 35.91 -8.88 -14.57
CA VAL I 256 36.69 -10.06 -14.90
C VAL I 256 35.93 -11.30 -14.49
N GLN I 257 35.73 -12.21 -15.44
CA GLN I 257 35.03 -13.44 -15.07
C GLN I 257 35.93 -14.64 -15.25
N PHE I 258 36.11 -15.39 -14.17
CA PHE I 258 36.90 -16.62 -14.18
C PHE I 258 36.18 -17.69 -14.95
N ASN I 259 36.89 -18.58 -15.65
CA ASN I 259 36.19 -19.73 -16.19
C ASN I 259 36.33 -20.94 -15.26
N THR I 260 36.96 -20.75 -14.09
CA THR I 260 37.01 -21.79 -13.07
C THR I 260 36.74 -21.16 -11.71
N PRO I 261 36.27 -21.92 -10.72
CA PRO I 261 36.11 -21.52 -9.35
C PRO I 261 37.44 -21.38 -8.66
N VAL I 262 37.52 -20.49 -7.69
CA VAL I 262 38.68 -20.52 -6.81
C VAL I 262 38.17 -20.72 -5.41
N GLN I 263 38.47 -21.85 -4.80
CA GLN I 263 37.93 -22.05 -3.48
C GLN I 263 38.47 -21.08 -2.46
N ILE I 264 37.60 -20.64 -1.57
CA ILE I 264 38.04 -19.87 -0.44
C ILE I 264 37.38 -20.36 0.81
N ASN I 265 38.18 -20.48 1.85
CA ASN I 265 37.67 -20.89 3.14
C ASN I 265 37.84 -19.76 4.11
N CYS I 266 36.88 -19.49 4.99
CA CYS I 266 37.20 -18.50 5.99
C CYS I 266 36.65 -18.86 7.32
N THR I 267 37.19 -18.22 8.35
CA THR I 267 36.69 -18.44 9.68
C THR I 267 36.61 -17.24 10.57
N ARG I 268 35.82 -17.41 11.62
CA ARG I 268 35.80 -16.49 12.75
C ARG I 268 36.07 -17.39 13.92
N PRO I 269 37.35 -17.67 14.16
CA PRO I 269 37.90 -18.65 15.10
C PRO I 269 37.51 -18.48 16.55
N ASN I 270 37.07 -17.29 16.91
CA ASN I 270 36.70 -17.05 18.28
C ASN I 270 35.40 -17.73 18.63
N ASN I 271 35.33 -18.34 19.81
CA ASN I 271 34.09 -18.97 20.17
C ASN I 271 33.18 -17.92 20.75
N ASN I 272 32.36 -17.39 19.87
CA ASN I 272 31.44 -16.33 20.21
C ASN I 272 30.35 -16.76 21.13
N THR I 273 30.00 -15.87 22.06
CA THR I 273 28.93 -16.14 22.97
C THR I 273 28.02 -14.91 22.98
N ARG I 274 26.80 -15.09 23.46
CA ARG I 274 25.79 -14.02 23.38
C ARG I 274 25.14 -13.67 24.69
N LYS I 275 24.78 -12.40 24.80
CA LYS I 275 24.09 -11.88 25.97
C LYS I 275 22.80 -11.21 25.51
N SER I 276 21.80 -11.14 26.40
CA SER I 276 20.57 -10.47 26.04
C SER I 276 20.20 -9.41 27.06
N ILE I 277 19.66 -8.32 26.55
CA ILE I 277 19.33 -7.13 27.31
C ILE I 277 17.91 -6.63 27.07
N ARG I 278 17.26 -6.10 28.08
CA ARG I 278 15.96 -5.50 27.83
C ARG I 278 16.14 -4.00 27.80
N ILE I 279 15.77 -3.37 26.70
CA ILE I 279 15.91 -1.91 26.62
C ILE I 279 14.56 -1.19 26.65
N GLY I 280 13.50 -1.97 26.67
CA GLY I 280 12.14 -1.46 26.78
C GLY I 280 11.28 -2.70 26.80
N PRO I 281 9.96 -2.56 26.95
CA PRO I 281 9.12 -3.72 26.96
C PRO I 281 9.16 -4.31 25.58
N GLY I 282 9.33 -5.62 25.51
CA GLY I 282 9.30 -6.32 24.24
C GLY I 282 10.59 -6.11 23.46
N GLN I 283 11.61 -5.50 24.06
CA GLN I 283 12.77 -5.13 23.27
C GLN I 283 14.05 -5.78 23.68
N ALA I 284 14.25 -7.01 23.22
CA ALA I 284 15.50 -7.68 23.44
C ALA I 284 16.63 -6.94 22.77
N PHE I 285 17.79 -6.93 23.38
CA PHE I 285 18.96 -6.38 22.75
C PHE I 285 20.14 -7.30 22.89
N TYR I 286 20.71 -7.65 21.76
CA TYR I 286 21.84 -8.53 21.72
C TYR I 286 23.12 -7.87 22.15
N ALA I 287 23.98 -8.63 22.79
CA ALA I 287 25.26 -8.10 23.19
C ALA I 287 26.29 -9.21 23.15
N THR I 288 27.56 -8.84 23.03
CA THR I 288 28.54 -9.87 22.86
C THR I 288 29.07 -10.36 24.19
N GLY I 289 28.91 -11.68 24.39
CA GLY I 289 29.42 -12.38 25.55
C GLY I 289 30.92 -12.55 25.47
N ASP I 290 31.56 -12.85 26.59
CA ASP I 290 32.98 -13.11 26.56
C ASP I 290 33.29 -14.34 25.72
N ILE I 291 34.32 -14.22 24.90
CA ILE I 291 34.75 -15.30 24.02
C ILE I 291 35.34 -16.47 24.77
N ILE I 292 34.96 -17.67 24.38
CA ILE I 292 35.55 -18.83 24.98
C ILE I 292 36.88 -19.13 24.30
N GLY I 293 37.94 -19.22 25.08
CA GLY I 293 39.26 -19.52 24.55
C GLY I 293 40.04 -18.28 24.10
N ASP I 294 41.23 -18.53 23.56
CA ASP I 294 42.16 -17.50 23.07
C ASP I 294 41.62 -16.71 21.90
N ILE I 295 41.84 -15.40 21.92
CA ILE I 295 41.38 -14.54 20.84
C ILE I 295 42.28 -14.65 19.63
N ARG I 296 41.67 -14.87 18.48
CA ARG I 296 42.41 -14.99 17.23
C ARG I 296 41.77 -14.18 16.11
N GLN I 297 42.59 -13.73 15.17
CA GLN I 297 42.07 -12.96 14.04
C GLN I 297 41.25 -13.81 13.07
N ALA I 298 40.18 -13.23 12.54
CA ALA I 298 39.42 -13.88 11.48
C ALA I 298 40.32 -14.05 10.28
N HIS I 299 40.15 -15.13 9.54
CA HIS I 299 41.02 -15.25 8.38
C HIS I 299 40.45 -16.02 7.22
N CYS I 300 41.09 -15.87 6.05
CA CYS I 300 40.67 -16.60 4.87
C CYS I 300 41.79 -17.33 4.17
N ASN I 301 41.53 -18.59 3.81
CA ASN I 301 42.51 -19.37 3.10
C ASN I 301 42.16 -19.59 1.64
N VAL I 302 43.13 -19.34 0.78
CA VAL I 302 42.96 -19.62 -0.65
C VAL I 302 44.15 -20.38 -1.17
N SER I 303 43.99 -21.13 -2.27
CA SER I 303 45.18 -21.76 -2.80
C SER I 303 46.10 -20.73 -3.37
N LYS I 304 47.36 -20.84 -3.04
CA LYS I 304 48.37 -19.95 -3.52
C LYS I 304 48.68 -20.26 -4.93
N ALA I 305 48.82 -21.56 -5.18
CA ALA I 305 49.16 -22.01 -6.50
C ALA I 305 48.06 -21.71 -7.47
N THR I 306 46.82 -21.91 -7.04
CA THR I 306 45.73 -21.64 -7.94
C THR I 306 45.63 -20.18 -8.22
N TRP I 307 45.87 -19.36 -7.20
CA TRP I 307 45.82 -17.95 -7.41
C TRP I 307 46.83 -17.49 -8.43
N ASN I 308 47.99 -18.14 -8.43
CA ASN I 308 49.00 -17.76 -9.39
C ASN I 308 48.58 -18.17 -10.78
N GLU I 309 48.05 -19.38 -10.89
CA GLU I 309 47.61 -19.86 -12.17
C GLU I 309 46.51 -19.05 -12.78
N THR I 310 45.52 -18.68 -11.97
CA THR I 310 44.44 -17.91 -12.54
C THR I 310 44.85 -16.53 -12.89
N LEU I 311 45.85 -15.97 -12.19
CA LEU I 311 46.33 -14.69 -12.62
C LEU I 311 47.00 -14.78 -13.95
N GLY I 312 47.68 -15.90 -14.20
CA GLY I 312 48.29 -16.05 -15.49
C GLY I 312 47.23 -16.08 -16.57
N LYS I 313 46.08 -16.68 -16.26
CA LYS I 313 45.02 -16.66 -17.24
C LYS I 313 44.52 -15.26 -17.49
N VAL I 314 44.46 -14.47 -16.42
CA VAL I 314 43.98 -13.12 -16.55
C VAL I 314 44.88 -12.23 -17.34
N VAL I 315 46.18 -12.32 -17.11
CA VAL I 315 47.05 -11.46 -17.85
C VAL I 315 47.07 -11.81 -19.31
N LYS I 316 46.83 -13.07 -19.64
CA LYS I 316 46.74 -13.39 -21.05
C LYS I 316 45.57 -12.70 -21.67
N GLN I 317 44.49 -12.61 -20.91
CA GLN I 317 43.33 -11.92 -21.40
C GLN I 317 43.56 -10.44 -21.53
N LEU I 318 44.30 -9.87 -20.58
CA LEU I 318 44.57 -8.44 -20.62
C LEU I 318 45.33 -8.05 -21.84
N ARG I 319 46.27 -8.90 -22.21
CA ARG I 319 47.11 -8.65 -23.37
C ARG I 319 46.37 -8.62 -24.66
N LYS I 320 45.13 -9.07 -24.71
CA LYS I 320 44.41 -8.98 -25.95
C LYS I 320 44.24 -7.53 -26.42
N HIS I 321 44.31 -6.57 -25.50
CA HIS I 321 44.21 -5.17 -25.86
C HIS I 321 45.54 -4.46 -25.93
N PHE I 322 46.65 -5.21 -25.85
CA PHE I 322 47.97 -4.61 -25.78
C PHE I 322 48.99 -5.42 -26.56
N GLY I 323 50.17 -4.87 -26.77
CA GLY I 323 51.19 -5.67 -27.42
C GLY I 323 51.49 -6.80 -26.44
N ASN I 324 51.95 -7.93 -26.92
CA ASN I 324 52.05 -9.03 -25.98
C ASN I 324 53.33 -9.06 -25.18
N ASN I 325 54.20 -8.05 -25.35
CA ASN I 325 55.35 -7.95 -24.50
C ASN I 325 55.15 -6.87 -23.44
N THR I 326 53.94 -6.34 -23.32
CA THR I 326 53.70 -5.27 -22.37
C THR I 326 53.73 -5.73 -20.92
N ILE I 327 54.10 -4.79 -20.05
CA ILE I 327 54.14 -5.06 -18.63
C ILE I 327 52.80 -4.91 -17.95
N ILE I 328 52.47 -5.88 -17.13
CA ILE I 328 51.22 -5.86 -16.38
C ILE I 328 51.51 -5.89 -14.89
N ARG I 329 50.84 -5.05 -14.14
CA ARG I 329 51.11 -5.02 -12.72
C ARG I 329 49.87 -5.04 -11.87
N PHE I 330 50.02 -5.56 -10.66
CA PHE I 330 48.96 -5.53 -9.69
C PHE I 330 49.42 -4.72 -8.51
N ALA I 331 48.49 -4.24 -7.71
CA ALA I 331 48.93 -3.37 -6.64
C ALA I 331 48.04 -3.36 -5.42
N ASN I 332 48.64 -2.85 -4.36
CA ASN I 332 48.00 -2.62 -3.09
C ASN I 332 46.95 -1.58 -3.32
N SER I 333 45.85 -1.69 -2.62
CA SER I 333 44.75 -0.79 -2.82
C SER I 333 45.18 0.63 -2.58
N SER I 334 44.55 1.53 -3.32
CA SER I 334 44.82 2.94 -3.24
C SER I 334 44.08 3.62 -2.09
N GLY I 335 43.38 2.84 -1.26
CA GLY I 335 42.69 3.43 -0.13
C GLY I 335 41.33 3.96 -0.49
N GLY I 336 40.94 5.05 0.15
CA GLY I 336 39.57 5.50 0.03
C GLY I 336 38.78 4.78 1.12
N ASP I 337 37.46 4.87 1.06
CA ASP I 337 36.63 4.29 2.11
C ASP I 337 36.86 2.80 2.27
N LEU I 338 36.87 2.36 3.53
CA LEU I 338 37.10 0.97 3.88
C LEU I 338 36.24 -0.02 3.14
N GLU I 339 35.03 0.37 2.82
CA GLU I 339 34.13 -0.53 2.15
C GLU I 339 34.61 -0.93 0.76
N VAL I 340 35.52 -0.16 0.17
CA VAL I 340 36.08 -0.57 -1.10
C VAL I 340 37.57 -0.86 -0.94
N THR I 341 38.17 -0.32 0.11
CA THR I 341 39.56 -0.56 0.39
C THR I 341 39.83 -2.00 0.69
N THR I 342 38.82 -2.69 1.22
CA THR I 342 38.99 -4.08 1.53
C THR I 342 37.86 -4.90 0.99
N HIS I 343 38.10 -6.19 0.92
CA HIS I 343 37.10 -7.09 0.45
C HIS I 343 36.14 -7.35 1.54
N SER I 344 34.85 -7.33 1.23
CA SER I 344 33.94 -7.66 2.29
C SER I 344 32.81 -8.53 1.86
N PHE I 345 32.33 -9.28 2.85
CA PHE I 345 31.26 -10.22 2.67
C PHE I 345 30.45 -10.48 3.94
N ASN I 346 29.22 -10.94 3.77
CA ASN I 346 28.32 -11.29 4.88
C ASN I 346 28.20 -12.79 5.14
N CYS I 347 29.14 -13.57 4.64
CA CYS I 347 29.05 -15.01 4.76
C CYS I 347 28.99 -15.45 6.20
N GLY I 348 28.18 -16.46 6.45
CA GLY I 348 27.99 -16.97 7.79
C GLY I 348 27.02 -16.10 8.57
N GLY I 349 26.39 -15.14 7.88
CA GLY I 349 25.45 -14.25 8.52
C GLY I 349 26.15 -13.11 9.24
N GLU I 350 27.47 -12.96 9.06
CA GLU I 350 28.13 -11.86 9.72
C GLU I 350 29.15 -11.24 8.82
N PHE I 351 29.25 -9.94 8.90
CA PHE I 351 30.15 -9.18 8.06
C PHE I 351 31.63 -9.41 8.33
N PHE I 352 32.40 -9.40 7.25
CA PHE I 352 33.85 -9.50 7.33
C PHE I 352 34.51 -8.58 6.35
N TYR I 353 35.75 -8.21 6.65
CA TYR I 353 36.55 -7.40 5.75
C TYR I 353 37.93 -8.01 5.67
N CYS I 354 38.62 -7.94 4.55
CA CYS I 354 39.99 -8.45 4.65
C CYS I 354 41.01 -7.69 3.86
N ASN I 355 42.27 -7.91 4.22
CA ASN I 355 43.33 -7.23 3.53
C ASN I 355 43.78 -8.08 2.40
N THR I 356 43.18 -7.82 1.27
CA THR I 356 43.47 -8.56 0.07
C THR I 356 44.68 -8.08 -0.67
N SER I 357 45.30 -7.00 -0.23
CA SER I 357 46.41 -6.44 -0.99
C SER I 357 47.55 -7.41 -1.22
N GLY I 358 47.73 -8.39 -0.34
CA GLY I 358 48.78 -9.37 -0.56
C GLY I 358 48.55 -10.17 -1.83
N LEU I 359 47.30 -10.32 -2.23
CA LEU I 359 46.97 -11.05 -3.45
C LEU I 359 47.45 -10.34 -4.69
N PHE I 360 47.63 -9.03 -4.57
CA PHE I 360 48.02 -8.25 -5.69
C PHE I 360 49.48 -7.93 -5.70
N ASN I 361 50.28 -8.56 -4.85
CA ASN I 361 51.68 -8.24 -4.82
C ASN I 361 52.46 -8.98 -5.90
N SER I 362 52.21 -8.63 -7.16
CA SER I 362 52.92 -9.24 -8.27
C SER I 362 53.03 -8.32 -9.47
N THR I 363 53.95 -8.67 -10.37
CA THR I 363 54.06 -8.01 -11.65
C THR I 363 54.19 -9.09 -12.68
N TRP I 364 53.90 -8.78 -13.92
CA TRP I 364 53.97 -9.76 -14.98
C TRP I 364 54.78 -9.24 -16.15
N ILE I 365 55.54 -10.15 -16.72
CA ILE I 365 56.46 -9.87 -17.80
C ILE I 365 56.23 -10.77 -18.96
N SER I 366 56.79 -10.41 -20.10
CA SER I 366 56.72 -11.29 -21.24
C SER I 366 57.48 -12.56 -20.89
N ASN I 367 57.03 -13.69 -21.42
CA ASN I 367 57.66 -14.97 -21.09
C ASN I 367 57.68 -15.19 -19.58
N ASN I 379 51.63 -23.45 2.86
CA ASN I 379 52.62 -23.77 1.86
C ASN I 379 52.05 -23.53 0.48
N ASP I 380 51.05 -24.32 0.14
CA ASP I 380 50.35 -24.21 -1.12
C ASP I 380 49.17 -23.24 -1.04
N SER I 381 49.05 -22.51 0.08
CA SER I 381 47.93 -21.62 0.33
C SER I 381 48.32 -20.34 1.05
N ILE I 382 47.42 -19.36 1.00
CA ILE I 382 47.61 -18.06 1.62
C ILE I 382 46.53 -17.76 2.61
N THR I 383 46.91 -17.24 3.78
CA THR I 383 45.94 -16.90 4.80
C THR I 383 45.79 -15.38 4.93
N LEU I 384 44.72 -14.82 4.37
CA LEU I 384 44.51 -13.39 4.52
C LEU I 384 44.01 -13.02 5.91
N PRO I 385 44.50 -11.92 6.48
CA PRO I 385 44.03 -11.28 7.70
C PRO I 385 42.64 -10.71 7.46
N CYS I 386 41.82 -10.62 8.50
CA CYS I 386 40.49 -10.05 8.34
C CYS I 386 40.01 -9.23 9.53
N ARG I 387 38.93 -8.49 9.33
CA ARG I 387 38.36 -7.62 10.34
C ARG I 387 36.85 -7.76 10.40
N ILE I 388 36.27 -7.45 11.55
CA ILE I 388 34.83 -7.49 11.68
C ILE I 388 34.26 -6.21 12.25
N LYS I 389 33.23 -5.68 11.60
CA LYS I 389 32.56 -4.49 12.09
C LYS I 389 31.07 -4.80 12.31
N GLN I 390 30.52 -4.51 13.48
CA GLN I 390 29.11 -4.80 13.67
C GLN I 390 28.16 -3.67 13.26
N ILE I 391 28.66 -2.45 12.99
CA ILE I 391 27.71 -1.46 12.48
C ILE I 391 27.79 -1.36 10.99
N ILE I 392 26.72 -1.75 10.34
CA ILE I 392 26.69 -1.75 8.90
C ILE I 392 25.98 -0.59 8.27
N ASN I 393 26.72 0.21 7.52
CA ASN I 393 26.09 1.22 6.72
C ASN I 393 25.87 0.67 5.31
N MET I 394 24.66 0.22 5.00
CA MET I 394 24.44 -0.38 3.69
C MET I 394 24.54 0.53 2.49
N TRP I 395 25.04 -0.09 1.43
CA TRP I 395 25.24 0.50 0.13
C TRP I 395 25.95 1.83 0.25
N GLN I 396 25.53 2.81 -0.53
CA GLN I 396 26.10 4.13 -0.43
C GLN I 396 25.28 5.04 0.46
N ARG I 397 24.15 4.52 0.95
CA ARG I 397 23.23 5.32 1.72
C ARG I 397 23.84 5.78 3.03
N ILE I 398 23.48 6.98 3.45
CA ILE I 398 23.91 7.46 4.75
C ILE I 398 22.76 7.73 5.70
N GLY I 399 21.53 7.52 5.23
CA GLY I 399 20.35 7.77 6.05
C GLY I 399 20.00 6.63 6.99
N GLN I 400 20.71 5.52 6.91
CA GLN I 400 20.39 4.38 7.76
C GLN I 400 21.63 3.65 8.21
N ALA I 401 21.50 2.97 9.34
CA ALA I 401 22.57 2.10 9.78
C ALA I 401 21.99 1.00 10.64
N MET I 402 22.65 -0.14 10.68
CA MET I 402 22.14 -1.15 11.56
C MET I 402 23.19 -1.96 12.24
N TYR I 403 22.85 -2.40 13.44
CA TYR I 403 23.70 -3.27 14.22
C TYR I 403 23.66 -4.68 13.71
N ALA I 404 24.79 -5.36 13.65
CA ALA I 404 24.72 -6.75 13.32
C ALA I 404 24.82 -7.50 14.62
N PRO I 405 23.89 -8.41 14.94
CA PRO I 405 23.87 -9.24 16.11
C PRO I 405 25.05 -10.18 16.09
N PRO I 406 25.55 -10.56 17.25
CA PRO I 406 26.57 -11.55 17.47
C PRO I 406 26.01 -12.89 17.06
N ILE I 407 26.86 -13.79 16.60
CA ILE I 407 26.41 -15.14 16.30
C ILE I 407 27.28 -16.08 17.08
N GLN I 408 26.68 -16.89 17.93
CA GLN I 408 27.50 -17.74 18.77
C GLN I 408 28.26 -18.82 18.01
N GLY I 409 29.43 -19.14 18.53
CA GLY I 409 30.31 -20.16 18.00
C GLY I 409 31.26 -19.64 16.94
N VAL I 410 32.07 -20.54 16.42
CA VAL I 410 32.99 -20.25 15.34
C VAL I 410 32.29 -20.18 13.99
N ILE I 411 32.58 -19.15 13.23
CA ILE I 411 32.03 -19.04 11.88
C ILE I 411 32.87 -19.77 10.88
N ARG I 412 32.24 -20.58 10.04
CA ARG I 412 32.98 -21.16 8.92
C ARG I 412 32.32 -20.77 7.63
N CYS I 413 33.12 -20.50 6.63
CA CYS I 413 32.60 -20.11 5.33
C CYS I 413 33.31 -20.75 4.18
N VAL I 414 32.55 -21.24 3.22
CA VAL I 414 33.15 -21.78 2.02
C VAL I 414 32.46 -21.19 0.80
N SER I 415 33.25 -20.71 -0.15
CA SER I 415 32.70 -20.13 -1.35
C SER I 415 33.59 -20.28 -2.56
N ASN I 416 33.01 -20.08 -3.73
CA ASN I 416 33.81 -20.12 -4.93
C ASN I 416 34.02 -18.70 -5.42
N ILE I 417 35.25 -18.32 -5.65
CA ILE I 417 35.48 -17.00 -6.19
C ILE I 417 35.32 -17.11 -7.66
N THR I 418 34.45 -16.28 -8.22
CA THR I 418 34.22 -16.38 -9.64
C THR I 418 34.66 -15.21 -10.49
N GLY I 419 35.16 -14.13 -9.89
CA GLY I 419 35.65 -13.05 -10.74
C GLY I 419 36.24 -11.87 -9.98
N LEU I 420 36.68 -10.86 -10.73
CA LEU I 420 37.27 -9.69 -10.11
C LEU I 420 36.67 -8.38 -10.57
N ILE I 421 36.56 -7.42 -9.65
CA ILE I 421 36.23 -6.06 -10.08
C ILE I 421 37.52 -5.26 -10.06
N LEU I 422 38.01 -4.86 -11.23
CA LEU I 422 39.29 -4.17 -11.31
C LEU I 422 39.25 -2.80 -11.91
N THR I 423 40.25 -2.00 -11.60
CA THR I 423 40.37 -0.69 -12.22
C THR I 423 41.78 -0.52 -12.73
N ARG I 424 41.97 0.44 -13.63
CA ARG I 424 43.28 0.67 -14.22
C ARG I 424 43.73 2.10 -14.01
N ASP I 425 45.00 2.27 -13.67
CA ASP I 425 45.52 3.62 -13.49
C ASP I 425 45.64 4.40 -14.78
N GLY I 426 45.19 5.64 -14.73
CA GLY I 426 45.26 6.58 -15.85
C GLY I 426 46.68 7.08 -16.12
N GLY I 427 46.89 7.69 -17.28
CA GLY I 427 48.15 8.36 -17.61
C GLY I 427 49.30 7.48 -18.07
N SER I 428 49.06 6.20 -18.33
CA SER I 428 50.13 5.32 -18.78
C SER I 428 50.63 5.75 -20.16
N THR I 429 51.89 5.43 -20.46
CA THR I 429 52.41 5.75 -21.78
C THR I 429 53.15 4.58 -22.39
N ASN I 430 53.34 4.68 -23.70
CA ASN I 430 54.06 3.72 -24.53
C ASN I 430 53.50 2.33 -24.38
N SER I 431 52.17 2.23 -24.28
CA SER I 431 51.46 0.97 -24.15
C SER I 431 52.03 0.00 -23.11
N THR I 432 52.71 0.48 -22.07
CA THR I 432 53.29 -0.47 -21.14
C THR I 432 53.14 -0.14 -19.68
N THR I 433 53.41 -1.13 -18.85
CA THR I 433 53.33 -1.11 -17.38
C THR I 433 51.95 -0.79 -16.89
N GLU I 434 50.93 -1.29 -17.58
CA GLU I 434 49.59 -1.06 -17.11
C GLU I 434 49.44 -1.70 -15.78
N THR I 435 48.68 -1.09 -14.89
CA THR I 435 48.53 -1.71 -13.61
C THR I 435 47.11 -1.70 -13.17
N PHE I 436 46.82 -2.59 -12.24
CA PHE I 436 45.46 -2.77 -11.81
C PHE I 436 45.32 -2.92 -10.33
N ARG I 437 44.13 -2.58 -9.88
CA ARG I 437 43.73 -2.72 -8.50
C ARG I 437 42.32 -3.17 -8.40
N PRO I 438 41.93 -3.75 -7.28
CA PRO I 438 40.58 -4.08 -6.93
C PRO I 438 39.88 -2.75 -6.86
N GLY I 439 38.59 -2.72 -7.11
CA GLY I 439 37.91 -1.44 -7.21
C GLY I 439 36.42 -1.60 -7.44
N GLY I 440 35.75 -0.50 -7.75
CA GLY I 440 34.31 -0.56 -7.91
C GLY I 440 33.63 -0.70 -6.56
N GLY I 441 32.83 -1.73 -6.41
CA GLY I 441 32.03 -1.89 -5.21
C GLY I 441 30.62 -1.32 -5.36
N ASP I 442 30.30 -0.72 -6.51
CA ASP I 442 28.90 -0.43 -6.72
C ASP I 442 28.26 -1.77 -6.98
N MET I 443 27.23 -2.11 -6.22
CA MET I 443 26.59 -3.39 -6.36
C MET I 443 26.00 -3.63 -7.72
N ARG I 444 25.73 -2.55 -8.45
CA ARG I 444 25.20 -2.69 -9.78
C ARG I 444 26.07 -3.54 -10.67
N ASP I 445 27.38 -3.50 -10.46
CA ASP I 445 28.23 -4.29 -11.29
C ASP I 445 28.15 -5.76 -10.95
N ASN I 446 27.70 -6.05 -9.75
CA ASN I 446 27.56 -7.43 -9.40
C ASN I 446 26.35 -7.96 -10.11
N TRP I 447 25.30 -7.14 -10.17
CA TRP I 447 24.13 -7.63 -10.86
C TRP I 447 24.43 -7.86 -12.32
N ARG I 448 25.27 -6.98 -12.89
CA ARG I 448 25.66 -7.08 -14.27
C ARG I 448 26.43 -8.31 -14.60
N SER I 449 27.21 -8.79 -13.63
CA SER I 449 27.99 -9.99 -13.89
C SER I 449 27.13 -11.17 -14.32
N GLU I 450 25.84 -11.17 -13.95
CA GLU I 450 24.98 -12.22 -14.42
C GLU I 450 24.03 -11.75 -15.50
N LEU I 451 23.49 -10.56 -15.32
CA LEU I 451 22.46 -10.04 -16.18
C LEU I 451 22.87 -9.67 -17.58
N TYR I 452 24.18 -9.56 -17.82
CA TYR I 452 24.65 -9.25 -19.16
C TYR I 452 24.17 -10.29 -20.19
N LYS I 453 23.87 -11.50 -19.73
CA LYS I 453 23.40 -12.55 -20.60
C LYS I 453 22.02 -12.31 -21.21
N TYR I 454 21.25 -11.35 -20.69
CA TYR I 454 19.86 -11.24 -21.12
C TYR I 454 19.37 -9.86 -21.51
N LYS I 455 18.34 -9.85 -22.35
CA LYS I 455 17.62 -8.62 -22.60
C LYS I 455 16.12 -8.89 -22.67
N VAL I 456 15.33 -7.91 -22.31
CA VAL I 456 13.89 -8.01 -22.40
C VAL I 456 13.33 -7.44 -23.67
N VAL I 457 12.48 -8.19 -24.33
CA VAL I 457 11.83 -7.65 -25.50
C VAL I 457 10.34 -7.79 -25.42
N LYS I 458 9.67 -7.01 -26.21
CA LYS I 458 8.25 -7.00 -26.29
C LYS I 458 7.80 -7.68 -27.53
N ILE I 459 6.80 -8.54 -27.36
CA ILE I 459 6.27 -9.23 -28.49
C ILE I 459 5.19 -8.40 -29.14
N GLU I 460 5.33 -8.15 -30.43
CA GLU I 460 4.28 -7.43 -31.13
C GLU I 460 3.66 -8.33 -32.19
N PRO I 461 2.70 -9.16 -31.81
CA PRO I 461 2.03 -10.16 -32.65
C PRO I 461 1.28 -9.59 -33.84
N LEU I 462 0.86 -8.35 -33.74
CA LEU I 462 0.16 -7.73 -34.83
C LEU I 462 1.06 -7.41 -36.00
N GLY I 463 0.57 -7.62 -37.21
CA GLY I 463 1.30 -7.13 -38.36
C GLY I 463 0.48 -7.29 -39.62
N VAL I 464 1.02 -6.78 -40.72
CA VAL I 464 0.35 -6.87 -42.00
C VAL I 464 1.31 -7.29 -43.07
N ALA I 465 0.80 -7.77 -44.19
CA ALA I 465 1.67 -7.99 -45.34
C ALA I 465 0.81 -7.97 -46.59
N PRO I 466 1.38 -7.66 -47.75
CA PRO I 466 0.66 -7.63 -49.02
C PRO I 466 0.16 -9.02 -49.40
N THR I 467 -1.01 -9.04 -50.03
CA THR I 467 -1.62 -10.25 -50.55
C THR I 467 -2.26 -10.09 -51.89
N ARG I 468 -2.51 -11.22 -52.53
CA ARG I 468 -3.25 -11.24 -53.78
C ARG I 468 -4.76 -11.24 -53.51
N CYS I 469 -5.13 -11.47 -52.26
CA CYS I 469 -6.51 -11.45 -51.81
C CYS I 469 -7.12 -10.07 -51.68
N LYS I 470 -8.39 -9.97 -52.01
CA LYS I 470 -9.13 -8.76 -51.71
C LYS I 470 -10.34 -9.24 -50.96
N ARG I 471 -10.89 -8.42 -50.08
CA ARG I 471 -11.95 -8.90 -49.21
C ARG I 471 -13.19 -9.35 -49.94
N ARG I 472 -13.80 -10.39 -49.39
CA ARG I 472 -15.02 -10.97 -49.89
C ARG I 472 -16.22 -10.03 -49.81
N VAL I 473 -17.12 -10.18 -50.76
CA VAL I 473 -18.35 -9.40 -50.79
C VAL I 473 -19.28 -9.78 -49.65
N VAL I 474 -19.90 -8.78 -49.03
CA VAL I 474 -20.84 -9.02 -47.94
C VAL I 474 -22.02 -9.85 -48.41
N LEU J 9 6.95 -27.42 -32.56
CA LEU J 9 8.10 -26.60 -32.23
C LEU J 9 7.89 -25.90 -30.89
N GLY J 10 7.84 -24.57 -30.89
CA GLY J 10 7.63 -23.82 -29.67
C GLY J 10 7.52 -22.35 -29.99
N PHE J 11 7.33 -21.56 -28.93
CA PHE J 11 7.16 -20.13 -29.08
C PHE J 11 8.35 -19.49 -29.76
N LEU J 12 8.04 -18.58 -30.68
CA LEU J 12 8.98 -17.84 -31.50
C LEU J 12 9.85 -18.72 -32.40
N GLY J 13 9.44 -19.96 -32.66
CA GLY J 13 10.25 -20.80 -33.55
C GLY J 13 10.29 -20.23 -34.96
N ALA J 14 9.26 -19.48 -35.32
CA ALA J 14 9.13 -18.86 -36.63
C ALA J 14 10.17 -17.79 -36.90
N ALA J 15 10.88 -17.33 -35.87
CA ALA J 15 11.90 -16.34 -36.12
C ALA J 15 13.03 -16.89 -37.00
N GLY J 16 13.12 -18.22 -37.11
CA GLY J 16 14.13 -18.87 -37.95
C GLY J 16 13.71 -19.06 -39.40
N SER J 17 12.56 -18.53 -39.80
CA SER J 17 12.09 -18.78 -41.14
C SER J 17 11.41 -17.60 -41.78
N THR J 18 11.23 -17.69 -43.08
CA THR J 18 10.63 -16.64 -43.85
C THR J 18 9.18 -16.42 -43.50
N MET J 19 8.71 -15.24 -43.84
CA MET J 19 7.36 -14.83 -43.49
C MET J 19 6.27 -15.80 -43.87
N GLY J 20 6.37 -16.45 -45.03
CA GLY J 20 5.32 -17.40 -45.34
C GLY J 20 5.31 -18.58 -44.40
N ALA J 21 6.49 -19.04 -44.01
CA ALA J 21 6.58 -20.17 -43.11
C ALA J 21 6.15 -19.81 -41.72
N ALA J 22 6.22 -18.53 -41.39
CA ALA J 22 5.83 -18.10 -40.06
C ALA J 22 4.36 -18.29 -39.79
N SER J 23 3.55 -18.40 -40.84
CA SER J 23 2.13 -18.57 -40.66
C SER J 23 1.77 -19.84 -39.93
N MET J 24 2.62 -20.84 -40.01
CA MET J 24 2.35 -22.13 -39.40
C MET J 24 2.25 -22.10 -37.89
N THR J 25 2.88 -21.12 -37.25
CA THR J 25 2.92 -21.09 -35.81
C THR J 25 2.04 -20.04 -35.19
N LEU J 26 1.23 -19.36 -36.00
CA LEU J 26 0.57 -18.19 -35.43
C LEU J 26 -0.30 -18.51 -34.22
N THR J 27 -0.93 -19.68 -34.20
CA THR J 27 -1.76 -20.01 -33.05
C THR J 27 -0.92 -20.26 -31.82
N VAL J 28 0.34 -20.66 -32.02
CA VAL J 28 1.25 -20.88 -30.92
C VAL J 28 1.61 -19.59 -30.31
N GLN J 29 1.87 -18.63 -31.17
CA GLN J 29 2.30 -17.34 -30.71
C GLN J 29 1.27 -16.65 -29.88
N ALA J 30 0.01 -16.82 -30.25
CA ALA J 30 -1.06 -16.21 -29.50
C ALA J 30 -1.22 -16.79 -28.11
N ARG J 31 -0.68 -17.99 -27.89
CA ARG J 31 -0.86 -18.63 -26.60
C ARG J 31 -0.24 -17.92 -25.46
N ASN J 32 0.83 -17.18 -25.70
CA ASN J 32 1.49 -16.59 -24.56
C ASN J 32 1.16 -15.15 -24.28
N LEU J 33 0.14 -14.62 -24.95
CA LEU J 33 -0.17 -13.24 -24.69
C LEU J 33 -0.68 -12.99 -23.27
N LEU J 34 -1.48 -13.91 -22.73
CA LEU J 34 -1.96 -13.81 -21.35
C LEU J 34 -1.37 -14.84 -20.38
N SER J 35 -0.61 -15.78 -20.91
CA SER J 35 -0.04 -16.91 -20.17
C SER J 35 1.07 -16.62 -19.16
N GLY J 36 1.17 -17.52 -18.18
CA GLY J 36 2.23 -17.53 -17.17
C GLY J 36 1.91 -16.78 -15.90
N ILE J 37 0.77 -16.11 -15.87
CA ILE J 37 0.29 -15.45 -14.68
C ILE J 37 -0.96 -16.15 -14.17
N VAL J 38 -1.26 -17.29 -14.81
CA VAL J 38 -2.44 -18.06 -14.51
C VAL J 38 -2.51 -18.60 -13.08
N GLN J 39 -1.36 -18.95 -12.50
CA GLN J 39 -1.36 -19.50 -11.15
C GLN J 39 -0.54 -18.67 -10.15
N GLN J 40 -1.16 -18.38 -9.02
CA GLN J 40 -0.49 -17.68 -7.92
C GLN J 40 -1.01 -18.18 -6.58
N LEU J 57 2.62 -8.42 1.00
CA LEU J 57 3.79 -7.57 0.81
C LEU J 57 3.59 -6.61 -0.34
N THR J 58 3.94 -5.35 -0.14
CA THR J 58 3.86 -4.40 -1.25
C THR J 58 4.91 -4.70 -2.30
N VAL J 59 6.08 -5.11 -1.84
CA VAL J 59 7.17 -5.45 -2.73
C VAL J 59 6.78 -6.67 -3.49
N TRP J 60 7.06 -6.68 -4.78
CA TRP J 60 6.76 -7.80 -5.66
C TRP J 60 5.30 -7.94 -5.96
N GLY J 61 4.47 -8.17 -4.96
CA GLY J 61 3.07 -8.35 -5.25
C GLY J 61 2.48 -7.13 -5.93
N ILE J 62 2.93 -5.90 -5.59
CA ILE J 62 2.42 -4.78 -6.35
C ILE J 62 2.93 -4.81 -7.77
N LYS J 63 4.15 -5.33 -7.93
CA LYS J 63 4.75 -5.42 -9.23
C LYS J 63 4.05 -6.43 -10.08
N GLN J 64 3.63 -7.51 -9.42
CA GLN J 64 2.90 -8.56 -10.08
C GLN J 64 1.61 -8.05 -10.58
N LEU J 65 0.98 -7.25 -9.74
CA LEU J 65 -0.27 -6.66 -10.08
C LEU J 65 -0.14 -5.75 -11.27
N GLN J 66 0.93 -4.97 -11.32
CA GLN J 66 1.14 -4.11 -12.46
C GLN J 66 1.34 -4.91 -13.71
N ALA J 67 2.06 -6.02 -13.59
CA ALA J 67 2.28 -6.86 -14.74
C ALA J 67 0.99 -7.47 -15.24
N ARG J 68 0.11 -7.83 -14.30
CA ARG J 68 -1.15 -8.41 -14.72
C ARG J 68 -1.97 -7.42 -15.49
N VAL J 69 -1.95 -6.19 -15.03
CA VAL J 69 -2.69 -5.16 -15.72
C VAL J 69 -2.14 -4.87 -17.07
N LEU J 70 -0.82 -4.81 -17.16
CA LEU J 70 -0.20 -4.54 -18.43
C LEU J 70 -0.51 -5.56 -19.47
N ALA J 71 -0.45 -6.83 -19.08
CA ALA J 71 -0.71 -7.88 -20.05
C ALA J 71 -2.12 -7.78 -20.57
N VAL J 72 -3.04 -7.48 -19.68
CA VAL J 72 -4.41 -7.36 -20.11
C VAL J 72 -4.63 -6.21 -21.03
N GLU J 73 -4.04 -5.08 -20.71
CA GLU J 73 -4.25 -3.93 -21.53
C GLU J 73 -3.73 -4.08 -22.92
N ARG J 74 -2.56 -4.68 -23.04
CA ARG J 74 -2.03 -4.82 -24.37
C ARG J 74 -2.86 -5.76 -25.19
N TYR J 75 -3.34 -6.81 -24.54
CA TYR J 75 -4.15 -7.76 -25.24
C TYR J 75 -5.40 -7.13 -25.77
N LEU J 76 -6.02 -6.31 -24.95
CA LEU J 76 -7.22 -5.67 -25.36
C LEU J 76 -7.02 -4.68 -26.47
N ARG J 77 -5.89 -4.01 -26.50
CA ARG J 77 -5.70 -3.05 -27.55
C ARG J 77 -5.64 -3.72 -28.89
N ASP J 78 -5.02 -4.89 -28.93
CA ASP J 78 -4.97 -5.57 -30.19
C ASP J 78 -6.33 -6.08 -30.60
N GLN J 79 -7.08 -6.57 -29.63
CA GLN J 79 -8.38 -7.08 -29.96
C GLN J 79 -9.28 -5.99 -30.43
N GLN J 80 -9.11 -4.81 -29.86
CA GLN J 80 -9.90 -3.68 -30.26
C GLN J 80 -9.66 -3.36 -31.70
N LEU J 81 -8.39 -3.36 -32.11
CA LEU J 81 -8.09 -3.06 -33.48
C LEU J 81 -8.62 -4.06 -34.44
N LEU J 82 -8.56 -5.33 -34.06
CA LEU J 82 -9.06 -6.33 -34.95
C LEU J 82 -10.55 -6.22 -35.14
N GLY J 83 -11.24 -5.85 -34.05
CA GLY J 83 -12.67 -5.66 -34.15
C GLY J 83 -13.01 -4.50 -35.04
N ILE J 84 -12.16 -3.48 -35.03
CA ILE J 84 -12.39 -2.37 -35.93
C ILE J 84 -12.18 -2.76 -37.35
N TRP J 85 -11.11 -3.51 -37.57
CA TRP J 85 -10.74 -3.97 -38.87
C TRP J 85 -11.62 -5.08 -39.43
N GLY J 86 -12.42 -5.71 -38.55
CA GLY J 86 -13.30 -6.79 -38.94
C GLY J 86 -12.54 -8.11 -39.03
N CYS J 87 -11.29 -8.09 -38.59
CA CYS J 87 -10.43 -9.24 -38.62
C CYS J 87 -10.45 -10.01 -37.31
N SER J 88 -11.39 -9.64 -36.44
CA SER J 88 -11.47 -10.30 -35.17
C SER J 88 -11.75 -11.76 -35.30
N GLY J 89 -11.16 -12.50 -34.38
CA GLY J 89 -11.31 -13.94 -34.29
C GLY J 89 -10.44 -14.65 -35.31
N LYS J 90 -9.58 -13.93 -36.02
CA LYS J 90 -8.77 -14.59 -37.01
C LYS J 90 -7.30 -14.22 -36.89
N LEU J 91 -6.40 -15.16 -37.17
CA LEU J 91 -4.99 -14.82 -37.18
C LEU J 91 -4.55 -14.41 -38.57
N ILE J 92 -5.41 -14.69 -39.53
CA ILE J 92 -5.21 -14.32 -40.90
C ILE J 92 -6.46 -13.66 -41.37
N CYS J 93 -6.33 -12.58 -42.09
CA CYS J 93 -7.52 -11.92 -42.55
C CYS J 93 -7.28 -11.37 -43.92
N CYS J 94 -8.37 -10.99 -44.57
CA CYS J 94 -8.31 -10.46 -45.92
C CYS J 94 -9.00 -9.14 -46.04
N THR J 95 -8.25 -8.09 -45.77
CA THR J 95 -8.70 -6.74 -45.91
C THR J 95 -8.89 -6.42 -47.37
N ASN J 96 -9.72 -5.42 -47.63
CA ASN J 96 -9.91 -4.97 -48.98
C ASN J 96 -9.08 -3.75 -49.30
N VAL J 97 -8.12 -3.43 -48.45
CA VAL J 97 -7.38 -2.22 -48.67
C VAL J 97 -6.10 -2.41 -49.45
N PRO J 98 -6.00 -1.82 -50.65
CA PRO J 98 -4.86 -1.76 -51.53
C PRO J 98 -3.83 -0.94 -50.82
N TRP J 99 -2.56 -1.16 -51.10
CA TRP J 99 -1.59 -0.31 -50.43
C TRP J 99 -0.74 0.40 -51.44
N ASN J 100 -0.19 1.54 -51.05
CA ASN J 100 0.58 2.30 -52.00
C ASN J 100 1.90 1.64 -52.16
N SER J 101 2.13 1.17 -53.38
CA SER J 101 3.31 0.40 -53.70
C SER J 101 4.61 1.06 -53.36
N SER J 102 4.65 2.38 -53.25
CA SER J 102 5.90 3.04 -52.91
C SER J 102 6.48 2.59 -51.57
N TRP J 103 5.64 2.06 -50.68
CA TRP J 103 6.12 1.62 -49.37
C TRP J 103 7.15 0.49 -49.47
N SER J 104 7.09 -0.32 -50.53
CA SER J 104 8.08 -1.36 -50.75
C SER J 104 8.17 -1.68 -52.22
N ASN J 105 9.34 -2.07 -52.69
CA ASN J 105 9.44 -2.38 -54.11
C ASN J 105 10.16 -3.67 -54.34
N ARG J 106 9.46 -4.74 -54.06
CA ARG J 106 10.01 -6.07 -54.21
C ARG J 106 8.93 -6.98 -54.75
N ASN J 107 9.28 -8.00 -55.50
CA ASN J 107 8.24 -8.87 -56.03
C ASN J 107 7.65 -9.59 -54.84
N LEU J 108 6.35 -9.82 -54.88
CA LEU J 108 5.70 -10.37 -53.71
C LEU J 108 6.31 -11.68 -53.23
N SER J 109 6.65 -12.59 -54.16
CA SER J 109 7.31 -13.82 -53.77
C SER J 109 8.69 -13.59 -53.19
N GLU J 110 9.32 -12.50 -53.63
CA GLU J 110 10.62 -12.10 -53.16
C GLU J 110 10.56 -11.55 -51.76
N ILE J 111 9.36 -11.30 -51.26
CA ILE J 111 9.24 -10.83 -49.93
C ILE J 111 8.92 -11.96 -49.00
N TRP J 112 7.84 -12.64 -49.34
CA TRP J 112 7.34 -13.72 -48.53
C TRP J 112 8.27 -14.91 -48.39
N ASP J 113 9.08 -15.17 -49.41
CA ASP J 113 9.93 -16.32 -49.33
C ASP J 113 11.36 -16.09 -48.85
N ASN J 114 11.74 -14.88 -48.45
CA ASN J 114 13.14 -14.77 -48.03
C ASN J 114 13.46 -13.94 -46.80
N MET J 115 12.50 -13.65 -45.93
CA MET J 115 12.92 -12.88 -44.77
C MET J 115 12.13 -13.17 -43.52
N THR J 116 12.77 -12.95 -42.38
CA THR J 116 12.08 -13.12 -41.12
C THR J 116 11.04 -12.03 -41.09
N TRP J 117 9.87 -12.32 -40.54
CA TRP J 117 8.82 -11.33 -40.56
C TRP J 117 9.26 -10.04 -39.92
N LEU J 118 10.08 -10.16 -38.89
CA LEU J 118 10.65 -9.03 -38.21
C LEU J 118 11.51 -8.17 -39.10
N GLN J 119 12.25 -8.79 -40.02
CA GLN J 119 13.05 -7.99 -40.91
C GLN J 119 12.15 -7.17 -41.79
N TRP J 120 11.10 -7.82 -42.25
CA TRP J 120 10.13 -7.14 -43.06
C TRP J 120 9.46 -6.03 -42.31
N ASP J 121 9.26 -6.24 -41.01
CA ASP J 121 8.63 -5.26 -40.17
C ASP J 121 9.44 -4.01 -40.12
N LYS J 122 10.74 -4.16 -40.08
CA LYS J 122 11.54 -2.98 -40.05
C LYS J 122 11.36 -2.16 -41.31
N GLU J 123 11.21 -2.83 -42.46
CA GLU J 123 10.98 -2.06 -43.68
C GLU J 123 9.64 -1.32 -43.69
N ILE J 124 8.57 -2.00 -43.29
CA ILE J 124 7.25 -1.40 -43.25
C ILE J 124 7.04 -0.35 -42.17
N SER J 125 7.90 -0.37 -41.16
CA SER J 125 7.68 0.39 -39.95
C SER J 125 7.35 1.88 -40.06
N ASN J 126 7.69 2.54 -41.15
CA ASN J 126 7.31 3.95 -41.18
C ASN J 126 5.99 4.22 -41.88
N TYR J 127 5.27 3.17 -42.28
CA TYR J 127 4.00 3.37 -42.93
C TYR J 127 2.84 2.87 -42.12
N THR J 128 3.13 2.34 -40.94
CA THR J 128 2.11 1.59 -40.23
C THR J 128 0.92 2.38 -39.77
N GLN J 129 1.08 3.67 -39.54
CA GLN J 129 -0.08 4.38 -39.08
C GLN J 129 -0.93 4.84 -40.23
N ILE J 130 -0.38 4.75 -41.43
CA ILE J 130 -1.14 5.13 -42.59
C ILE J 130 -2.12 4.05 -42.79
N ILE J 131 -1.58 2.85 -42.71
CA ILE J 131 -2.33 1.67 -42.93
C ILE J 131 -3.43 1.50 -41.96
N TYR J 132 -3.15 1.76 -40.70
CA TYR J 132 -4.19 1.55 -39.72
C TYR J 132 -5.36 2.46 -39.93
N GLY J 133 -5.11 3.71 -40.32
CA GLY J 133 -6.23 4.59 -40.57
C GLY J 133 -7.03 4.13 -41.76
N LEU J 134 -6.32 3.58 -42.76
CA LEU J 134 -7.01 3.10 -43.92
C LEU J 134 -7.89 1.93 -43.61
N LEU J 135 -7.39 1.05 -42.75
CA LEU J 135 -8.19 -0.11 -42.45
C LEU J 135 -9.46 0.26 -41.76
N GLU J 136 -9.37 1.24 -40.86
CA GLU J 136 -10.52 1.68 -40.13
C GLU J 136 -11.62 2.24 -40.99
N GLU J 137 -11.25 3.11 -41.93
CA GLU J 137 -12.29 3.75 -42.70
C GLU J 137 -12.39 3.38 -44.15
N SER J 138 -11.24 3.29 -44.83
CA SER J 138 -11.30 3.09 -46.27
C SER J 138 -12.01 1.81 -46.61
N GLN J 139 -11.96 0.84 -45.70
CA GLN J 139 -12.76 -0.32 -45.93
C GLN J 139 -13.75 -0.57 -44.86
N ASN J 140 -13.39 -0.49 -43.59
CA ASN J 140 -14.39 -0.89 -42.64
C ASN J 140 -15.51 0.08 -42.38
N GLN J 141 -15.24 1.38 -42.24
CA GLN J 141 -16.39 2.26 -42.11
C GLN J 141 -17.22 2.24 -43.36
N GLN J 142 -16.53 2.23 -44.50
CA GLN J 142 -17.23 2.19 -45.76
C GLN J 142 -18.02 0.93 -45.96
N GLU J 143 -17.45 -0.19 -45.53
CA GLU J 143 -18.15 -1.44 -45.65
C GLU J 143 -19.38 -1.43 -44.83
N LYS J 144 -19.26 -0.90 -43.62
CA LYS J 144 -20.39 -0.83 -42.73
C LYS J 144 -21.49 0.04 -43.27
N ASN J 145 -21.13 1.05 -44.06
CA ASN J 145 -22.13 1.88 -44.64
C ASN J 145 -22.90 1.06 -45.66
N GLU J 146 -22.15 0.30 -46.44
CA GLU J 146 -22.72 -0.58 -47.44
C GLU J 146 -23.50 -1.70 -46.81
N GLN J 147 -23.04 -2.18 -45.65
CA GLN J 147 -23.73 -3.22 -44.94
C GLN J 147 -25.06 -2.74 -44.51
N ASP J 148 -25.12 -1.46 -44.10
CA ASP J 148 -26.37 -0.90 -43.70
C ASP J 148 -27.30 -0.78 -44.87
N LEU J 149 -26.77 -0.42 -46.02
CA LEU J 149 -27.61 -0.34 -47.19
C LEU J 149 -28.18 -1.70 -47.52
N LEU J 150 -27.37 -2.74 -47.36
CA LEU J 150 -27.83 -4.09 -47.57
C LEU J 150 -28.84 -4.49 -46.51
N ALA J 151 -28.66 -3.97 -45.29
CA ALA J 151 -29.58 -4.24 -44.21
C ALA J 151 -30.95 -3.63 -44.48
N LEU J 152 -30.98 -2.60 -45.31
CA LEU J 152 -32.21 -1.97 -45.68
C LEU J 152 -32.87 -2.60 -46.91
N ASP J 153 -32.30 -3.68 -47.43
CA ASP J 153 -32.85 -4.35 -48.59
C ASP J 153 -33.72 -5.52 -48.16
N GLN K 1 24.38 27.21 -7.38
CA GLN K 1 25.62 27.46 -8.11
C GLN K 1 26.54 26.27 -8.00
N VAL K 2 26.70 25.56 -9.11
CA VAL K 2 27.55 24.38 -9.18
C VAL K 2 29.02 24.59 -8.89
N GLN K 3 29.50 25.82 -8.99
CA GLN K 3 30.93 26.08 -8.86
C GLN K 3 31.56 25.63 -7.57
N LEU K 4 32.73 25.04 -7.71
CA LEU K 4 33.53 24.58 -6.60
C LEU K 4 34.20 25.68 -5.82
N LEU K 5 34.25 25.52 -4.51
CA LEU K 5 35.07 26.40 -3.70
C LEU K 5 36.50 26.09 -4.00
N GLN K 6 37.36 27.09 -4.04
CA GLN K 6 38.78 26.82 -4.22
C GLN K 6 39.61 27.39 -3.08
N SER K 7 40.45 26.56 -2.46
CA SER K 7 41.34 27.01 -1.39
C SER K 7 42.44 27.94 -1.90
N GLY K 8 42.93 28.79 -1.00
CA GLY K 8 43.98 29.78 -1.28
C GLY K 8 45.39 29.22 -1.54
N ALA K 9 46.20 30.04 -2.22
CA ALA K 9 47.62 29.79 -2.56
C ALA K 9 48.49 29.58 -1.34
N ALA K 10 49.54 28.78 -1.51
CA ALA K 10 50.46 28.55 -0.40
C ALA K 10 51.86 28.20 -0.89
N VAL K 11 52.85 28.47 -0.04
CA VAL K 11 54.23 28.14 -0.35
C VAL K 11 54.94 27.49 0.81
N THR K 12 55.72 26.48 0.54
CA THR K 12 56.53 25.84 1.57
C THR K 12 57.95 25.56 1.11
N LYS K 13 58.83 25.31 2.06
CA LYS K 13 60.18 24.88 1.75
C LYS K 13 60.15 23.43 1.27
N PRO K 14 61.12 22.99 0.46
CA PRO K 14 61.15 21.68 -0.14
C PRO K 14 61.15 20.59 0.90
N GLY K 15 60.52 19.49 0.52
CA GLY K 15 60.36 18.28 1.31
C GLY K 15 59.09 18.36 2.17
N ALA K 16 58.44 19.53 2.17
CA ALA K 16 57.20 19.74 2.91
C ALA K 16 56.05 18.90 2.42
N SER K 17 55.18 18.52 3.34
CA SER K 17 53.95 17.90 2.94
C SER K 17 52.89 19.00 2.91
N VAL K 18 52.03 19.01 1.90
CA VAL K 18 51.02 20.06 1.81
C VAL K 18 49.63 19.56 1.50
N ARG K 19 48.66 20.42 1.77
CA ARG K 19 47.27 20.14 1.45
C ARG K 19 46.57 21.29 0.75
N VAL K 20 45.72 20.95 -0.20
CA VAL K 20 44.86 21.91 -0.88
C VAL K 20 43.45 21.38 -0.87
N SER K 21 42.46 22.25 -1.09
CA SER K 21 41.10 21.75 -1.05
C SER K 21 40.10 22.46 -1.93
N CYS K 22 38.95 21.81 -2.11
CA CYS K 22 37.81 22.36 -2.84
C CYS K 22 36.51 21.94 -2.18
N GLU K 23 35.41 22.58 -2.57
CA GLU K 23 34.12 22.17 -2.01
C GLU K 23 32.98 22.17 -3.01
N ALA K 24 32.15 21.13 -2.96
CA ALA K 24 30.96 21.01 -3.80
C ALA K 24 29.97 22.10 -3.48
N SER K 25 29.23 22.58 -4.48
CA SER K 25 28.24 23.58 -4.16
C SER K 25 26.80 23.28 -4.59
N GLY K 26 26.49 23.55 -5.86
CA GLY K 26 25.13 23.45 -6.39
C GLY K 26 24.59 22.12 -6.92
N TYR K 27 25.33 21.03 -6.77
CA TYR K 27 24.83 19.79 -7.36
C TYR K 27 25.13 18.58 -6.55
N ASN K 28 24.47 17.47 -6.89
CA ASN K 28 24.70 16.25 -6.14
C ASN K 28 25.99 15.63 -6.59
N ILE K 29 26.96 15.71 -5.70
CA ILE K 29 28.31 15.25 -5.95
C ILE K 29 28.42 13.80 -6.29
N ARG K 30 27.46 13.00 -5.84
CA ARG K 30 27.51 11.59 -6.01
C ARG K 30 27.52 11.16 -7.45
N ASP K 31 26.96 11.99 -8.32
CA ASP K 31 26.89 11.59 -9.69
C ASP K 31 28.08 11.99 -10.54
N TYR K 32 29.12 12.59 -9.96
CA TYR K 32 30.22 12.99 -10.82
C TYR K 32 31.60 12.70 -10.28
N PHE K 33 32.49 12.24 -11.14
CA PHE K 33 33.88 12.12 -10.75
C PHE K 33 34.51 13.46 -10.52
N ILE K 34 35.41 13.54 -9.57
CA ILE K 34 36.16 14.76 -9.38
C ILE K 34 37.56 14.54 -9.82
N HIS K 35 38.13 15.54 -10.48
CA HIS K 35 39.47 15.39 -10.98
C HIS K 35 40.35 16.52 -10.57
N TRP K 36 41.62 16.20 -10.52
CA TRP K 36 42.61 17.18 -10.19
C TRP K 36 43.52 17.34 -11.36
N TRP K 37 43.89 18.58 -11.62
CA TRP K 37 44.80 18.93 -12.67
C TRP K 37 45.86 19.89 -12.17
N ARG K 38 47.02 19.87 -12.81
CA ARG K 38 48.05 20.80 -12.42
C ARG K 38 48.77 21.33 -13.62
N GLN K 39 49.28 22.53 -13.55
CA GLN K 39 50.15 22.89 -14.64
C GLN K 39 51.28 23.74 -14.18
N ALA K 40 52.45 23.51 -14.73
CA ALA K 40 53.56 24.40 -14.49
C ALA K 40 53.18 25.69 -15.15
N PRO K 41 53.60 26.83 -14.64
CA PRO K 41 53.35 28.06 -15.32
C PRO K 41 54.08 27.95 -16.63
N GLY K 42 53.52 28.52 -17.67
CA GLY K 42 54.17 28.46 -18.96
C GLY K 42 53.98 27.10 -19.63
N GLN K 43 53.13 26.23 -19.06
CA GLN K 43 52.98 24.87 -19.58
C GLN K 43 51.56 24.37 -19.61
N GLY K 44 51.33 23.40 -20.49
CA GLY K 44 50.04 22.74 -20.65
C GLY K 44 49.68 21.92 -19.43
N LEU K 45 48.39 21.67 -19.28
CA LEU K 45 47.87 20.92 -18.14
C LEU K 45 48.33 19.50 -18.05
N GLN K 46 48.51 19.04 -16.82
CA GLN K 46 48.83 17.67 -16.55
C GLN K 46 47.77 17.08 -15.65
N TRP K 47 47.23 15.95 -16.04
CA TRP K 47 46.24 15.32 -15.19
C TRP K 47 46.89 14.84 -13.94
N VAL K 48 46.20 14.99 -12.82
CA VAL K 48 46.73 14.50 -11.58
C VAL K 48 46.06 13.24 -11.13
N GLY K 49 44.74 13.27 -11.09
CA GLY K 49 44.01 12.08 -10.69
C GLY K 49 42.51 12.26 -10.67
N TRP K 50 41.81 11.20 -10.29
CA TRP K 50 40.38 11.35 -10.03
C TRP K 50 39.95 10.61 -8.80
N ILE K 51 38.86 11.08 -8.23
CA ILE K 51 38.32 10.42 -7.08
C ILE K 51 36.83 10.20 -7.24
N ASN K 52 36.39 9.00 -6.90
CA ASN K 52 34.98 8.71 -6.88
C ASN K 52 34.46 9.13 -5.56
N PRO K 53 33.79 10.26 -5.46
CA PRO K 53 33.34 10.85 -4.22
C PRO K 53 32.42 9.97 -3.42
N LYS K 54 31.73 9.05 -4.08
CA LYS K 54 30.88 8.18 -3.30
C LYS K 54 31.68 7.24 -2.44
N THR K 55 32.81 6.81 -2.98
CA THR K 55 33.61 5.83 -2.29
C THR K 55 34.91 6.35 -1.79
N GLY K 56 35.26 7.57 -2.16
CA GLY K 56 36.54 8.08 -1.71
C GLY K 56 37.66 7.50 -2.54
N GLN K 57 37.35 6.85 -3.67
CA GLN K 57 38.36 6.10 -4.41
C GLN K 57 39.22 6.89 -5.40
N PRO K 58 40.50 7.13 -5.12
CA PRO K 58 41.52 7.77 -5.97
C PRO K 58 41.96 6.96 -7.17
N ASN K 59 42.39 7.67 -8.21
CA ASN K 59 43.09 7.08 -9.35
C ASN K 59 44.22 7.99 -9.77
N ASN K 60 45.45 7.51 -9.70
CA ASN K 60 46.60 8.35 -10.06
C ASN K 60 47.53 7.68 -11.04
N PRO K 61 48.28 8.44 -11.83
CA PRO K 61 49.32 8.02 -12.74
C PRO K 61 50.43 7.34 -11.99
N ARG K 62 51.12 6.42 -12.68
CA ARG K 62 52.26 5.74 -12.10
C ARG K 62 53.33 6.72 -11.62
N GLN K 63 53.40 7.88 -12.27
CA GLN K 63 54.32 8.92 -11.90
C GLN K 63 54.16 9.43 -10.50
N PHE K 64 52.94 9.48 -10.03
CA PHE K 64 52.69 10.03 -8.73
C PHE K 64 52.47 9.00 -7.67
N GLN K 65 52.74 7.72 -7.97
CA GLN K 65 52.36 6.78 -6.96
C GLN K 65 53.18 6.97 -5.72
N GLY K 66 52.48 6.90 -4.61
CA GLY K 66 53.08 6.96 -3.30
C GLY K 66 53.46 8.38 -2.91
N ARG K 67 53.09 9.38 -3.72
CA ARG K 67 53.46 10.75 -3.40
C ARG K 67 52.28 11.64 -3.17
N VAL K 68 51.13 11.22 -3.64
CA VAL K 68 49.94 12.02 -3.53
C VAL K 68 48.77 11.22 -3.05
N SER K 69 47.86 11.89 -2.36
CA SER K 69 46.66 11.22 -1.95
C SER K 69 45.47 12.12 -2.14
N LEU K 70 44.32 11.51 -2.34
CA LEU K 70 43.10 12.28 -2.48
C LEU K 70 42.13 11.85 -1.42
N THR K 71 41.41 12.80 -0.88
CA THR K 71 40.39 12.45 0.09
C THR K 71 39.13 13.21 -0.19
N ARG K 72 38.06 12.75 0.41
CA ARG K 72 36.80 13.43 0.26
C ARG K 72 36.10 13.45 1.60
N HIS K 73 35.25 14.44 1.77
CA HIS K 73 34.56 14.62 3.02
C HIS K 73 33.18 15.19 2.78
N ALA K 74 32.33 15.11 3.77
CA ALA K 74 31.00 15.64 3.59
C ALA K 74 30.46 16.21 4.86
N SER K 75 29.52 17.14 4.71
CA SER K 75 28.87 17.68 5.88
C SER K 75 28.11 16.61 6.56
N TRP K 76 27.96 16.69 7.86
CA TRP K 76 27.15 15.70 8.53
C TRP K 76 25.69 15.71 8.07
N ASP K 77 25.21 16.83 7.53
CA ASP K 77 23.88 16.83 6.93
C ASP K 77 23.94 16.54 5.43
N PHE K 78 25.15 16.26 4.94
CA PHE K 78 25.49 15.92 3.58
C PHE K 78 25.11 16.95 2.55
N ASP K 79 25.00 18.21 2.95
CA ASP K 79 24.70 19.19 1.93
C ASP K 79 25.93 19.86 1.35
N THR K 80 27.11 19.49 1.82
CA THR K 80 28.33 19.97 1.20
C THR K 80 29.27 18.82 1.08
N TYR K 81 30.25 18.95 0.20
CA TYR K 81 31.26 17.92 0.09
C TYR K 81 32.59 18.60 -0.07
N SER K 82 33.65 17.95 0.34
CA SER K 82 34.93 18.59 0.21
C SER K 82 35.92 17.63 -0.33
N PHE K 83 36.95 18.18 -0.95
CA PHE K 83 37.97 17.34 -1.49
C PHE K 83 39.28 17.89 -1.13
N TYR K 84 40.23 17.00 -0.97
CA TYR K 84 41.54 17.45 -0.61
C TYR K 84 42.57 16.73 -1.40
N MET K 85 43.68 17.39 -1.61
CA MET K 85 44.78 16.71 -2.21
C MET K 85 46.00 16.92 -1.34
N ASP K 86 46.70 15.83 -1.06
CA ASP K 86 47.87 15.88 -0.23
C ASP K 86 49.12 15.48 -0.95
N LEU K 87 50.23 16.18 -0.69
CA LEU K 87 51.50 15.75 -1.24
C LEU K 87 52.44 15.46 -0.10
N LYS K 88 53.09 14.31 -0.16
CA LYS K 88 54.02 13.93 0.90
C LYS K 88 55.27 14.76 1.00
N ALA K 89 55.75 15.24 -0.13
CA ALA K 89 56.98 16.00 -0.16
C ALA K 89 56.98 16.89 -1.35
N LEU K 90 57.77 17.94 -1.30
CA LEU K 90 57.85 18.83 -2.43
C LEU K 90 59.23 19.05 -2.96
N ARG K 91 59.27 19.24 -4.27
CA ARG K 91 60.46 19.51 -5.02
C ARG K 91 60.12 20.67 -5.90
N SER K 92 61.12 21.40 -6.39
CA SER K 92 60.81 22.56 -7.22
C SER K 92 59.94 22.23 -8.44
N ASP K 93 59.96 20.99 -8.92
CA ASP K 93 59.11 20.67 -10.04
C ASP K 93 57.68 20.34 -9.64
N ASP K 94 57.37 20.47 -8.35
CA ASP K 94 56.03 20.30 -7.91
C ASP K 94 55.31 21.62 -7.88
N THR K 95 55.97 22.70 -8.32
CA THR K 95 55.23 23.94 -8.30
C THR K 95 54.28 23.91 -9.45
N ALA K 96 53.03 24.22 -9.20
CA ALA K 96 52.06 24.24 -10.27
C ALA K 96 50.83 24.98 -9.85
N VAL K 97 50.04 25.39 -10.81
CA VAL K 97 48.74 25.86 -10.45
C VAL K 97 47.96 24.58 -10.23
N TYR K 98 47.20 24.46 -9.15
CA TYR K 98 46.44 23.24 -8.93
C TYR K 98 44.97 23.51 -8.88
N PHE K 99 44.20 22.62 -9.48
CA PHE K 99 42.76 22.79 -9.51
C PHE K 99 41.90 21.56 -9.64
N CYS K 100 40.66 21.73 -9.16
CA CYS K 100 39.62 20.74 -9.17
C CYS K 100 38.75 20.84 -10.41
N ALA K 101 38.16 19.73 -10.82
CA ALA K 101 37.26 19.78 -11.94
C ALA K 101 36.17 18.72 -11.85
N ARG K 102 35.07 18.95 -12.54
CA ARG K 102 33.98 17.97 -12.52
C ARG K 102 33.84 17.25 -13.82
N GLN K 103 33.67 15.94 -13.75
CA GLN K 103 33.47 15.18 -14.95
C GLN K 103 32.01 15.11 -15.32
N ARG K 104 31.63 15.99 -16.23
CA ARG K 104 30.26 16.09 -16.73
C ARG K 104 29.74 14.85 -17.43
N SER K 105 30.62 14.16 -18.14
CA SER K 105 30.23 13.01 -18.92
C SER K 105 31.40 12.11 -19.10
N ASP K 106 31.13 10.96 -19.69
CA ASP K 106 32.15 9.95 -19.93
C ASP K 106 33.12 10.29 -21.03
N TYR K 107 33.01 11.50 -21.59
CA TYR K 107 34.01 11.96 -22.51
C TYR K 107 35.04 12.77 -21.74
N TRP K 108 34.91 12.77 -20.40
CA TRP K 108 35.75 13.53 -19.51
C TRP K 108 35.56 14.99 -19.81
N ASP K 109 34.31 15.36 -19.94
CA ASP K 109 33.96 16.75 -20.15
C ASP K 109 34.18 17.52 -18.87
N PHE K 110 34.84 18.66 -18.94
CA PHE K 110 35.05 19.42 -17.73
C PHE K 110 34.35 20.76 -17.74
N ASP K 111 33.07 20.73 -17.42
CA ASP K 111 32.31 21.96 -17.39
C ASP K 111 32.38 22.73 -16.06
N VAL K 112 33.15 22.23 -15.11
CA VAL K 112 33.35 22.97 -13.88
C VAL K 112 34.81 22.96 -13.52
N TRP K 113 35.37 24.12 -13.28
CA TRP K 113 36.74 24.18 -12.83
C TRP K 113 36.86 25.05 -11.62
N GLY K 114 37.72 24.66 -10.69
CA GLY K 114 38.06 25.55 -9.60
C GLY K 114 38.91 26.66 -10.21
N SER K 115 38.97 27.84 -9.58
CA SER K 115 39.87 28.88 -10.10
C SER K 115 41.29 28.41 -10.12
N GLY K 116 41.56 27.50 -9.20
CA GLY K 116 42.83 26.91 -8.97
C GLY K 116 43.52 27.71 -7.95
N THR K 117 44.66 27.20 -7.53
CA THR K 117 45.49 27.82 -6.55
C THR K 117 46.92 27.73 -6.97
N GLN K 118 47.78 28.54 -6.40
CA GLN K 118 49.16 28.40 -6.75
C GLN K 118 49.95 27.79 -5.64
N VAL K 119 50.52 26.63 -5.91
CA VAL K 119 51.41 26.01 -4.96
C VAL K 119 52.83 26.24 -5.35
N THR K 120 53.63 26.74 -4.43
CA THR K 120 55.03 26.94 -4.74
C THR K 120 55.91 26.36 -3.65
N VAL K 121 57.18 26.19 -4.00
CA VAL K 121 58.12 25.56 -3.11
C VAL K 121 59.25 26.51 -2.73
N ASP L 1 46.03 2.53 -27.38
CA ASP L 1 46.97 3.57 -26.96
C ASP L 1 46.62 4.89 -27.62
N ILE L 2 46.05 5.78 -26.82
CA ILE L 2 45.64 7.08 -27.31
C ILE L 2 46.79 7.97 -27.66
N GLN L 3 46.69 8.60 -28.81
CA GLN L 3 47.69 9.56 -29.25
C GLN L 3 47.00 10.73 -29.90
N MET L 4 47.63 11.89 -29.82
CA MET L 4 47.02 13.06 -30.42
C MET L 4 48.05 14.02 -30.98
N THR L 5 47.63 14.79 -31.97
CA THR L 5 48.47 15.82 -32.53
C THR L 5 47.72 17.11 -32.77
N GLN L 6 48.45 18.21 -32.93
CA GLN L 6 47.81 19.46 -33.28
C GLN L 6 48.71 20.29 -34.19
N SER L 7 48.12 21.06 -35.09
CA SER L 7 48.90 21.95 -35.95
C SER L 7 48.93 23.49 -35.69
N PRO L 8 48.14 24.07 -34.78
CA PRO L 8 48.00 25.53 -34.60
C PRO L 8 49.21 26.36 -34.22
N SER L 9 50.23 25.81 -33.54
CA SER L 9 51.34 26.68 -33.13
C SER L 9 50.73 27.91 -32.41
N SER L 10 50.93 29.08 -32.98
CA SER L 10 50.22 30.25 -32.50
C SER L 10 49.79 31.00 -33.75
N LEU L 11 48.77 31.83 -33.64
CA LEU L 11 48.29 32.50 -34.85
C LEU L 11 48.32 34.00 -34.73
N SER L 12 48.70 34.66 -35.81
CA SER L 12 48.74 36.12 -35.92
C SER L 12 47.46 36.77 -36.46
N ALA L 13 46.41 36.00 -36.70
CA ALA L 13 45.24 36.52 -37.42
C ALA L 13 44.60 37.78 -36.83
N SER L 14 44.16 38.64 -37.74
CA SER L 14 43.48 39.90 -37.43
C SER L 14 42.08 39.70 -36.91
N VAL L 15 41.59 40.70 -36.19
CA VAL L 15 40.25 40.64 -35.66
C VAL L 15 39.23 40.67 -36.78
N GLY L 16 38.23 39.83 -36.60
CA GLY L 16 37.12 39.63 -37.51
C GLY L 16 37.41 38.53 -38.52
N ASP L 17 38.64 37.99 -38.50
CA ASP L 17 38.94 36.85 -39.34
C ASP L 17 38.24 35.61 -38.87
N THR L 18 37.63 34.87 -39.75
CA THR L 18 37.23 33.57 -39.31
C THR L 18 38.54 32.80 -39.22
N VAL L 19 38.73 32.04 -38.15
CA VAL L 19 39.98 31.30 -38.04
C VAL L 19 39.75 29.86 -37.72
N THR L 20 40.72 29.01 -38.02
CA THR L 20 40.54 27.63 -37.61
C THR L 20 41.78 27.08 -36.95
N ILE L 21 41.57 26.04 -36.18
CA ILE L 21 42.63 25.25 -35.57
C ILE L 21 42.31 23.78 -35.74
N THR L 22 43.32 22.93 -35.87
CA THR L 22 42.97 21.52 -36.00
C THR L 22 43.81 20.62 -35.12
N CYS L 23 43.26 19.43 -34.89
CA CYS L 23 43.92 18.38 -34.14
C CYS L 23 43.50 17.05 -34.68
N GLN L 24 44.19 16.00 -34.28
CA GLN L 24 43.70 14.68 -34.57
C GLN L 24 43.96 13.84 -33.37
N ALA L 25 43.08 12.89 -33.09
CA ALA L 25 43.36 12.07 -31.94
C ALA L 25 42.65 10.74 -31.96
N ASN L 26 43.21 9.79 -31.24
CA ASN L 26 42.51 8.56 -31.00
C ASN L 26 41.40 8.88 -30.00
N GLY L 27 40.21 8.35 -30.22
CA GLY L 27 39.13 8.57 -29.26
C GLY L 27 38.37 9.88 -29.45
N TYR L 28 37.47 10.12 -28.50
CA TYR L 28 36.59 11.29 -28.42
C TYR L 28 37.42 12.55 -28.19
N LEU L 29 37.05 13.70 -28.77
CA LEU L 29 37.89 14.88 -28.51
C LEU L 29 37.10 16.08 -27.99
N ASN L 30 37.63 16.72 -26.96
CA ASN L 30 37.02 17.91 -26.41
C ASN L 30 37.96 19.10 -26.60
N TRP L 31 37.42 20.28 -26.87
CA TRP L 31 38.30 21.42 -27.02
C TRP L 31 38.02 22.44 -25.92
N TYR L 32 39.07 23.12 -25.47
CA TYR L 32 38.98 24.07 -24.37
C TYR L 32 39.67 25.40 -24.64
N GLN L 33 39.23 26.41 -23.90
CA GLN L 33 39.78 27.75 -23.98
C GLN L 33 40.37 28.17 -22.64
N GLN L 34 41.53 28.80 -22.65
CA GLN L 34 42.07 29.27 -21.37
C GLN L 34 42.81 30.59 -21.52
N ARG L 35 42.78 31.38 -20.48
CA ARG L 35 43.45 32.67 -20.45
C ARG L 35 44.35 32.72 -19.27
N ARG L 36 45.40 33.55 -19.36
CA ARG L 36 46.33 33.55 -18.27
C ARG L 36 45.62 33.95 -17.00
N GLY L 37 45.97 33.28 -15.93
CA GLY L 37 45.40 33.54 -14.62
C GLY L 37 44.01 32.93 -14.47
N LYS L 38 43.56 32.12 -15.44
CA LYS L 38 42.23 31.57 -15.35
C LYS L 38 42.13 30.10 -15.66
N ALA L 39 41.11 29.48 -15.08
CA ALA L 39 40.76 28.09 -15.36
C ALA L 39 40.34 27.92 -16.82
N PRO L 40 40.58 26.76 -17.43
CA PRO L 40 40.14 26.33 -18.76
C PRO L 40 38.63 26.27 -18.83
N LYS L 41 38.06 26.45 -20.01
CA LYS L 41 36.63 26.22 -20.14
C LYS L 41 36.32 25.40 -21.36
N LEU L 42 35.28 24.58 -21.27
CA LEU L 42 34.89 23.77 -22.41
C LEU L 42 34.30 24.59 -23.53
N LEU L 43 34.69 24.26 -24.75
CA LEU L 43 34.10 24.91 -25.89
C LEU L 43 33.17 23.98 -26.65
N ILE L 44 33.74 22.89 -27.10
CA ILE L 44 33.04 21.88 -27.88
C ILE L 44 33.42 20.51 -27.37
N TYR L 45 32.49 19.57 -27.40
CA TYR L 45 32.86 18.28 -26.92
C TYR L 45 32.36 17.14 -27.76
N ASP L 46 33.09 16.04 -27.60
CA ASP L 46 32.90 14.79 -28.33
C ASP L 46 33.05 15.02 -29.84
N GLY L 47 33.79 16.06 -30.19
CA GLY L 47 34.10 16.45 -31.55
C GLY L 47 32.95 17.17 -32.26
N SER L 48 31.86 17.49 -31.56
CA SER L 48 30.75 18.09 -32.28
C SER L 48 29.81 19.04 -31.56
N LYS L 49 29.73 18.97 -30.24
CA LYS L 49 28.69 19.77 -29.59
C LYS L 49 29.21 20.91 -28.79
N LEU L 50 28.69 22.10 -29.03
CA LEU L 50 29.14 23.19 -28.21
C LEU L 50 28.63 23.04 -26.81
N GLU L 51 29.45 23.42 -25.84
CA GLU L 51 28.99 23.49 -24.48
C GLU L 51 27.96 24.61 -24.38
N ARG L 52 27.00 24.45 -23.49
CA ARG L 52 26.02 25.49 -23.35
C ARG L 52 26.68 26.78 -22.94
N GLY L 53 26.17 27.86 -23.51
CA GLY L 53 26.61 29.23 -23.26
C GLY L 53 27.87 29.60 -24.05
N VAL L 54 28.33 28.70 -24.92
CA VAL L 54 29.43 29.02 -25.82
C VAL L 54 28.90 29.95 -26.91
N PRO L 55 29.66 30.99 -27.29
CA PRO L 55 29.28 31.95 -28.30
C PRO L 55 29.09 31.28 -29.64
N SER L 56 28.19 31.85 -30.44
CA SER L 56 27.85 31.35 -31.76
C SER L 56 29.02 31.29 -32.71
N ARG L 57 30.06 32.08 -32.45
CA ARG L 57 31.21 32.10 -33.30
C ARG L 57 31.89 30.74 -33.36
N PHE L 58 31.84 29.99 -32.26
CA PHE L 58 32.47 28.71 -32.23
C PHE L 58 31.79 27.65 -33.08
N SER L 59 32.59 26.82 -33.72
CA SER L 59 32.09 25.68 -34.47
C SER L 59 33.16 24.64 -34.68
N GLY L 60 32.80 23.50 -35.24
CA GLY L 60 33.80 22.50 -35.58
C GLY L 60 33.24 21.30 -36.31
N ARG L 61 34.13 20.38 -36.69
CA ARG L 61 33.71 19.15 -37.37
C ARG L 61 34.62 17.97 -37.09
N ARG L 62 34.10 16.78 -37.33
CA ARG L 62 34.87 15.56 -37.14
C ARG L 62 34.87 14.66 -38.35
N TRP L 63 36.02 14.06 -38.63
CA TRP L 63 36.08 13.02 -39.62
C TRP L 63 36.97 11.91 -39.13
N GLY L 64 36.38 10.98 -38.39
CA GLY L 64 37.18 9.93 -37.82
C GLY L 64 38.09 10.58 -36.80
N GLN L 65 39.37 10.27 -36.84
CA GLN L 65 40.32 10.89 -35.94
C GLN L 65 40.54 12.38 -36.22
N GLU L 66 40.12 12.86 -37.40
CA GLU L 66 40.26 14.27 -37.69
C GLU L 66 39.36 15.15 -36.84
N TYR L 67 39.87 16.27 -36.35
CA TYR L 67 39.00 17.23 -35.71
C TYR L 67 39.33 18.67 -36.12
N ASN L 68 38.30 19.46 -36.37
CA ASN L 68 38.48 20.86 -36.73
C ASN L 68 37.70 21.78 -35.81
N LEU L 69 38.30 22.90 -35.41
CA LEU L 69 37.54 23.89 -34.67
C LEU L 69 37.71 25.25 -35.29
N THR L 70 36.63 26.01 -35.35
CA THR L 70 36.76 27.35 -35.90
C THR L 70 36.05 28.40 -35.10
N ILE L 71 36.46 29.64 -35.32
CA ILE L 71 35.78 30.76 -34.74
C ILE L 71 35.41 31.71 -35.85
N ASN L 72 34.13 31.89 -36.07
CA ASN L 72 33.65 32.81 -37.08
C ASN L 72 33.86 34.21 -36.62
N ASN L 73 34.30 35.12 -37.49
CA ASN L 73 34.32 36.52 -37.07
C ASN L 73 35.08 36.76 -35.78
N LEU L 74 36.35 36.36 -35.71
CA LEU L 74 37.05 36.40 -34.44
C LEU L 74 37.02 37.76 -33.77
N GLN L 75 36.79 37.75 -32.47
CA GLN L 75 36.74 38.97 -31.68
C GLN L 75 37.94 39.08 -30.80
N PRO L 76 38.39 40.29 -30.44
CA PRO L 76 39.54 40.55 -29.59
C PRO L 76 39.41 39.85 -28.25
N GLU L 77 38.18 39.68 -27.78
CA GLU L 77 37.91 38.98 -26.55
C GLU L 77 38.22 37.49 -26.63
N ASP L 78 38.36 36.97 -27.85
CA ASP L 78 38.61 35.57 -28.06
C ASP L 78 40.07 35.23 -28.06
N ILE L 79 40.96 36.18 -27.75
CA ILE L 79 42.33 35.77 -27.82
C ILE L 79 42.61 34.98 -26.58
N ALA L 80 42.98 33.72 -26.78
CA ALA L 80 43.19 32.81 -25.69
C ALA L 80 44.04 31.64 -26.11
N THR L 81 44.52 30.90 -25.14
CA THR L 81 45.16 29.65 -25.46
C THR L 81 44.04 28.65 -25.74
N TYR L 82 44.36 27.58 -26.46
CA TYR L 82 43.35 26.58 -26.76
C TYR L 82 43.87 25.16 -26.65
N PHE L 83 42.93 24.23 -26.44
CA PHE L 83 43.28 22.84 -26.25
C PHE L 83 42.40 21.85 -26.95
N CYS L 84 42.97 20.67 -27.09
CA CYS L 84 42.35 19.46 -27.56
C CYS L 84 42.63 18.42 -26.48
N GLN L 85 41.61 17.69 -26.04
CA GLN L 85 41.82 16.72 -24.98
C GLN L 85 41.06 15.42 -25.10
N VAL L 86 41.74 14.33 -24.70
CA VAL L 86 41.13 13.02 -24.67
C VAL L 86 41.40 12.41 -23.32
N TYR L 87 40.38 12.31 -22.51
CA TYR L 87 40.53 11.74 -21.19
C TYR L 87 41.64 12.49 -20.46
N GLU L 88 42.50 11.79 -19.75
CA GLU L 88 43.58 12.43 -19.01
C GLU L 88 44.66 13.08 -19.89
N PHE L 89 44.65 12.85 -21.19
CA PHE L 89 45.70 13.40 -22.02
C PHE L 89 45.29 14.68 -22.70
N VAL L 90 46.14 15.68 -22.65
CA VAL L 90 45.83 16.91 -23.35
C VAL L 90 47.05 17.43 -24.09
N VAL L 91 46.79 18.02 -25.25
CA VAL L 91 47.83 18.69 -26.04
C VAL L 91 48.29 19.93 -25.32
N PRO L 92 49.55 20.31 -25.43
CA PRO L 92 50.06 21.55 -24.90
C PRO L 92 49.26 22.67 -25.58
N GLY L 93 49.09 23.77 -24.88
CA GLY L 93 48.25 24.84 -25.42
C GLY L 93 48.81 25.51 -26.66
N THR L 94 47.91 26.11 -27.43
CA THR L 94 48.28 26.90 -28.60
C THR L 94 47.55 28.20 -28.50
N ARG L 95 47.98 29.24 -29.20
CA ARG L 95 47.23 30.47 -28.96
C ARG L 95 47.12 31.47 -30.08
N LEU L 96 46.06 32.24 -29.98
CA LEU L 96 45.82 33.40 -30.84
C LEU L 96 46.73 34.56 -30.50
N ASP L 97 47.07 35.35 -31.51
CA ASP L 97 47.89 36.56 -31.31
C ASP L 97 47.58 37.56 -32.44
N LEU L 98 48.17 38.74 -32.35
CA LEU L 98 48.02 39.80 -33.35
C LEU L 98 48.87 41.02 -33.03
#